data_7Q2W
#
_entry.id   7Q2W
#
_cell.length_a   91.400
_cell.length_b   95.490
_cell.length_c   91.410
_cell.angle_alpha   90.000
_cell.angle_beta   120.025
_cell.angle_gamma   90.000
#
_symmetry.space_group_name_H-M   'P 1 21 1'
#
loop_
_entity.id
_entity.type
_entity.pdbx_description
1 polymer 'Uridine phosphorylase'
2 non-polymer 'SULFATE ION'
3 non-polymer GLYCEROL
4 non-polymer URACIL
5 water water
#
_entity_poly.entity_id   1
_entity_poly.type   'polypeptide(L)'
_entity_poly.pdbx_seq_one_letter_code
;ADVFHLGLTKAMLDGATLAIVPGDPERVKRIAELMDNATFLASHREYTSYLAYADGKPVVICSTGIGGPSTSIAVEELAQ
LGVNTFLRVGSTGAIQPHVNVGDVIVTQASVRLDGASLHFAPMEFPAVANFECTTAMVAACRDAGVEPHIGVTASSDTFY
PGQERYDTVTGRVTRRFAGSMKEWQDMGVLNYEMESATLFTMCATQGWRAACVAGVIVNRTQQEIPDEATMKKTEVSAVS
IVVAAAKKLLA
;
_entity_poly.pdbx_strand_id   DDD,FFF,AAA,CCC,EEE,BBB
#
loop_
_chem_comp.id
_chem_comp.type
_chem_comp.name
_chem_comp.formula
GOL non-polymer GLYCEROL 'C3 H8 O3'
SO4 non-polymer 'SULFATE ION' 'O4 S -2'
URA non-polymer URACIL 'C4 H4 N2 O2'
#
# COMPACT_ATOMS: atom_id res chain seq x y z
N ALA A 1 26.93 21.47 23.12
CA ALA A 1 25.55 20.92 23.25
C ALA A 1 25.59 19.41 23.45
N ASP A 2 24.67 18.88 24.25
CA ASP A 2 24.46 17.43 24.46
C ASP A 2 23.64 16.87 23.30
N VAL A 3 22.97 17.75 22.53
CA VAL A 3 22.09 17.31 21.41
C VAL A 3 22.61 17.92 20.10
N PHE A 4 22.37 17.27 18.98
CA PHE A 4 22.98 17.62 17.68
C PHE A 4 22.32 18.83 16.99
N HIS A 5 21.05 19.06 17.18
CA HIS A 5 20.37 20.22 16.51
C HIS A 5 20.06 21.38 17.45
N LEU A 6 19.44 21.13 18.60
CA LEU A 6 18.72 22.14 19.42
C LEU A 6 19.67 23.10 20.17
N GLY A 7 20.91 22.69 20.46
CA GLY A 7 21.94 23.61 21.01
C GLY A 7 21.90 23.63 22.52
N LEU A 8 21.18 22.66 23.09
CA LEU A 8 20.77 22.57 24.50
C LEU A 8 21.66 21.51 25.18
N THR A 9 21.92 21.71 26.45
CA THR A 9 22.46 20.69 27.38
C THR A 9 21.37 20.40 28.39
N LYS A 10 21.43 19.23 29.01
CA LYS A 10 20.50 18.86 30.13
C LYS A 10 20.54 19.92 31.25
N ALA A 11 21.69 20.56 31.51
CA ALA A 11 21.83 21.46 32.68
C ALA A 11 20.85 22.62 32.46
N MET A 12 20.80 23.06 31.21
CA MET A 12 20.07 24.30 30.80
C MET A 12 18.56 24.11 31.05
N LEU A 13 18.08 22.85 31.16
CA LEU A 13 16.65 22.51 31.35
C LEU A 13 16.34 22.47 32.86
N ASP A 14 17.42 22.52 33.67
CA ASP A 14 17.27 22.60 35.15
C ASP A 14 16.31 21.51 35.64
N GLY A 15 16.27 20.35 35.00
CA GLY A 15 15.46 19.17 35.40
C GLY A 15 14.03 19.17 34.82
N ALA A 16 13.73 20.09 33.90
CA ALA A 16 12.42 20.09 33.20
C ALA A 16 12.13 18.71 32.63
N THR A 17 10.88 18.26 32.77
CA THR A 17 10.41 17.01 32.11
C THR A 17 9.21 17.28 31.17
N LEU A 18 8.76 18.53 31.10
CA LEU A 18 7.59 18.93 30.28
C LEU A 18 7.99 20.09 29.37
N ALA A 19 7.70 19.97 28.08
CA ALA A 19 7.91 21.03 27.07
C ALA A 19 6.53 21.45 26.49
N ILE A 20 6.40 22.72 26.31
CA ILE A 20 5.40 23.32 25.35
C ILE A 20 6.14 23.43 24.05
N VAL A 21 5.56 22.97 22.99
CA VAL A 21 6.30 22.86 21.69
C VAL A 21 5.48 23.56 20.59
N PRO A 22 5.59 24.88 20.44
CA PRO A 22 4.77 25.57 19.43
C PRO A 22 5.48 25.33 18.10
N GLY A 23 4.85 25.66 16.99
CA GLY A 23 5.46 25.55 15.65
C GLY A 23 6.40 26.67 15.37
N ASP A 24 6.06 27.90 15.76
CA ASP A 24 6.74 29.15 15.34
C ASP A 24 7.81 29.59 16.36
N PRO A 25 9.10 29.64 15.96
CA PRO A 25 10.17 30.21 16.80
C PRO A 25 9.86 31.57 17.47
N GLU A 26 8.95 32.35 16.88
CA GLU A 26 8.57 33.72 17.28
C GLU A 26 7.51 33.76 18.41
N ARG A 27 6.78 32.67 18.69
CA ARG A 27 5.72 32.56 19.72
C ARG A 27 6.42 32.20 21.04
N VAL A 28 7.62 31.61 20.94
CA VAL A 28 8.23 30.90 22.10
C VAL A 28 8.27 31.79 23.35
N LYS A 29 8.83 33.01 23.23
CA LYS A 29 9.07 33.96 24.34
C LYS A 29 7.76 34.34 25.03
N ARG A 30 6.74 34.72 24.25
CA ARG A 30 5.38 35.09 24.73
C ARG A 30 4.85 33.98 25.63
N ILE A 31 4.99 32.75 25.14
CA ILE A 31 4.65 31.52 25.87
C ILE A 31 5.43 31.52 27.17
N ALA A 32 6.77 31.54 27.05
CA ALA A 32 7.72 31.53 28.20
C ALA A 32 7.34 32.63 29.19
N GLU A 33 6.93 33.80 28.73
CA GLU A 33 6.71 34.96 29.61
C GLU A 33 5.31 34.86 30.30
N LEU A 34 4.49 33.86 30.00
CA LEU A 34 3.20 33.71 30.72
C LEU A 34 3.49 32.86 31.97
N MET A 35 4.75 32.52 32.17
CA MET A 35 5.24 31.71 33.31
C MET A 35 6.32 32.55 34.00
N ASP A 36 6.95 32.02 35.07
CA ASP A 36 7.89 32.80 35.92
C ASP A 36 9.33 32.63 35.44
N ASN A 37 10.11 33.68 35.56
CA ASN A 37 11.57 33.64 35.38
C ASN A 37 11.91 33.07 33.99
N ALA A 38 11.17 33.51 32.97
CA ALA A 38 11.45 33.17 31.56
C ALA A 38 12.92 33.51 31.24
N THR A 39 13.64 32.53 30.72
CA THR A 39 15.04 32.65 30.29
C THR A 39 15.19 32.14 28.86
N PHE A 40 15.92 32.89 28.01
CA PHE A 40 16.36 32.41 26.69
C PHE A 40 17.40 31.32 26.96
N LEU A 41 17.38 30.26 26.15
CA LEU A 41 18.37 29.15 26.20
C LEU A 41 19.14 29.10 24.88
N ALA A 42 18.53 28.67 23.78
CA ALA A 42 19.21 28.59 22.48
C ALA A 42 18.30 29.09 21.36
N SER A 43 18.92 29.48 20.25
CA SER A 43 18.20 29.55 18.98
C SER A 43 19.10 29.03 17.87
N HIS A 44 18.65 27.93 17.24
CA HIS A 44 19.36 27.26 16.11
C HIS A 44 18.34 26.78 15.09
N ARG A 45 18.46 27.26 13.86
CA ARG A 45 17.54 26.91 12.76
C ARG A 45 16.13 27.32 13.22
N GLU A 46 15.15 26.46 13.08
CA GLU A 46 13.73 26.65 13.47
C GLU A 46 13.49 26.42 14.98
N TYR A 47 14.53 26.08 15.77
CA TYR A 47 14.46 25.64 17.17
C TYR A 47 14.90 26.75 18.14
N THR A 48 13.92 27.56 18.60
CA THR A 48 14.11 28.56 19.69
C THR A 48 13.54 27.97 21.00
N SER A 49 14.35 28.02 22.06
CA SER A 49 14.13 27.32 23.36
C SER A 49 14.25 28.31 24.50
N TYR A 50 13.22 28.37 25.32
CA TYR A 50 13.25 29.13 26.57
C TYR A 50 13.04 28.17 27.71
N LEU A 51 13.48 28.59 28.89
CA LEU A 51 13.04 27.95 30.14
C LEU A 51 12.10 28.93 30.87
N ALA A 52 11.07 28.36 31.49
CA ALA A 52 10.22 29.10 32.47
C ALA A 52 9.78 28.22 33.62
N TYR A 53 9.11 28.86 34.60
CA TYR A 53 8.70 28.17 35.84
C TYR A 53 7.20 28.28 36.02
N ALA A 54 6.54 27.13 35.97
CA ALA A 54 5.10 27.00 36.23
C ALA A 54 4.98 26.63 37.71
N ASP A 55 4.58 27.60 38.53
CA ASP A 55 4.25 27.39 39.96
C ASP A 55 5.48 26.71 40.57
N GLY A 56 6.66 27.31 40.40
CA GLY A 56 7.92 26.81 40.97
C GLY A 56 8.60 25.72 40.17
N LYS A 57 7.92 25.02 39.22
CA LYS A 57 8.57 23.91 38.50
C LYS A 57 9.07 24.32 37.12
N PRO A 58 10.22 23.76 36.66
CA PRO A 58 10.77 24.05 35.33
C PRO A 58 10.07 23.44 34.11
N VAL A 59 9.91 24.31 33.10
CA VAL A 59 9.20 24.04 31.84
C VAL A 59 10.07 24.55 30.71
N VAL A 60 10.35 23.70 29.76
CA VAL A 60 11.09 24.08 28.54
C VAL A 60 10.03 24.44 27.51
N ILE A 61 10.26 25.54 26.84
CA ILE A 61 9.43 25.92 25.67
C ILE A 61 10.37 25.94 24.47
N CYS A 62 10.06 25.14 23.48
CA CYS A 62 10.90 24.93 22.29
C CYS A 62 9.99 24.84 21.06
N SER A 63 10.34 25.61 20.02
CA SER A 63 9.64 25.57 18.71
C SER A 63 10.04 24.32 17.93
N THR A 64 9.15 23.85 17.07
CA THR A 64 9.30 22.60 16.31
C THR A 64 9.61 22.91 14.85
N GLY A 65 9.19 24.07 14.34
CA GLY A 65 9.13 24.34 12.91
C GLY A 65 7.82 23.81 12.39
N ILE A 66 7.52 24.14 11.15
CA ILE A 66 6.47 23.43 10.41
C ILE A 66 6.89 22.03 9.97
N GLY A 67 6.00 21.11 10.37
CA GLY A 67 5.71 19.77 9.91
C GLY A 67 6.59 18.73 10.62
N GLY A 68 6.12 17.48 10.53
CA GLY A 68 6.69 16.37 11.34
C GLY A 68 8.18 16.16 11.36
N PRO A 69 8.94 16.28 10.24
CA PRO A 69 10.37 15.97 10.23
C PRO A 69 11.09 16.93 11.21
N SER A 70 10.82 18.22 11.12
CA SER A 70 11.41 19.22 12.08
C SER A 70 10.91 18.92 13.49
N THR A 71 9.69 18.44 13.62
CA THR A 71 9.05 18.11 14.93
C THR A 71 9.80 16.90 15.52
N SER A 72 9.90 15.82 14.76
CA SER A 72 10.62 14.55 15.16
C SER A 72 11.98 14.85 15.74
N ILE A 73 12.74 15.79 15.13
CA ILE A 73 14.10 16.15 15.69
C ILE A 73 13.95 16.77 17.08
N ALA A 74 13.10 17.79 17.23
CA ALA A 74 12.90 18.50 18.51
C ALA A 74 12.51 17.52 19.60
N VAL A 75 11.64 16.58 19.21
CA VAL A 75 10.92 15.79 20.21
C VAL A 75 11.95 14.78 20.74
N GLU A 76 12.67 14.15 19.82
CA GLU A 76 13.75 13.17 20.14
C GLU A 76 14.76 13.88 21.04
N GLU A 77 15.15 15.10 20.69
CA GLU A 77 16.35 15.72 21.32
C GLU A 77 15.94 16.20 22.69
N LEU A 78 14.75 16.73 22.81
CA LEU A 78 14.22 17.12 24.13
C LEU A 78 14.19 15.93 25.00
N ALA A 79 13.74 14.77 24.48
CA ALA A 79 13.60 13.55 25.26
C ALA A 79 15.00 13.02 25.60
N GLN A 80 16.01 13.22 24.76
CA GLN A 80 17.42 12.85 25.17
C GLN A 80 17.85 13.62 26.43
N LEU A 81 17.27 14.78 26.65
CA LEU A 81 17.56 15.74 27.74
C LEU A 81 16.62 15.57 28.95
N GLY A 82 15.70 14.59 28.89
CA GLY A 82 14.73 14.10 29.89
C GLY A 82 13.30 14.68 29.79
N VAL A 83 12.92 15.25 28.67
CA VAL A 83 11.49 15.65 28.57
C VAL A 83 10.72 14.35 28.27
N ASN A 84 9.58 14.15 28.94
CA ASN A 84 8.76 12.96 28.75
C ASN A 84 7.35 13.38 28.41
N THR A 85 7.13 14.67 28.20
CA THR A 85 5.76 15.22 28.00
C THR A 85 5.79 16.39 27.04
N PHE A 86 4.97 16.36 25.97
CA PHE A 86 5.07 17.35 24.87
C PHE A 86 3.69 18.01 24.71
N LEU A 87 3.45 19.26 25.16
CA LEU A 87 2.16 20.01 24.89
C LEU A 87 2.27 20.93 23.67
N ARG A 88 1.67 20.50 22.55
CA ARG A 88 1.66 21.30 21.31
CA ARG A 88 1.64 21.28 21.29
C ARG A 88 0.57 22.37 21.44
N VAL A 89 0.91 23.60 21.10
CA VAL A 89 -0.07 24.73 20.95
C VAL A 89 0.08 25.23 19.50
N GLY A 90 -1.00 25.55 18.80
CA GLY A 90 -0.76 25.96 17.41
C GLY A 90 -2.01 26.66 16.88
N SER A 91 -1.95 27.10 15.66
CA SER A 91 -3.13 27.62 14.93
C SER A 91 -3.65 26.49 14.04
N THR A 92 -4.83 26.68 13.43
CA THR A 92 -5.53 25.57 12.74
C THR A 92 -6.65 26.10 11.84
N GLY A 93 -6.76 25.48 10.68
CA GLY A 93 -7.92 25.70 9.76
C GLY A 93 -9.00 24.71 10.09
N ALA A 94 -10.19 25.19 10.58
CA ALA A 94 -11.45 24.40 10.73
C ALA A 94 -12.00 23.95 9.36
N ILE A 95 -12.43 22.67 9.25
CA ILE A 95 -13.07 22.15 8.02
C ILE A 95 -14.57 21.90 8.24
N GLN A 96 -15.10 22.16 9.45
CA GLN A 96 -16.54 21.98 9.86
C GLN A 96 -17.14 23.36 9.97
N PRO A 97 -18.30 23.59 9.31
CA PRO A 97 -18.82 24.96 9.24
C PRO A 97 -19.26 25.54 10.58
N HIS A 98 -19.46 24.69 11.58
CA HIS A 98 -19.93 25.05 12.95
C HIS A 98 -18.72 25.40 13.85
N VAL A 99 -17.50 25.24 13.33
CA VAL A 99 -16.26 25.49 14.13
C VAL A 99 -15.73 26.88 13.70
N ASN A 100 -15.97 27.87 14.56
CA ASN A 100 -15.80 29.29 14.25
C ASN A 100 -14.34 29.66 14.38
N VAL A 101 -13.94 30.66 13.60
CA VAL A 101 -12.68 31.38 13.89
C VAL A 101 -12.64 31.87 15.35
N GLY A 102 -11.65 31.42 16.12
CA GLY A 102 -11.40 31.87 17.49
C GLY A 102 -11.78 30.79 18.48
N ASP A 103 -12.47 29.73 18.03
CA ASP A 103 -12.82 28.59 18.91
C ASP A 103 -11.47 27.92 19.17
N VAL A 104 -11.44 27.06 20.18
CA VAL A 104 -10.22 26.26 20.47
C VAL A 104 -10.55 24.79 20.18
N ILE A 105 -9.55 24.05 19.66
CA ILE A 105 -9.63 22.61 19.30
C ILE A 105 -8.57 21.84 20.11
N VAL A 106 -9.05 20.83 20.82
CA VAL A 106 -8.19 19.81 21.50
C VAL A 106 -8.21 18.62 20.59
N THR A 107 -7.06 18.28 20.02
CA THR A 107 -6.94 17.15 19.09
C THR A 107 -6.75 15.87 19.90
N GLN A 108 -7.69 14.94 19.81
CA GLN A 108 -7.60 13.70 20.61
C GLN A 108 -6.83 12.68 19.78
N ALA A 109 -6.95 12.71 18.47
CA ALA A 109 -6.10 11.87 17.63
C ALA A 109 -6.03 12.48 16.26
N SER A 110 -5.23 11.88 15.37
CA SER A 110 -4.94 12.46 14.01
C SER A 110 -5.05 11.53 12.80
N VAL A 111 -5.77 11.93 11.72
CA VAL A 111 -5.54 11.33 10.37
C VAL A 111 -4.06 11.54 10.00
N ARG A 112 -3.36 10.42 9.73
CA ARG A 112 -1.93 10.36 9.36
C ARG A 112 -1.71 10.72 7.88
N LEU A 113 -1.78 12.04 7.57
CA LEU A 113 -1.43 12.55 6.21
C LEU A 113 -0.03 13.10 6.29
N ASP A 114 0.84 12.46 7.10
CA ASP A 114 2.29 12.75 7.19
C ASP A 114 3.13 11.53 6.78
N GLY A 115 4.43 11.71 6.57
CA GLY A 115 5.32 10.55 6.35
C GLY A 115 6.12 10.22 7.61
N ALA A 116 6.39 11.18 8.48
CA ALA A 116 7.24 10.95 9.71
C ALA A 116 6.61 9.93 10.66
N SER A 117 5.29 9.89 10.78
CA SER A 117 4.59 8.97 11.70
C SER A 117 4.91 7.52 11.32
N LEU A 118 5.19 7.26 10.02
CA LEU A 118 5.42 5.89 9.50
C LEU A 118 6.84 5.45 9.89
N HIS A 119 7.69 6.40 10.27
CA HIS A 119 9.08 6.10 10.70
C HIS A 119 9.10 5.62 12.15
N PHE A 120 7.95 5.74 12.85
CA PHE A 120 7.71 5.27 14.23
C PHE A 120 6.77 4.05 14.26
N ALA A 121 5.77 3.94 13.40
CA ALA A 121 4.87 2.77 13.38
C ALA A 121 4.20 2.61 12.04
N PRO A 122 3.77 1.37 11.71
CA PRO A 122 2.98 1.16 10.51
C PRO A 122 1.71 2.02 10.62
N MET A 123 1.17 2.30 9.46
CA MET A 123 -0.05 3.15 9.41
C MET A 123 -1.22 2.61 10.26
N GLU A 124 -1.33 1.30 10.57
CA GLU A 124 -2.43 0.70 11.37
C GLU A 124 -2.47 1.30 12.80
N PHE A 125 -1.31 1.78 13.28
CA PHE A 125 -1.15 2.39 14.61
C PHE A 125 -1.86 3.75 14.72
N PRO A 126 -2.69 3.97 15.73
CA PRO A 126 -3.43 5.24 15.84
C PRO A 126 -2.49 6.36 16.31
N ALA A 127 -2.64 7.52 15.66
CA ALA A 127 -1.93 8.76 16.02
C ALA A 127 -2.71 9.48 17.12
N VAL A 128 -2.61 8.94 18.32
CA VAL A 128 -3.55 9.24 19.45
C VAL A 128 -2.78 10.05 20.49
N ALA A 129 -3.43 11.05 21.08
CA ALA A 129 -2.86 11.90 22.16
C ALA A 129 -2.81 11.11 23.48
N ASN A 130 -2.07 11.59 24.46
CA ASN A 130 -2.15 11.11 25.86
C ASN A 130 -3.51 11.47 26.45
N PHE A 131 -4.28 10.46 26.86
CA PHE A 131 -5.56 10.62 27.60
C PHE A 131 -5.41 11.67 28.70
N GLU A 132 -4.44 11.48 29.59
CA GLU A 132 -4.28 12.31 30.80
C GLU A 132 -3.96 13.76 30.36
N CYS A 133 -3.14 14.01 29.32
CA CYS A 133 -2.70 15.38 28.93
C CYS A 133 -3.84 15.98 28.10
N THR A 134 -4.59 15.15 27.39
CA THR A 134 -5.80 15.67 26.67
C THR A 134 -6.81 16.18 27.71
N THR A 135 -7.10 15.36 28.74
CA THR A 135 -7.95 15.63 29.91
C THR A 135 -7.58 16.99 30.48
N ALA A 136 -6.32 17.20 30.84
CA ALA A 136 -5.84 18.52 31.34
C ALA A 136 -6.01 19.69 30.32
N MET A 137 -5.86 19.47 29.00
CA MET A 137 -6.13 20.52 27.96
C MET A 137 -7.61 20.86 28.00
N VAL A 138 -8.48 19.86 27.82
CA VAL A 138 -9.94 20.06 27.98
C VAL A 138 -10.29 20.85 29.25
N ALA A 139 -9.72 20.53 30.41
CA ALA A 139 -10.04 21.15 31.72
C ALA A 139 -9.60 22.63 31.71
N ALA A 140 -8.42 22.91 31.17
CA ALA A 140 -7.83 24.26 31.09
C ALA A 140 -8.72 25.11 30.18
N CYS A 141 -9.21 24.58 29.04
CA CYS A 141 -10.27 25.29 28.25
C CYS A 141 -11.50 25.64 29.10
N ARG A 142 -12.07 24.66 29.81
CA ARG A 142 -13.36 24.83 30.52
C ARG A 142 -13.17 25.86 31.62
N ASP A 143 -12.07 25.76 32.38
CA ASP A 143 -11.70 26.84 33.34
C ASP A 143 -11.68 28.18 32.60
N ALA A 144 -11.22 28.27 31.33
CA ALA A 144 -11.13 29.55 30.58
C ALA A 144 -12.51 30.04 30.08
N GLY A 145 -13.59 29.30 30.34
CA GLY A 145 -14.98 29.66 29.94
C GLY A 145 -15.35 29.05 28.60
N VAL A 146 -14.50 28.17 28.10
CA VAL A 146 -14.52 27.71 26.68
C VAL A 146 -14.89 26.22 26.67
N GLU A 147 -15.95 25.82 25.95
CA GLU A 147 -16.14 24.40 25.60
C GLU A 147 -15.38 24.14 24.31
N PRO A 148 -14.21 23.46 24.32
CA PRO A 148 -13.43 23.32 23.11
C PRO A 148 -14.11 22.28 22.23
N HIS A 149 -13.77 22.29 20.97
CA HIS A 149 -14.05 21.15 20.09
C HIS A 149 -13.09 20.01 20.51
N ILE A 150 -13.62 18.79 20.62
CA ILE A 150 -12.75 17.62 20.93
C ILE A 150 -13.00 16.64 19.79
N GLY A 151 -12.02 16.41 18.95
CA GLY A 151 -12.07 15.22 18.10
C GLY A 151 -10.82 15.14 17.28
N VAL A 152 -11.04 14.67 16.09
CA VAL A 152 -10.01 14.19 15.14
C VAL A 152 -9.60 15.31 14.20
N THR A 153 -8.30 15.41 14.05
CA THR A 153 -7.63 16.43 13.21
C THR A 153 -6.93 15.76 12.02
N ALA A 154 -7.13 16.24 10.80
CA ALA A 154 -6.26 15.90 9.65
C ALA A 154 -4.86 16.54 9.77
N SER A 155 -3.79 15.73 10.06
CA SER A 155 -2.41 16.22 10.22
C SER A 155 -1.57 15.95 8.93
N SER A 156 -1.28 17.00 8.16
CA SER A 156 -0.80 17.00 6.72
C SER A 156 0.66 17.41 6.54
N ASP A 157 1.38 16.65 5.69
CA ASP A 157 2.76 17.01 5.29
C ASP A 157 2.74 18.30 4.44
N THR A 158 1.58 18.82 3.96
CA THR A 158 1.60 20.05 3.15
C THR A 158 0.45 20.92 3.63
N PHE A 159 0.64 22.19 3.35
CA PHE A 159 -0.32 23.25 3.68
C PHE A 159 -1.23 23.42 2.44
N TYR A 160 -0.71 23.16 1.27
CA TYR A 160 -1.45 23.47 0.00
C TYR A 160 -2.19 22.18 -0.46
N PRO A 161 -1.60 21.30 -1.29
CA PRO A 161 -2.34 20.24 -1.96
C PRO A 161 -2.98 19.28 -0.95
N GLY A 162 -2.23 18.82 0.06
CA GLY A 162 -2.77 17.97 1.14
C GLY A 162 -3.92 18.51 2.00
N GLN A 163 -4.21 19.84 2.00
CA GLN A 163 -5.33 20.52 2.69
C GLN A 163 -6.24 20.97 1.58
N GLU A 164 -6.05 20.40 0.39
CA GLU A 164 -6.96 20.63 -0.76
C GLU A 164 -7.20 22.12 -0.98
N ARG A 165 -6.11 22.89 -0.91
CA ARG A 165 -6.07 24.31 -1.34
C ARG A 165 -5.68 24.38 -2.82
N TYR A 166 -6.45 25.16 -3.60
CA TYR A 166 -6.44 25.26 -5.07
C TYR A 166 -5.96 26.65 -5.48
N ASP A 167 -5.91 27.60 -4.57
CA ASP A 167 -5.45 28.97 -4.92
C ASP A 167 -3.94 29.00 -5.00
N THR A 168 -3.38 28.22 -5.90
CA THR A 168 -1.95 27.89 -5.96
C THR A 168 -1.48 28.03 -7.42
N VAL A 169 -0.19 27.83 -7.68
CA VAL A 169 0.38 28.19 -9.00
C VAL A 169 -0.32 27.30 -10.02
N THR A 170 -0.49 25.99 -9.74
CA THR A 170 -1.05 25.10 -10.81
C THR A 170 -2.58 24.97 -10.60
N GLY A 171 -3.09 25.31 -9.42
CA GLY A 171 -4.46 25.09 -8.92
C GLY A 171 -4.94 23.66 -9.18
N ARG A 172 -4.03 22.71 -9.02
CA ARG A 172 -4.24 21.26 -9.28
C ARG A 172 -3.86 20.58 -7.97
N VAL A 173 -4.62 19.55 -7.62
CA VAL A 173 -4.35 18.74 -6.40
C VAL A 173 -4.28 17.30 -6.91
N THR A 174 -3.25 16.52 -6.51
CA THR A 174 -3.10 15.16 -7.03
C THR A 174 -4.31 14.30 -6.61
N ARG A 175 -4.58 13.26 -7.40
CA ARG A 175 -5.75 12.37 -7.25
C ARG A 175 -5.96 11.97 -5.80
N ARG A 176 -4.90 11.47 -5.10
CA ARG A 176 -5.10 11.01 -3.73
C ARG A 176 -5.81 12.08 -2.90
N PHE A 177 -5.50 13.37 -3.07
CA PHE A 177 -5.98 14.43 -2.17
C PHE A 177 -7.17 15.14 -2.87
N ALA A 178 -7.48 14.86 -4.13
CA ALA A 178 -8.67 15.52 -4.79
C ALA A 178 -9.94 14.96 -4.09
N GLY A 179 -10.73 15.79 -3.43
CA GLY A 179 -12.00 15.46 -2.77
C GLY A 179 -11.82 15.19 -1.31
N SER A 180 -10.55 15.18 -0.94
CA SER A 180 -10.14 14.62 0.34
C SER A 180 -10.69 15.48 1.47
N MET A 181 -10.72 16.83 1.35
CA MET A 181 -11.33 17.69 2.40
C MET A 181 -12.77 17.21 2.68
N LYS A 182 -13.60 16.91 1.66
CA LYS A 182 -15.01 16.48 1.86
C LYS A 182 -15.00 15.09 2.50
N GLU A 183 -14.04 14.29 2.14
CA GLU A 183 -13.91 12.95 2.76
C GLU A 183 -13.77 13.16 4.27
N TRP A 184 -12.88 14.05 4.72
CA TRP A 184 -12.63 14.23 6.20
C TRP A 184 -13.79 14.99 6.79
N GLN A 185 -14.52 15.80 6.00
CA GLN A 185 -15.62 16.56 6.61
C GLN A 185 -16.75 15.62 6.98
N ASP A 186 -17.06 14.76 6.03
CA ASP A 186 -18.03 13.64 6.13
C ASP A 186 -17.70 12.81 7.36
N MET A 187 -16.39 12.58 7.66
CA MET A 187 -15.97 11.74 8.80
C MET A 187 -15.97 12.48 10.15
N GLY A 188 -16.46 13.72 10.23
CA GLY A 188 -16.49 14.55 11.44
C GLY A 188 -15.12 15.09 11.92
N VAL A 189 -14.07 15.01 11.08
CA VAL A 189 -12.71 15.60 11.27
C VAL A 189 -12.85 17.11 11.37
N LEU A 190 -12.28 17.70 12.40
CA LEU A 190 -12.62 19.08 12.82
C LEU A 190 -11.79 20.14 12.08
N ASN A 191 -10.60 19.79 11.56
CA ASN A 191 -9.54 20.80 11.33
C ASN A 191 -8.36 20.17 10.61
N TYR A 192 -7.54 21.02 10.03
CA TYR A 192 -6.20 20.65 9.51
C TYR A 192 -5.10 21.32 10.33
N GLU A 193 -4.04 20.55 10.69
CA GLU A 193 -2.70 21.18 10.95
C GLU A 193 -1.60 20.26 10.38
N MET A 194 -0.34 20.39 10.83
CA MET A 194 0.76 19.80 10.06
C MET A 194 1.74 19.06 10.99
N GLU A 195 1.50 18.90 12.27
CA GLU A 195 2.53 18.21 13.17
C GLU A 195 1.95 17.11 14.12
N SER A 196 0.69 17.13 14.42
CA SER A 196 0.03 16.36 15.52
C SER A 196 0.17 14.85 15.21
N ALA A 197 0.12 14.47 13.92
CA ALA A 197 0.14 13.03 13.52
C ALA A 197 1.52 12.58 13.96
N THR A 198 2.52 13.39 13.66
CA THR A 198 3.92 12.91 13.89
C THR A 198 4.16 12.86 15.39
N LEU A 199 3.97 13.99 16.08
CA LEU A 199 4.18 14.14 17.55
C LEU A 199 3.44 12.99 18.25
N PHE A 200 2.23 12.71 17.84
CA PHE A 200 1.39 11.70 18.56
C PHE A 200 2.02 10.31 18.40
N THR A 201 2.27 9.93 17.15
CA THR A 201 2.75 8.56 16.79
C THR A 201 4.12 8.33 17.45
N MET A 202 5.03 9.31 17.34
CA MET A 202 6.37 9.14 17.96
C MET A 202 6.24 9.15 19.50
N CYS A 203 5.40 9.99 20.08
CA CYS A 203 5.17 9.97 21.56
C CYS A 203 4.56 8.63 22.02
N ALA A 204 3.50 8.22 21.36
CA ALA A 204 2.76 7.00 21.81
C ALA A 204 3.71 5.80 21.76
N THR A 205 4.48 5.66 20.68
CA THR A 205 5.36 4.49 20.46
C THR A 205 6.62 4.52 21.34
N GLN A 206 7.20 5.71 21.52
CA GLN A 206 8.44 5.93 22.33
C GLN A 206 8.14 6.06 23.85
N GLY A 207 6.89 6.02 24.29
CA GLY A 207 6.49 6.06 25.71
C GLY A 207 6.55 7.45 26.35
N TRP A 208 6.16 8.49 25.60
CA TRP A 208 6.17 9.89 26.08
C TRP A 208 4.73 10.36 25.92
N ARG A 209 4.37 11.41 26.61
CA ARG A 209 2.97 11.87 26.61
C ARG A 209 2.84 13.09 25.73
N ALA A 210 1.72 13.16 25.02
CA ALA A 210 1.54 14.29 24.12
C ALA A 210 0.10 14.69 24.13
N ALA A 211 -0.05 15.96 23.87
CA ALA A 211 -1.39 16.50 23.54
C ALA A 211 -1.28 17.75 22.72
N CYS A 212 -2.43 18.22 22.23
CA CYS A 212 -2.40 19.29 21.24
C CYS A 212 -3.64 20.12 21.43
N VAL A 213 -3.40 21.41 21.56
CA VAL A 213 -4.52 22.40 21.55
C VAL A 213 -4.24 23.46 20.51
N ALA A 214 -5.30 24.07 19.91
CA ALA A 214 -4.97 24.96 18.79
C ALA A 214 -6.11 25.94 18.61
N GLY A 215 -5.78 27.20 18.39
CA GLY A 215 -6.79 28.23 18.05
C GLY A 215 -7.16 28.17 16.60
N VAL A 216 -8.41 28.50 16.26
CA VAL A 216 -8.91 28.36 14.87
C VAL A 216 -8.77 29.75 14.27
N ILE A 217 -7.99 29.89 13.21
CA ILE A 217 -7.64 31.14 12.45
C ILE A 217 -8.40 31.26 11.13
N VAL A 218 -9.07 30.20 10.69
CA VAL A 218 -9.87 30.31 9.46
C VAL A 218 -10.83 29.15 9.45
N ASN A 219 -11.91 29.34 8.71
CA ASN A 219 -12.83 28.23 8.35
C ASN A 219 -12.72 27.99 6.85
N ARG A 220 -12.20 26.84 6.46
CA ARG A 220 -11.97 26.34 5.08
C ARG A 220 -13.26 26.24 4.26
N THR A 221 -14.42 26.08 4.93
CA THR A 221 -15.75 26.15 4.29
C THR A 221 -16.07 27.56 3.88
N GLN A 222 -15.28 28.57 4.28
CA GLN A 222 -15.46 29.97 3.80
C GLN A 222 -14.21 30.60 3.16
N GLN A 223 -12.98 30.36 3.63
CA GLN A 223 -11.78 30.97 3.07
C GLN A 223 -10.72 29.87 3.03
N GLU A 224 -9.98 29.74 1.92
CA GLU A 224 -8.70 28.98 1.93
C GLU A 224 -7.69 29.52 2.93
N ILE A 225 -7.45 30.85 2.96
CA ILE A 225 -6.44 31.47 3.88
C ILE A 225 -7.12 32.67 4.53
N PRO A 226 -6.81 33.02 5.80
CA PRO A 226 -7.44 34.15 6.46
C PRO A 226 -6.92 35.43 5.84
N ASP A 227 -7.71 36.48 5.94
CA ASP A 227 -7.33 37.80 5.45
C ASP A 227 -7.88 38.78 6.48
N GLU A 228 -7.70 40.07 6.24
CA GLU A 228 -8.13 41.14 7.16
C GLU A 228 -9.64 41.02 7.50
N ALA A 229 -10.44 40.34 6.68
CA ALA A 229 -11.91 40.38 6.80
C ALA A 229 -12.31 39.30 7.81
N THR A 230 -11.48 38.25 7.92
CA THR A 230 -11.57 37.25 9.01
C THR A 230 -11.53 37.91 10.38
N MET A 231 -12.36 37.39 11.31
CA MET A 231 -12.54 37.80 12.73
C MET A 231 -11.19 37.48 13.38
N LYS A 232 -10.51 38.49 13.91
CA LYS A 232 -9.28 38.27 14.70
C LYS A 232 -9.71 38.18 16.17
N LYS A 233 -10.81 38.87 16.50
CA LYS A 233 -10.98 39.72 17.70
C LYS A 233 -10.84 38.94 19.02
N THR A 234 -9.70 38.27 19.23
CA THR A 234 -9.20 37.74 20.52
C THR A 234 -10.11 36.69 21.16
N GLU A 235 -10.29 36.78 22.49
CA GLU A 235 -11.20 35.96 23.36
C GLU A 235 -10.32 35.20 24.37
N VAL A 236 -10.34 33.85 24.36
CA VAL A 236 -9.51 32.99 25.26
C VAL A 236 -8.53 32.22 24.36
N SER A 237 -7.23 32.38 24.60
CA SER A 237 -6.15 32.03 23.66
C SER A 237 -5.59 30.64 23.95
N ALA A 238 -5.23 29.93 22.87
CA ALA A 238 -4.69 28.55 22.94
C ALA A 238 -3.40 28.52 23.76
N VAL A 239 -2.62 29.60 23.71
CA VAL A 239 -1.36 29.78 24.48
C VAL A 239 -1.62 29.86 25.99
N SER A 240 -2.63 30.59 26.45
CA SER A 240 -2.99 30.66 27.88
C SER A 240 -3.45 29.28 28.40
N ILE A 241 -4.20 28.57 27.55
CA ILE A 241 -4.83 27.25 27.82
C ILE A 241 -3.67 26.26 27.98
N VAL A 242 -2.71 26.25 27.04
CA VAL A 242 -1.60 25.24 27.13
C VAL A 242 -0.80 25.46 28.37
N VAL A 243 -0.56 26.72 28.77
CA VAL A 243 0.21 27.03 30.00
C VAL A 243 -0.56 26.49 31.22
N ALA A 244 -1.84 26.75 31.31
CA ALA A 244 -2.65 26.30 32.46
C ALA A 244 -2.81 24.76 32.41
N ALA A 245 -2.72 24.14 31.22
CA ALA A 245 -2.75 22.66 31.07
C ALA A 245 -1.42 22.21 31.73
N ALA A 246 -0.35 22.99 31.53
CA ALA A 246 1.03 22.60 31.97
C ALA A 246 1.11 22.62 33.48
N LYS A 247 0.53 23.65 34.09
CA LYS A 247 0.34 23.78 35.55
C LYS A 247 -0.48 22.61 36.12
N LYS A 248 -1.59 22.28 35.48
CA LYS A 248 -2.44 21.15 35.95
C LYS A 248 -1.52 19.91 36.08
N LEU A 249 -0.76 19.59 35.03
CA LEU A 249 0.02 18.35 34.96
C LEU A 249 1.20 18.34 35.96
N LEU A 250 1.88 19.48 36.22
CA LEU A 250 3.05 19.54 37.16
C LEU A 250 2.63 19.65 38.63
N ALA A 251 1.46 20.21 38.88
CA ALA A 251 0.96 20.50 40.24
C ALA A 251 0.80 19.20 41.06
N ALA B 1 25.70 -22.64 -23.91
CA ALA B 1 25.80 -21.21 -23.46
C ALA B 1 26.38 -21.13 -22.05
N ASP B 2 26.74 -19.92 -21.57
CA ASP B 2 27.08 -19.68 -20.14
C ASP B 2 25.86 -19.12 -19.41
N VAL B 3 24.78 -18.78 -20.11
CA VAL B 3 23.56 -18.15 -19.50
C VAL B 3 22.30 -18.95 -19.90
N PHE B 4 21.19 -18.78 -19.16
CA PHE B 4 20.03 -19.68 -19.15
C PHE B 4 19.04 -19.41 -20.29
N HIS B 5 18.94 -18.21 -20.85
CA HIS B 5 17.98 -17.90 -21.95
C HIS B 5 18.64 -17.47 -23.29
N LEU B 6 19.66 -16.62 -23.24
CA LEU B 6 20.20 -15.85 -24.36
C LEU B 6 21.03 -16.70 -25.33
N GLY B 7 21.61 -17.82 -24.87
CA GLY B 7 22.37 -18.75 -25.72
C GLY B 7 23.75 -18.21 -26.08
N LEU B 8 24.35 -17.45 -25.19
CA LEU B 8 25.59 -16.69 -25.44
C LEU B 8 26.62 -17.24 -24.46
N THR B 9 27.88 -17.25 -24.87
CA THR B 9 29.01 -17.41 -23.95
C THR B 9 29.70 -16.04 -23.87
N LYS B 10 30.55 -15.90 -22.87
CA LYS B 10 31.35 -14.69 -22.59
C LYS B 10 32.31 -14.50 -23.77
N ALA B 11 32.86 -15.63 -24.23
CA ALA B 11 33.81 -15.70 -25.35
C ALA B 11 33.21 -14.96 -26.56
N MET B 12 31.90 -15.13 -26.87
CA MET B 12 31.19 -14.58 -28.06
C MET B 12 31.13 -13.04 -28.09
N LEU B 13 31.29 -12.42 -26.93
CA LEU B 13 31.12 -10.95 -26.71
C LEU B 13 32.45 -10.20 -26.97
N ASP B 14 33.62 -10.87 -26.92
CA ASP B 14 34.96 -10.32 -27.31
C ASP B 14 35.34 -9.10 -26.44
N GLY B 15 34.98 -9.14 -25.16
CA GLY B 15 35.25 -8.12 -24.13
C GLY B 15 34.24 -7.00 -24.22
N ALA B 16 33.12 -7.18 -24.92
CA ALA B 16 32.08 -6.13 -24.98
C ALA B 16 31.55 -5.92 -23.55
N THR B 17 31.52 -4.65 -23.14
CA THR B 17 31.00 -4.23 -21.82
C THR B 17 29.75 -3.33 -21.98
N LEU B 18 29.31 -3.08 -23.20
CA LEU B 18 28.17 -2.17 -23.57
C LEU B 18 27.24 -2.88 -24.55
N ALA B 19 25.94 -2.94 -24.19
CA ALA B 19 24.90 -3.37 -25.11
C ALA B 19 24.00 -2.19 -25.46
N ILE B 20 23.51 -2.34 -26.64
CA ILE B 20 22.33 -1.61 -27.16
C ILE B 20 21.19 -2.63 -27.12
N VAL B 21 20.11 -2.27 -26.49
CA VAL B 21 19.01 -3.24 -26.17
C VAL B 21 17.69 -2.69 -26.67
N PRO B 22 17.40 -2.82 -27.96
CA PRO B 22 16.07 -2.43 -28.45
C PRO B 22 15.07 -3.53 -28.06
N GLY B 23 13.81 -3.35 -28.42
CA GLY B 23 12.73 -4.25 -27.97
C GLY B 23 12.47 -5.38 -28.96
N ASP B 24 12.73 -5.12 -30.24
CA ASP B 24 12.22 -5.91 -31.35
C ASP B 24 13.37 -6.78 -31.82
N PRO B 25 13.23 -8.11 -31.81
CA PRO B 25 14.28 -8.99 -32.29
C PRO B 25 14.60 -8.74 -33.77
N GLU B 26 13.71 -8.08 -34.51
CA GLU B 26 13.82 -7.81 -35.95
C GLU B 26 14.62 -6.52 -36.21
N ARG B 27 14.88 -5.69 -35.18
CA ARG B 27 15.61 -4.38 -35.26
C ARG B 27 17.11 -4.59 -34.99
N VAL B 28 17.53 -5.80 -34.67
CA VAL B 28 18.87 -6.01 -34.04
C VAL B 28 19.94 -6.02 -35.11
N LYS B 29 19.80 -6.90 -36.10
CA LYS B 29 20.78 -6.96 -37.21
C LYS B 29 20.97 -5.54 -37.76
N ARG B 30 19.87 -4.83 -38.05
CA ARG B 30 19.86 -3.47 -38.64
C ARG B 30 20.75 -2.49 -37.85
N ILE B 31 20.53 -2.39 -36.53
CA ILE B 31 21.35 -1.57 -35.60
C ILE B 31 22.82 -2.00 -35.76
N ALA B 32 23.10 -3.30 -35.63
CA ALA B 32 24.47 -3.86 -35.65
C ALA B 32 25.18 -3.46 -36.95
N GLU B 33 24.46 -3.41 -38.08
CA GLU B 33 25.07 -3.10 -39.41
C GLU B 33 25.49 -1.62 -39.50
N LEU B 34 25.01 -0.75 -38.58
CA LEU B 34 25.44 0.67 -38.47
C LEU B 34 26.84 0.74 -37.89
N MET B 35 27.34 -0.38 -37.39
CA MET B 35 28.72 -0.54 -36.90
C MET B 35 29.48 -1.53 -37.81
N ASP B 36 30.72 -1.81 -37.40
CA ASP B 36 31.70 -2.57 -38.20
C ASP B 36 31.47 -4.06 -37.89
N ASN B 37 31.59 -4.88 -38.93
CA ASN B 37 31.91 -6.34 -38.85
C ASN B 37 30.84 -7.02 -38.01
N ALA B 38 29.59 -6.65 -38.31
CA ALA B 38 28.38 -7.14 -37.63
C ALA B 38 28.34 -8.68 -37.74
N THR B 39 28.18 -9.39 -36.60
CA THR B 39 28.29 -10.86 -36.46
C THR B 39 27.05 -11.32 -35.68
N PHE B 40 26.19 -12.11 -36.31
CA PHE B 40 25.14 -12.90 -35.64
C PHE B 40 25.77 -13.76 -34.52
N LEU B 41 25.24 -13.65 -33.30
CA LEU B 41 25.71 -14.44 -32.14
C LEU B 41 24.68 -15.55 -31.92
N ALA B 42 23.43 -15.18 -31.69
CA ALA B 42 22.38 -16.17 -31.34
C ALA B 42 20.98 -15.60 -31.58
N SER B 43 19.99 -16.50 -31.58
CA SER B 43 18.56 -16.11 -31.50
C SER B 43 17.74 -17.20 -30.77
N HIS B 44 17.14 -16.78 -29.67
CA HIS B 44 16.42 -17.61 -28.69
C HIS B 44 15.25 -16.78 -28.16
N ARG B 45 14.06 -17.34 -28.36
CA ARG B 45 12.79 -16.69 -28.01
C ARG B 45 12.87 -15.32 -28.69
N GLU B 46 12.70 -14.27 -27.89
CA GLU B 46 12.57 -12.87 -28.32
C GLU B 46 13.98 -12.24 -28.27
N TYR B 47 15.02 -13.04 -27.97
CA TYR B 47 16.41 -12.62 -27.73
C TYR B 47 17.31 -12.98 -28.92
N THR B 48 17.44 -12.06 -29.85
CA THR B 48 18.36 -12.08 -31.01
C THR B 48 19.52 -11.16 -30.68
N SER B 49 20.76 -11.71 -30.57
CA SER B 49 22.02 -10.98 -30.26
C SER B 49 22.97 -10.94 -31.46
N TYR B 50 23.53 -9.75 -31.70
CA TYR B 50 24.61 -9.53 -32.69
C TYR B 50 25.80 -8.86 -31.98
N LEU B 51 26.98 -8.98 -32.58
CA LEU B 51 28.15 -8.21 -32.16
C LEU B 51 28.53 -7.28 -33.31
N ALA B 52 28.94 -6.07 -32.98
CA ALA B 52 29.54 -5.17 -33.98
C ALA B 52 30.63 -4.34 -33.31
N TYR B 53 31.36 -3.60 -34.12
CA TYR B 53 32.55 -2.84 -33.66
C TYR B 53 32.35 -1.35 -33.96
N ALA B 54 32.50 -0.58 -32.89
CA ALA B 54 32.20 0.85 -32.79
C ALA B 54 33.56 1.51 -32.58
N ASP B 55 34.11 2.04 -33.67
CA ASP B 55 35.48 2.63 -33.65
C ASP B 55 36.40 1.58 -33.02
N GLY B 56 36.30 0.30 -33.43
CA GLY B 56 37.21 -0.76 -32.95
C GLY B 56 36.78 -1.48 -31.67
N LYS B 57 35.79 -0.99 -30.90
CA LYS B 57 35.37 -1.63 -29.62
C LYS B 57 34.11 -2.49 -29.76
N PRO B 58 34.07 -3.66 -29.11
CA PRO B 58 32.93 -4.55 -29.25
C PRO B 58 31.73 -3.92 -28.52
N VAL B 59 30.57 -4.07 -29.17
CA VAL B 59 29.21 -3.68 -28.73
C VAL B 59 28.32 -4.88 -29.01
N VAL B 60 27.52 -5.29 -28.05
CA VAL B 60 26.51 -6.35 -28.22
C VAL B 60 25.20 -5.61 -28.53
N ILE B 61 24.44 -6.15 -29.45
CA ILE B 61 23.11 -5.62 -29.80
C ILE B 61 22.19 -6.80 -29.51
N CYS B 62 21.39 -6.62 -28.49
CA CYS B 62 20.49 -7.66 -27.91
C CYS B 62 19.09 -7.09 -27.72
N SER B 63 18.10 -7.74 -28.35
CA SER B 63 16.67 -7.41 -28.18
C SER B 63 16.21 -7.85 -26.79
N THR B 64 15.14 -7.30 -26.30
CA THR B 64 14.70 -7.51 -24.90
C THR B 64 13.30 -8.11 -24.88
N GLY B 65 12.62 -8.13 -26.02
CA GLY B 65 11.17 -8.28 -26.09
C GLY B 65 10.43 -7.10 -25.43
N ILE B 66 9.10 -7.16 -25.51
CA ILE B 66 8.20 -6.24 -24.78
C ILE B 66 8.05 -6.61 -23.30
N GLY B 67 8.46 -5.67 -22.47
CA GLY B 67 8.05 -5.36 -21.14
C GLY B 67 9.04 -5.91 -20.16
N GLY B 68 8.92 -5.47 -18.94
CA GLY B 68 10.02 -5.57 -17.96
C GLY B 68 10.48 -6.98 -17.67
N PRO B 69 9.60 -8.04 -17.63
CA PRO B 69 10.03 -9.40 -17.34
C PRO B 69 11.10 -9.93 -18.30
N SER B 70 10.85 -9.87 -19.60
CA SER B 70 11.84 -10.27 -20.64
C SER B 70 13.12 -9.39 -20.62
N THR B 71 13.01 -8.07 -20.49
CA THR B 71 14.16 -7.07 -20.37
C THR B 71 15.00 -7.52 -19.17
N SER B 72 14.33 -7.86 -18.08
CA SER B 72 15.04 -8.24 -16.82
C SER B 72 15.92 -9.47 -17.06
N ILE B 73 15.43 -10.48 -17.79
CA ILE B 73 16.27 -11.69 -18.12
C ILE B 73 17.48 -11.29 -18.99
N ALA B 74 17.26 -10.61 -20.10
CA ALA B 74 18.28 -10.19 -21.10
C ALA B 74 19.33 -9.28 -20.40
N VAL B 75 18.94 -8.48 -19.40
CA VAL B 75 19.79 -7.47 -18.76
C VAL B 75 20.67 -8.27 -17.80
N GLU B 76 20.05 -9.22 -17.10
CA GLU B 76 20.78 -9.97 -16.03
C GLU B 76 21.83 -10.82 -16.74
N GLU B 77 21.47 -11.39 -17.88
CA GLU B 77 22.27 -12.48 -18.47
C GLU B 77 23.42 -11.84 -19.21
N LEU B 78 23.17 -10.71 -19.88
CA LEU B 78 24.26 -9.86 -20.46
C LEU B 78 25.22 -9.58 -19.33
N ALA B 79 24.78 -9.08 -18.17
CA ALA B 79 25.69 -8.60 -17.09
C ALA B 79 26.48 -9.82 -16.59
N GLN B 80 25.86 -11.00 -16.59
CA GLN B 80 26.63 -12.23 -16.26
C GLN B 80 27.75 -12.38 -17.29
N LEU B 81 27.61 -11.84 -18.48
CA LEU B 81 28.67 -11.98 -19.54
C LEU B 81 29.58 -10.74 -19.66
N GLY B 82 29.44 -9.76 -18.76
CA GLY B 82 30.42 -8.69 -18.43
C GLY B 82 29.88 -7.35 -18.88
N VAL B 83 28.66 -7.38 -19.35
CA VAL B 83 28.02 -6.10 -19.78
C VAL B 83 27.70 -5.25 -18.54
N ASN B 84 28.15 -3.99 -18.56
CA ASN B 84 27.86 -3.00 -17.49
C ASN B 84 27.07 -1.75 -17.98
N THR B 85 26.70 -1.72 -19.22
CA THR B 85 26.11 -0.50 -19.79
C THR B 85 25.07 -0.90 -20.76
N PHE B 86 23.89 -0.32 -20.59
CA PHE B 86 22.78 -0.75 -21.43
C PHE B 86 22.12 0.50 -21.98
N LEU B 87 22.22 0.75 -23.28
CA LEU B 87 21.56 1.90 -23.97
C LEU B 87 20.33 1.30 -24.66
N ARG B 88 19.16 1.71 -24.22
CA ARG B 88 17.88 1.25 -24.74
C ARG B 88 17.49 2.27 -25.81
N VAL B 89 17.03 1.77 -26.94
CA VAL B 89 16.47 2.54 -28.09
C VAL B 89 15.10 1.96 -28.47
N GLY B 90 14.16 2.77 -28.99
CA GLY B 90 12.88 2.18 -29.37
C GLY B 90 11.89 3.21 -29.89
N SER B 91 10.62 2.81 -29.88
CA SER B 91 9.46 3.64 -30.29
C SER B 91 8.74 4.13 -29.04
N THR B 92 7.98 5.21 -29.17
CA THR B 92 7.20 5.74 -28.04
C THR B 92 5.97 6.49 -28.57
N GLY B 93 4.94 6.51 -27.73
CA GLY B 93 3.74 7.35 -27.93
C GLY B 93 3.81 8.56 -27.02
N ALA B 94 3.74 9.76 -27.58
CA ALA B 94 3.84 11.04 -26.85
C ALA B 94 2.46 11.39 -26.25
N ILE B 95 2.43 11.88 -25.01
CA ILE B 95 1.17 12.30 -24.29
C ILE B 95 1.12 13.82 -24.15
N GLN B 96 2.21 14.56 -24.39
CA GLN B 96 2.22 16.06 -24.34
C GLN B 96 2.00 16.60 -25.76
N PRO B 97 1.08 17.56 -26.03
CA PRO B 97 0.77 17.94 -27.41
C PRO B 97 1.90 18.72 -28.12
N HIS B 98 2.74 19.40 -27.34
CA HIS B 98 4.00 20.03 -27.83
C HIS B 98 5.07 18.98 -28.24
N VAL B 99 4.85 17.65 -28.13
CA VAL B 99 5.80 16.64 -28.68
C VAL B 99 5.28 16.16 -30.04
N ASN B 100 5.96 16.55 -31.11
CA ASN B 100 5.68 16.14 -32.51
C ASN B 100 6.02 14.67 -32.73
N VAL B 101 5.06 13.92 -33.27
CA VAL B 101 5.40 12.68 -34.02
C VAL B 101 6.73 12.95 -34.75
N GLY B 102 7.74 12.08 -34.57
CA GLY B 102 9.05 12.17 -35.26
C GLY B 102 10.10 12.85 -34.40
N ASP B 103 9.68 13.42 -33.27
CA ASP B 103 10.58 13.98 -32.24
C ASP B 103 11.34 12.83 -31.57
N VAL B 104 12.40 13.20 -30.85
CA VAL B 104 13.15 12.28 -29.94
C VAL B 104 12.91 12.66 -28.48
N ILE B 105 12.72 11.60 -27.65
CA ILE B 105 12.63 11.66 -26.18
C ILE B 105 13.85 10.93 -25.61
N VAL B 106 14.49 11.61 -24.68
CA VAL B 106 15.55 11.07 -23.77
C VAL B 106 14.87 11.07 -22.41
N THR B 107 14.68 9.85 -21.93
CA THR B 107 14.01 9.57 -20.68
C THR B 107 15.04 9.66 -19.56
N GLN B 108 15.00 10.74 -18.81
CA GLN B 108 15.83 10.93 -17.60
C GLN B 108 15.43 9.90 -16.55
N ALA B 109 14.12 9.63 -16.39
CA ALA B 109 13.59 8.72 -15.36
C ALA B 109 12.15 8.25 -15.65
N SER B 110 11.69 7.21 -14.97
CA SER B 110 10.38 6.58 -15.33
C SER B 110 9.37 6.54 -14.16
N VAL B 111 8.13 6.96 -14.38
CA VAL B 111 6.99 6.48 -13.53
C VAL B 111 6.94 4.95 -13.61
N ARG B 112 6.93 4.32 -12.41
CA ARG B 112 6.96 2.85 -12.33
C ARG B 112 5.56 2.22 -12.39
N LEU B 113 4.94 2.13 -13.60
CA LEU B 113 3.68 1.37 -13.87
C LEU B 113 3.95 -0.06 -14.19
N ASP B 114 4.94 -0.68 -13.54
CA ASP B 114 5.52 -1.93 -14.01
C ASP B 114 5.77 -2.68 -12.71
N GLY B 115 5.79 -4.00 -12.80
CA GLY B 115 5.95 -4.86 -11.62
C GLY B 115 7.41 -5.29 -11.47
N ALA B 116 8.17 -5.45 -12.56
CA ALA B 116 9.54 -6.06 -12.46
C ALA B 116 10.45 -5.14 -11.61
N SER B 117 10.27 -3.84 -11.75
CA SER B 117 10.99 -2.83 -10.94
C SER B 117 10.94 -3.19 -9.45
N LEU B 118 9.83 -3.75 -8.95
CA LEU B 118 9.54 -3.94 -7.52
C LEU B 118 10.38 -5.14 -7.09
N HIS B 119 10.88 -5.91 -8.06
CA HIS B 119 11.68 -7.12 -7.73
C HIS B 119 13.12 -6.70 -7.46
N PHE B 120 13.48 -5.41 -7.64
CA PHE B 120 14.86 -4.86 -7.46
C PHE B 120 14.88 -3.84 -6.32
N ALA B 121 13.86 -2.98 -6.25
CA ALA B 121 13.67 -1.99 -5.17
C ALA B 121 12.21 -1.68 -4.87
N PRO B 122 11.90 -1.29 -3.61
CA PRO B 122 10.61 -0.73 -3.26
C PRO B 122 10.21 0.40 -4.20
N MET B 123 8.91 0.65 -4.31
CA MET B 123 8.44 1.73 -5.23
C MET B 123 9.11 3.10 -4.90
N GLU B 124 9.33 3.42 -3.63
CA GLU B 124 10.06 4.64 -3.19
C GLU B 124 11.38 4.88 -3.98
N PHE B 125 12.11 3.84 -4.41
CA PHE B 125 13.33 3.97 -5.21
C PHE B 125 13.01 4.62 -6.58
N PRO B 126 13.69 5.73 -7.00
CA PRO B 126 13.42 6.34 -8.33
C PRO B 126 13.99 5.52 -9.51
N ALA B 127 13.28 5.46 -10.61
CA ALA B 127 13.64 4.66 -11.80
C ALA B 127 14.42 5.59 -12.68
N VAL B 128 15.61 5.93 -12.21
CA VAL B 128 16.41 7.04 -12.78
C VAL B 128 17.45 6.43 -13.74
N ALA B 129 17.69 7.07 -14.85
CA ALA B 129 18.72 6.67 -15.84
C ALA B 129 20.10 7.11 -15.31
N ASN B 130 21.16 6.61 -15.91
CA ASN B 130 22.54 6.99 -15.55
C ASN B 130 22.82 8.36 -16.15
N PHE B 131 23.26 9.26 -15.31
CA PHE B 131 23.73 10.64 -15.64
C PHE B 131 24.58 10.64 -16.91
N GLU B 132 25.71 9.95 -16.91
CA GLU B 132 26.67 9.93 -18.04
C GLU B 132 26.07 9.37 -19.30
N CYS B 133 25.26 8.30 -19.25
CA CYS B 133 24.81 7.67 -20.48
C CYS B 133 23.71 8.66 -20.91
N THR B 134 22.90 9.20 -20.00
CA THR B 134 21.81 10.21 -20.42
C THR B 134 22.48 11.43 -21.11
N THR B 135 23.54 11.93 -20.49
CA THR B 135 24.38 13.05 -20.95
C THR B 135 24.87 12.73 -22.36
N ALA B 136 25.40 11.52 -22.55
CA ALA B 136 25.86 11.00 -23.87
C ALA B 136 24.74 11.00 -24.93
N MET B 137 23.50 10.60 -24.59
CA MET B 137 22.37 10.51 -25.55
C MET B 137 21.92 11.90 -25.98
N VAL B 138 21.99 12.87 -25.08
CA VAL B 138 21.60 14.30 -25.26
C VAL B 138 22.55 14.92 -26.30
N ALA B 139 23.82 14.64 -26.14
CA ALA B 139 24.89 15.22 -26.98
C ALA B 139 24.83 14.57 -28.37
N ALA B 140 24.53 13.28 -28.45
CA ALA B 140 24.36 12.55 -29.72
C ALA B 140 23.09 13.06 -30.45
N CYS B 141 21.99 13.34 -29.76
CA CYS B 141 20.87 14.11 -30.40
C CYS B 141 21.45 15.39 -31.02
N ARG B 142 22.07 16.27 -30.22
CA ARG B 142 22.36 17.67 -30.63
C ARG B 142 23.41 17.71 -31.76
N ASP B 143 24.40 16.82 -31.71
CA ASP B 143 25.35 16.61 -32.83
C ASP B 143 24.59 16.33 -34.11
N ALA B 144 23.41 15.70 -34.00
CA ALA B 144 22.50 15.41 -35.15
C ALA B 144 21.53 16.56 -35.44
N GLY B 145 21.76 17.75 -34.85
CA GLY B 145 20.91 18.92 -35.04
C GLY B 145 19.49 18.73 -34.51
N VAL B 146 19.28 17.91 -33.49
CA VAL B 146 17.92 17.67 -32.91
C VAL B 146 18.00 17.95 -31.42
N GLU B 147 17.11 18.79 -30.90
CA GLU B 147 16.99 19.13 -29.46
C GLU B 147 15.97 18.17 -28.85
N PRO B 148 16.40 17.14 -28.08
CA PRO B 148 15.47 16.08 -27.73
C PRO B 148 14.66 16.57 -26.54
N HIS B 149 13.47 16.01 -26.37
CA HIS B 149 12.66 16.24 -25.15
C HIS B 149 13.36 15.46 -24.03
N ILE B 150 13.54 16.07 -22.88
CA ILE B 150 14.31 15.42 -21.77
C ILE B 150 13.39 15.52 -20.57
N GLY B 151 12.90 14.37 -20.12
CA GLY B 151 12.27 14.32 -18.80
C GLY B 151 11.72 12.94 -18.54
N VAL B 152 10.47 12.91 -18.10
CA VAL B 152 9.92 11.73 -17.40
C VAL B 152 9.02 10.93 -18.34
N THR B 153 9.18 9.63 -18.24
CA THR B 153 8.42 8.67 -19.07
C THR B 153 7.52 7.82 -18.18
N ALA B 154 6.28 7.56 -18.61
CA ALA B 154 5.32 6.60 -18.01
C ALA B 154 5.62 5.19 -18.50
N SER B 155 6.32 4.36 -17.69
CA SER B 155 6.75 3.02 -18.14
C SER B 155 5.78 1.91 -17.66
N SER B 156 4.94 1.47 -18.59
CA SER B 156 3.77 0.62 -18.24
C SER B 156 3.95 -0.85 -18.60
N ASP B 157 3.43 -1.68 -17.69
CA ASP B 157 3.33 -3.18 -17.93
C ASP B 157 2.32 -3.48 -19.06
N THR B 158 1.49 -2.52 -19.54
CA THR B 158 0.51 -2.93 -20.56
C THR B 158 0.49 -1.82 -21.62
N PHE B 159 0.22 -2.20 -22.84
CA PHE B 159 0.10 -1.26 -23.98
C PHE B 159 -1.30 -0.60 -23.92
N TYR B 160 -2.31 -1.35 -23.45
CA TYR B 160 -3.75 -0.98 -23.58
C TYR B 160 -4.18 -0.22 -22.32
N PRO B 161 -4.67 -0.91 -21.28
CA PRO B 161 -5.24 -0.24 -20.14
C PRO B 161 -4.26 0.66 -19.37
N GLY B 162 -3.03 0.20 -19.12
CA GLY B 162 -2.00 1.01 -18.46
C GLY B 162 -1.64 2.32 -19.13
N GLN B 163 -1.91 2.47 -20.47
CA GLN B 163 -1.64 3.69 -21.31
C GLN B 163 -3.02 4.33 -21.50
N GLU B 164 -4.00 3.93 -20.67
CA GLU B 164 -5.42 4.40 -20.78
C GLU B 164 -5.90 4.41 -22.24
N ARG B 165 -5.64 3.35 -23.03
CA ARG B 165 -6.31 3.12 -24.36
C ARG B 165 -7.70 2.50 -24.11
N TYR B 166 -8.77 3.02 -24.76
CA TYR B 166 -10.15 2.48 -24.68
C TYR B 166 -10.66 1.78 -25.93
N ASP B 167 -9.84 1.75 -27.00
CA ASP B 167 -10.20 1.10 -28.29
C ASP B 167 -9.82 -0.37 -28.19
N THR B 168 -10.55 -1.07 -27.33
CA THR B 168 -10.28 -2.41 -26.82
C THR B 168 -11.57 -3.20 -26.89
N VAL B 169 -11.44 -4.49 -26.67
CA VAL B 169 -12.60 -5.41 -26.74
C VAL B 169 -13.63 -4.90 -25.74
N THR B 170 -13.23 -4.61 -24.50
CA THR B 170 -14.19 -4.22 -23.41
C THR B 170 -14.36 -2.71 -23.40
N GLY B 171 -13.39 -1.96 -23.89
CA GLY B 171 -13.41 -0.47 -23.82
C GLY B 171 -13.55 0.10 -22.43
N ARG B 172 -12.96 -0.59 -21.45
CA ARG B 172 -13.00 -0.34 -20.01
C ARG B 172 -11.54 -0.35 -19.54
N VAL B 173 -11.20 0.61 -18.71
CA VAL B 173 -9.93 0.63 -17.98
C VAL B 173 -10.29 0.51 -16.50
N THR B 174 -9.56 -0.30 -15.73
CA THR B 174 -9.68 -0.40 -14.30
C THR B 174 -9.46 0.95 -13.58
N ARG B 175 -10.17 1.14 -12.48
CA ARG B 175 -10.19 2.38 -11.66
C ARG B 175 -8.82 3.06 -11.50
N ARG B 176 -7.77 2.35 -11.01
CA ARG B 176 -6.40 2.91 -10.92
C ARG B 176 -5.87 3.55 -12.22
N PHE B 177 -6.20 3.10 -13.43
CA PHE B 177 -5.71 3.66 -14.72
C PHE B 177 -6.79 4.53 -15.40
N ALA B 178 -7.98 4.62 -14.81
CA ALA B 178 -9.02 5.54 -15.35
C ALA B 178 -8.61 6.95 -14.96
N GLY B 179 -8.57 7.84 -15.95
CA GLY B 179 -8.05 9.23 -15.85
C GLY B 179 -6.55 9.35 -15.65
N SER B 180 -5.83 8.23 -15.59
CA SER B 180 -4.38 8.33 -15.34
C SER B 180 -3.61 9.10 -16.44
N MET B 181 -3.98 9.07 -17.75
CA MET B 181 -3.18 9.72 -18.82
C MET B 181 -3.17 11.22 -18.49
N LYS B 182 -4.32 11.77 -18.11
CA LYS B 182 -4.47 13.22 -17.84
C LYS B 182 -3.54 13.55 -16.67
N GLU B 183 -3.50 12.68 -15.66
CA GLU B 183 -2.68 12.89 -14.44
C GLU B 183 -1.19 13.05 -14.84
N TRP B 184 -0.61 12.08 -15.58
CA TRP B 184 0.77 12.11 -16.15
C TRP B 184 0.94 13.36 -16.98
N GLN B 185 -0.04 13.68 -17.82
CA GLN B 185 0.01 14.94 -18.62
C GLN B 185 0.21 16.12 -17.69
N ASP B 186 -0.65 16.29 -16.67
CA ASP B 186 -0.64 17.48 -15.79
C ASP B 186 0.70 17.56 -15.04
N MET B 187 1.29 16.40 -14.80
CA MET B 187 2.62 16.31 -14.14
C MET B 187 3.78 16.50 -15.15
N GLY B 188 3.57 16.76 -16.46
CA GLY B 188 4.64 16.97 -17.46
C GLY B 188 5.34 15.69 -17.91
N VAL B 189 4.72 14.52 -17.70
CA VAL B 189 5.25 13.24 -18.27
C VAL B 189 5.17 13.26 -19.80
N LEU B 190 6.22 12.81 -20.47
CA LEU B 190 6.39 13.06 -21.95
C LEU B 190 5.65 12.04 -22.82
N ASN B 191 5.55 10.79 -22.36
CA ASN B 191 5.37 9.64 -23.28
C ASN B 191 5.12 8.39 -22.45
N TYR B 192 4.66 7.37 -23.16
CA TYR B 192 4.45 5.97 -22.71
C TYR B 192 5.40 5.06 -23.41
N GLU B 193 6.05 4.16 -22.66
CA GLU B 193 6.70 2.95 -23.23
C GLU B 193 6.57 1.87 -22.16
N MET B 194 7.26 0.71 -22.32
CA MET B 194 6.89 -0.46 -21.51
C MET B 194 8.13 -1.13 -20.88
N GLU B 195 9.28 -0.49 -20.91
CA GLU B 195 10.52 -1.21 -20.40
C GLU B 195 11.39 -0.37 -19.47
N SER B 196 11.31 0.94 -19.48
CA SER B 196 12.39 1.82 -18.97
C SER B 196 12.40 1.79 -17.43
N ALA B 197 11.23 1.60 -16.81
CA ALA B 197 11.15 1.56 -15.33
C ALA B 197 11.90 0.29 -14.91
N THR B 198 11.60 -0.86 -15.53
CA THR B 198 12.34 -2.12 -15.15
C THR B 198 13.85 -1.90 -15.41
N LEU B 199 14.21 -1.49 -16.64
CA LEU B 199 15.63 -1.32 -17.03
C LEU B 199 16.35 -0.44 -16.01
N PHE B 200 15.78 0.72 -15.71
CA PHE B 200 16.45 1.77 -14.90
C PHE B 200 16.57 1.32 -13.44
N THR B 201 15.53 0.71 -12.88
CA THR B 201 15.54 0.31 -11.46
C THR B 201 16.56 -0.81 -11.33
N MET B 202 16.55 -1.70 -12.29
CA MET B 202 17.36 -2.92 -12.19
C MET B 202 18.83 -2.54 -12.42
N CYS B 203 19.15 -1.60 -13.29
CA CYS B 203 20.55 -1.11 -13.48
C CYS B 203 21.05 -0.26 -12.29
N ALA B 204 20.33 0.79 -11.93
CA ALA B 204 20.50 1.66 -10.72
C ALA B 204 20.91 0.78 -9.54
N THR B 205 20.09 -0.26 -9.28
CA THR B 205 20.19 -0.96 -7.97
C THR B 205 21.41 -1.87 -8.02
N GLN B 206 21.70 -2.39 -9.22
CA GLN B 206 22.67 -3.49 -9.48
C GLN B 206 24.01 -2.87 -9.93
N GLY B 207 24.10 -1.56 -9.99
CA GLY B 207 25.38 -0.87 -10.22
C GLY B 207 25.81 -0.99 -11.68
N TRP B 208 24.87 -0.91 -12.65
CA TRP B 208 25.09 -0.90 -14.11
C TRP B 208 24.49 0.39 -14.63
N ARG B 209 24.95 0.84 -15.80
CA ARG B 209 24.52 2.16 -16.32
C ARG B 209 23.50 1.93 -17.37
N ALA B 210 22.51 2.80 -17.47
CA ALA B 210 21.42 2.57 -18.41
C ALA B 210 20.95 3.92 -18.87
N ALA B 211 20.54 4.00 -20.13
CA ALA B 211 19.81 5.18 -20.61
C ALA B 211 18.82 4.77 -21.67
N CYS B 212 18.04 5.73 -22.16
CA CYS B 212 16.94 5.43 -23.09
C CYS B 212 16.78 6.62 -24.01
N VAL B 213 16.69 6.30 -25.29
CA VAL B 213 16.26 7.33 -26.27
C VAL B 213 15.18 6.75 -27.14
N ALA B 214 14.23 7.54 -27.64
CA ALA B 214 13.23 6.89 -28.47
C ALA B 214 12.63 7.92 -29.38
N GLY B 215 12.19 7.43 -30.52
CA GLY B 215 11.51 8.19 -31.58
C GLY B 215 10.03 8.12 -31.41
N VAL B 216 9.38 9.26 -31.60
CA VAL B 216 7.92 9.43 -31.32
C VAL B 216 7.19 9.04 -32.61
N ILE B 217 6.35 7.98 -32.53
CA ILE B 217 5.59 7.34 -33.67
C ILE B 217 4.08 7.64 -33.57
N VAL B 218 3.61 8.15 -32.42
CA VAL B 218 2.17 8.51 -32.25
C VAL B 218 2.03 9.58 -31.16
N ASN B 219 1.16 10.56 -31.41
CA ASN B 219 0.79 11.52 -30.34
C ASN B 219 -0.60 11.19 -29.77
N ARG B 220 -0.64 10.76 -28.51
CA ARG B 220 -1.88 10.24 -27.85
C ARG B 220 -2.92 11.35 -27.63
N THR B 221 -2.57 12.63 -27.85
CA THR B 221 -3.57 13.74 -27.83
C THR B 221 -4.44 13.68 -29.09
N GLN B 222 -3.98 12.94 -30.11
CA GLN B 222 -4.65 12.79 -31.42
C GLN B 222 -5.39 11.44 -31.52
N GLN B 223 -4.75 10.34 -31.15
CA GLN B 223 -5.23 8.97 -31.47
C GLN B 223 -4.46 7.97 -30.61
N GLU B 224 -4.90 6.69 -30.60
CA GLU B 224 -4.37 5.63 -29.70
C GLU B 224 -3.35 4.76 -30.42
N ILE B 225 -3.63 4.41 -31.69
CA ILE B 225 -2.75 3.55 -32.53
C ILE B 225 -2.03 4.45 -33.53
N PRO B 226 -0.68 4.33 -33.54
CA PRO B 226 0.17 4.85 -34.61
C PRO B 226 -0.27 4.46 -36.03
N ASP B 227 -0.20 5.42 -36.95
CA ASP B 227 -0.32 5.17 -38.41
C ASP B 227 1.01 4.53 -38.88
N GLU B 228 0.98 3.81 -40.00
CA GLU B 228 2.15 3.12 -40.58
C GLU B 228 3.22 4.17 -40.91
N VAL B 236 17.17 4.96 -38.83
CA VAL B 236 16.29 5.99 -38.19
C VAL B 236 17.17 6.90 -37.31
N SER B 237 16.72 8.10 -36.97
CA SER B 237 17.48 9.06 -36.14
C SER B 237 17.80 8.47 -34.75
N ALA B 238 16.84 7.85 -34.05
CA ALA B 238 17.03 7.44 -32.62
C ALA B 238 18.04 6.27 -32.58
N VAL B 239 18.08 5.48 -33.65
CA VAL B 239 19.02 4.33 -33.79
C VAL B 239 20.41 4.88 -34.12
N SER B 240 20.51 5.85 -35.02
CA SER B 240 21.80 6.53 -35.31
C SER B 240 22.26 7.36 -34.09
N ILE B 241 21.31 7.97 -33.36
CA ILE B 241 21.62 8.67 -32.06
C ILE B 241 22.15 7.62 -31.07
N VAL B 242 21.53 6.42 -31.00
CA VAL B 242 22.03 5.46 -29.96
C VAL B 242 23.42 4.92 -30.33
N VAL B 243 23.72 4.74 -31.61
CA VAL B 243 25.05 4.23 -32.00
C VAL B 243 26.05 5.32 -31.70
N ALA B 244 25.67 6.55 -31.98
CA ALA B 244 26.50 7.75 -31.74
C ALA B 244 26.74 7.91 -30.23
N ALA B 245 25.75 7.64 -29.37
CA ALA B 245 25.89 7.77 -27.90
C ALA B 245 26.83 6.63 -27.49
N ALA B 246 26.79 5.50 -28.18
CA ALA B 246 27.62 4.34 -27.77
C ALA B 246 29.10 4.68 -28.03
N LYS B 247 29.43 5.34 -29.15
CA LYS B 247 30.82 5.67 -29.54
C LYS B 247 31.36 6.74 -28.57
N LYS B 248 30.53 7.71 -28.19
CA LYS B 248 30.97 8.72 -27.16
C LYS B 248 31.36 7.97 -25.87
N LEU B 249 30.61 6.94 -25.48
CA LEU B 249 30.81 6.35 -24.14
C LEU B 249 32.02 5.42 -24.19
N LEU B 250 32.31 4.83 -25.36
CA LEU B 250 33.46 3.90 -25.58
C LEU B 250 34.73 4.65 -25.98
N ALA B 251 34.63 5.89 -26.48
CA ALA B 251 35.77 6.74 -26.95
C ALA B 251 36.84 6.79 -25.88
N ALA C 1 -39.65 -6.82 11.37
CA ALA C 1 -38.57 -5.94 11.90
C ALA C 1 -38.26 -4.83 10.89
N ASP C 2 -37.73 -3.70 11.37
CA ASP C 2 -37.39 -2.54 10.50
C ASP C 2 -35.90 -2.58 10.11
N VAL C 3 -35.16 -3.63 10.49
CA VAL C 3 -33.74 -3.85 10.08
C VAL C 3 -33.57 -5.30 9.60
N PHE C 4 -32.49 -5.54 8.86
CA PHE C 4 -32.36 -6.71 7.96
C PHE C 4 -31.82 -7.91 8.74
N HIS C 5 -31.10 -7.65 9.83
CA HIS C 5 -30.45 -8.75 10.62
C HIS C 5 -31.00 -8.92 12.04
N LEU C 6 -31.10 -7.84 12.80
CA LEU C 6 -31.32 -7.88 14.29
C LEU C 6 -32.73 -8.29 14.75
N GLY C 7 -33.74 -8.11 13.81
CA GLY C 7 -35.16 -8.42 14.10
C GLY C 7 -35.79 -7.35 14.98
N LEU C 8 -35.44 -6.09 14.80
CA LEU C 8 -35.86 -5.04 15.75
C LEU C 8 -36.71 -4.08 14.94
N THR C 9 -37.59 -3.40 15.69
CA THR C 9 -38.13 -2.11 15.34
C THR C 9 -37.76 -1.08 16.41
N LYS C 10 -37.95 0.18 16.05
CA LYS C 10 -37.55 1.31 16.89
C LYS C 10 -38.41 1.34 18.16
N ALA C 11 -39.70 1.01 18.02
CA ALA C 11 -40.69 1.02 19.12
C ALA C 11 -40.10 0.15 20.24
N MET C 12 -39.60 -1.02 19.88
CA MET C 12 -39.00 -2.05 20.80
C MET C 12 -37.92 -1.43 21.71
N LEU C 13 -37.20 -0.40 21.26
CA LEU C 13 -36.12 0.28 22.05
C LEU C 13 -36.66 1.28 23.09
N ASP C 14 -37.96 1.61 23.10
CA ASP C 14 -38.55 2.56 24.09
C ASP C 14 -37.77 3.87 24.20
N GLY C 15 -37.18 4.36 23.10
CA GLY C 15 -36.42 5.63 23.03
C GLY C 15 -34.94 5.51 23.41
N ALA C 16 -34.39 4.30 23.68
CA ALA C 16 -32.95 4.12 23.98
C ALA C 16 -32.13 4.67 22.80
N THR C 17 -31.10 5.40 23.18
CA THR C 17 -30.10 5.94 22.27
C THR C 17 -28.73 5.32 22.56
N LEU C 18 -28.66 4.47 23.59
CA LEU C 18 -27.36 3.88 23.97
C LEU C 18 -27.43 2.35 24.03
N ALA C 19 -26.38 1.69 23.46
CA ALA C 19 -26.24 0.22 23.40
C ALA C 19 -25.00 -0.15 24.22
N ILE C 20 -25.11 -1.20 25.01
CA ILE C 20 -23.95 -1.95 25.58
C ILE C 20 -23.79 -3.14 24.64
N VAL C 21 -22.65 -3.21 24.00
CA VAL C 21 -22.44 -4.20 22.90
C VAL C 21 -21.30 -5.18 23.30
N PRO C 22 -21.62 -6.28 24.01
CA PRO C 22 -20.64 -7.38 24.25
C PRO C 22 -20.61 -8.35 23.08
N GLY C 23 -19.75 -9.36 23.14
CA GLY C 23 -19.49 -10.25 21.98
C GLY C 23 -20.39 -11.48 22.06
N ASP C 24 -20.51 -12.08 23.26
CA ASP C 24 -21.21 -13.38 23.45
C ASP C 24 -22.71 -13.12 23.52
N PRO C 25 -23.50 -13.70 22.57
CA PRO C 25 -24.95 -13.71 22.75
C PRO C 25 -25.40 -14.30 24.11
N GLU C 26 -24.56 -15.08 24.79
CA GLU C 26 -24.87 -15.75 26.08
C GLU C 26 -24.55 -14.84 27.27
N ARG C 27 -23.97 -13.67 27.02
CA ARG C 27 -23.67 -12.70 28.09
C ARG C 27 -24.73 -11.60 28.07
N VAL C 28 -25.62 -11.55 27.07
CA VAL C 28 -26.51 -10.35 27.04
C VAL C 28 -27.38 -10.29 28.29
N LYS C 29 -28.09 -11.38 28.58
CA LYS C 29 -29.15 -11.43 29.61
C LYS C 29 -28.52 -11.01 30.93
N ARG C 30 -27.38 -11.62 31.28
CA ARG C 30 -26.66 -11.39 32.56
C ARG C 30 -26.31 -9.90 32.75
N ILE C 31 -25.58 -9.26 31.82
CA ILE C 31 -25.43 -7.78 31.76
C ILE C 31 -26.79 -7.11 31.96
N ALA C 32 -27.78 -7.41 31.12
CA ALA C 32 -29.11 -6.77 31.18
C ALA C 32 -29.62 -6.79 32.63
N GLU C 33 -29.46 -7.92 33.35
CA GLU C 33 -30.08 -8.16 34.69
C GLU C 33 -29.29 -7.42 35.78
N LEU C 34 -28.15 -6.80 35.39
CA LEU C 34 -27.49 -5.77 36.26
C LEU C 34 -28.33 -4.49 36.18
N MET C 35 -29.23 -4.42 35.22
CA MET C 35 -30.17 -3.31 35.14
C MET C 35 -31.58 -3.76 35.55
N ASP C 36 -32.52 -2.83 35.42
CA ASP C 36 -33.92 -2.99 35.86
C ASP C 36 -34.80 -3.29 34.65
N ASN C 37 -35.79 -4.16 34.87
CA ASN C 37 -36.82 -4.53 33.88
C ASN C 37 -36.15 -5.06 32.61
N ALA C 38 -35.10 -5.89 32.78
CA ALA C 38 -34.50 -6.68 31.70
C ALA C 38 -35.62 -7.25 30.88
N THR C 39 -35.62 -6.96 29.55
CA THR C 39 -36.68 -7.27 28.60
C THR C 39 -36.07 -7.97 27.38
N PHE C 40 -36.41 -9.23 27.07
CA PHE C 40 -36.02 -9.90 25.77
C PHE C 40 -36.53 -9.03 24.61
N LEU C 41 -35.72 -8.79 23.60
CA LEU C 41 -36.22 -8.14 22.35
C LEU C 41 -36.26 -9.15 21.21
N ALA C 42 -35.14 -9.86 20.99
CA ALA C 42 -34.84 -10.51 19.70
C ALA C 42 -33.56 -11.36 19.80
N SER C 43 -33.63 -12.59 19.27
CA SER C 43 -32.43 -13.44 19.09
C SER C 43 -32.43 -13.98 17.66
N HIS C 44 -31.47 -13.50 16.84
CA HIS C 44 -31.19 -13.98 15.46
C HIS C 44 -29.69 -14.11 15.19
N ARG C 45 -29.31 -15.25 14.65
CA ARG C 45 -27.90 -15.60 14.41
C ARG C 45 -27.20 -15.24 15.72
N GLU C 46 -26.10 -14.49 15.64
CA GLU C 46 -25.25 -14.13 16.81
C GLU C 46 -25.76 -12.88 17.51
N TYR C 47 -26.94 -12.37 17.12
CA TYR C 47 -27.50 -11.11 17.61
C TYR C 47 -28.68 -11.31 18.62
N THR C 48 -28.36 -11.58 19.85
CA THR C 48 -29.30 -11.50 21.02
C THR C 48 -29.41 -10.07 21.60
N SER C 49 -30.60 -9.41 21.55
CA SER C 49 -30.81 -8.07 22.14
C SER C 49 -31.76 -8.10 23.36
N TYR C 50 -31.52 -7.26 24.33
CA TYR C 50 -32.34 -7.06 25.53
C TYR C 50 -32.58 -5.58 25.66
N LEU C 51 -33.67 -5.17 26.29
CA LEU C 51 -33.79 -3.79 26.76
C LEU C 51 -33.80 -3.87 28.27
N ALA C 52 -33.03 -2.99 28.86
CA ALA C 52 -33.05 -2.76 30.30
C ALA C 52 -32.98 -1.28 30.62
N TYR C 53 -33.23 -0.94 31.87
CA TYR C 53 -33.15 0.44 32.35
C TYR C 53 -32.05 0.65 33.38
N ALA C 54 -31.37 1.78 33.20
CA ALA C 54 -30.17 2.22 33.95
C ALA C 54 -30.53 3.54 34.60
N ASP C 55 -30.83 3.49 35.90
CA ASP C 55 -31.38 4.61 36.71
C ASP C 55 -32.50 5.28 35.87
N GLY C 56 -33.43 4.51 35.30
CA GLY C 56 -34.64 5.08 34.69
C GLY C 56 -34.50 5.30 33.19
N LYS C 57 -33.34 4.95 32.60
CA LYS C 57 -33.02 5.25 31.19
C LYS C 57 -32.88 3.99 30.35
N PRO C 58 -33.62 3.92 29.25
CA PRO C 58 -33.61 2.70 28.42
C PRO C 58 -32.24 2.46 27.78
N VAL C 59 -31.75 1.21 27.84
CA VAL C 59 -30.42 0.75 27.33
C VAL C 59 -30.66 -0.50 26.52
N VAL C 60 -30.23 -0.56 25.26
CA VAL C 60 -30.19 -1.83 24.49
C VAL C 60 -28.97 -2.56 25.05
N ILE C 61 -29.10 -3.85 25.17
CA ILE C 61 -27.93 -4.77 25.29
C ILE C 61 -27.99 -5.70 24.10
N CYS C 62 -27.00 -5.63 23.24
CA CYS C 62 -27.01 -6.36 21.96
C CYS C 62 -25.65 -7.01 21.76
N SER C 63 -25.62 -8.31 21.54
CA SER C 63 -24.35 -8.98 21.18
C SER C 63 -24.00 -8.74 19.71
N THR C 64 -22.74 -8.87 19.40
CA THR C 64 -22.14 -8.45 18.11
C THR C 64 -21.61 -9.69 17.41
N GLY C 65 -21.44 -10.77 18.16
CA GLY C 65 -20.53 -11.87 17.82
C GLY C 65 -19.07 -11.43 17.73
N ILE C 66 -18.22 -12.37 17.33
CA ILE C 66 -16.77 -12.13 17.18
C ILE C 66 -16.48 -11.42 15.86
N GLY C 67 -15.80 -10.28 15.94
CA GLY C 67 -14.97 -9.75 14.86
C GLY C 67 -15.75 -8.67 14.14
N GLY C 68 -15.04 -7.74 13.53
CA GLY C 68 -15.66 -6.48 13.07
C GLY C 68 -16.79 -6.57 12.05
N PRO C 69 -16.80 -7.50 11.07
CA PRO C 69 -17.94 -7.63 10.15
C PRO C 69 -19.28 -7.79 10.92
N SER C 70 -19.37 -8.80 11.76
CA SER C 70 -20.59 -9.08 12.56
C SER C 70 -20.98 -7.85 13.43
N THR C 71 -20.01 -7.14 14.00
CA THR C 71 -20.11 -5.91 14.83
C THR C 71 -20.70 -4.78 13.96
N SER C 72 -20.14 -4.62 12.78
CA SER C 72 -20.58 -3.56 11.82
C SER C 72 -22.04 -3.67 11.46
N ILE C 73 -22.59 -4.89 11.34
CA ILE C 73 -24.04 -5.02 11.02
C ILE C 73 -24.86 -4.64 12.27
N ALA C 74 -24.51 -5.08 13.50
CA ALA C 74 -25.20 -4.77 14.80
C ALA C 74 -25.21 -3.25 14.98
N VAL C 75 -24.07 -2.60 14.73
CA VAL C 75 -23.86 -1.17 15.06
C VAL C 75 -24.69 -0.41 13.99
N GLU C 76 -24.52 -0.70 12.69
CA GLU C 76 -25.33 -0.01 11.64
C GLU C 76 -26.84 -0.08 12.01
N GLU C 77 -27.34 -1.27 12.31
CA GLU C 77 -28.81 -1.57 12.38
C GLU C 77 -29.38 -0.98 13.64
N LEU C 78 -28.77 -1.18 14.78
CA LEU C 78 -29.05 -0.36 16.00
C LEU C 78 -29.08 1.14 15.68
N ALA C 79 -28.14 1.71 14.92
CA ALA C 79 -28.13 3.17 14.67
C ALA C 79 -29.39 3.45 13.86
N GLN C 80 -29.74 2.55 12.99
CA GLN C 80 -30.95 2.79 12.15
C GLN C 80 -32.20 2.90 13.07
N LEU C 81 -32.11 2.50 14.33
CA LEU C 81 -33.20 2.49 15.36
C LEU C 81 -33.02 3.56 16.45
N GLY C 82 -31.97 4.38 16.36
CA GLY C 82 -31.80 5.60 17.15
C GLY C 82 -30.60 5.57 18.06
N VAL C 83 -29.90 4.45 18.07
CA VAL C 83 -28.73 4.39 18.99
C VAL C 83 -27.67 5.33 18.41
N ASN C 84 -27.02 6.07 19.29
CA ASN C 84 -25.94 6.96 18.90
C ASN C 84 -24.68 6.78 19.77
N THR C 85 -24.62 5.75 20.62
CA THR C 85 -23.55 5.52 21.62
C THR C 85 -23.46 4.02 21.75
N PHE C 86 -22.24 3.49 21.68
CA PHE C 86 -21.96 2.04 21.69
C PHE C 86 -20.83 1.79 22.70
N LEU C 87 -21.12 1.08 23.79
CA LEU C 87 -20.17 0.85 24.89
C LEU C 87 -19.82 -0.61 24.82
N ARG C 88 -18.58 -0.86 24.53
CA ARG C 88 -18.16 -2.23 24.23
C ARG C 88 -17.61 -2.71 25.55
N VAL C 89 -17.94 -3.95 25.87
CA VAL C 89 -17.40 -4.58 27.11
C VAL C 89 -16.99 -5.97 26.73
N GLY C 90 -15.93 -6.45 27.38
CA GLY C 90 -15.54 -7.84 27.14
C GLY C 90 -14.29 -8.22 27.89
N SER C 91 -13.60 -9.22 27.33
CA SER C 91 -12.37 -9.86 27.87
C SER C 91 -11.22 -9.61 26.90
N THR C 92 -9.97 -9.87 27.33
CA THR C 92 -8.77 -9.48 26.55
C THR C 92 -7.56 -10.33 26.95
N GLY C 93 -6.60 -10.43 26.02
CA GLY C 93 -5.23 -10.89 26.30
C GLY C 93 -4.30 -9.69 26.47
N ALA C 94 -3.74 -9.50 27.68
CA ALA C 94 -2.71 -8.46 27.94
C ALA C 94 -1.41 -8.91 27.30
N ILE C 95 -0.65 -8.01 26.72
CA ILE C 95 0.65 -8.35 26.08
C ILE C 95 1.75 -7.57 26.78
N GLN C 96 1.44 -6.77 27.79
CA GLN C 96 2.45 -6.08 28.65
C GLN C 96 2.62 -6.85 29.95
N PRO C 97 3.86 -7.03 30.47
CA PRO C 97 4.01 -7.84 31.68
C PRO C 97 3.60 -7.13 32.97
N HIS C 98 3.06 -5.92 32.89
CA HIS C 98 2.65 -5.14 34.09
C HIS C 98 1.12 -5.12 34.14
N VAL C 99 0.49 -5.64 33.09
CA VAL C 99 -0.99 -5.82 33.10
C VAL C 99 -1.30 -7.22 33.64
N ASN C 100 -1.74 -7.28 34.89
CA ASN C 100 -2.07 -8.56 35.60
C ASN C 100 -3.46 -9.02 35.17
N VAL C 101 -3.70 -10.33 35.20
CA VAL C 101 -5.02 -11.00 34.96
C VAL C 101 -6.04 -10.55 36.03
N GLY C 102 -7.23 -10.14 35.58
CA GLY C 102 -8.18 -9.39 36.42
C GLY C 102 -7.86 -7.91 36.43
N ASP C 103 -6.90 -7.41 35.62
CA ASP C 103 -6.77 -5.94 35.49
C ASP C 103 -7.92 -5.48 34.58
N VAL C 104 -8.22 -4.21 34.61
CA VAL C 104 -9.18 -3.61 33.63
C VAL C 104 -8.42 -2.77 32.62
N ILE C 105 -8.77 -2.92 31.34
CA ILE C 105 -8.27 -2.00 30.33
C ILE C 105 -9.38 -1.16 29.71
N VAL C 106 -9.18 0.15 29.73
CA VAL C 106 -9.99 1.12 28.92
C VAL C 106 -9.19 1.54 27.67
N THR C 107 -9.78 1.30 26.51
CA THR C 107 -9.08 1.40 25.21
C THR C 107 -9.32 2.79 24.64
N GLN C 108 -8.29 3.64 24.62
CA GLN C 108 -8.45 4.97 24.01
C GLN C 108 -8.56 4.84 22.48
N ALA C 109 -7.67 4.09 21.85
CA ALA C 109 -7.66 3.99 20.37
C ALA C 109 -7.08 2.66 19.96
N SER C 110 -7.25 2.24 18.71
CA SER C 110 -6.78 0.85 18.40
C SER C 110 -5.88 0.75 17.16
N VAL C 111 -4.87 -0.09 17.23
CA VAL C 111 -4.16 -0.57 16.03
C VAL C 111 -5.21 -1.27 15.17
N ARG C 112 -5.28 -0.88 13.88
CA ARG C 112 -6.23 -1.45 12.89
C ARG C 112 -5.67 -2.72 12.23
N LEU C 113 -5.79 -3.89 12.91
CA LEU C 113 -5.44 -5.19 12.30
C LEU C 113 -6.71 -5.85 11.85
N ASP C 114 -7.68 -5.02 11.42
CA ASP C 114 -8.96 -5.54 10.90
C ASP C 114 -9.07 -5.13 9.41
N GLY C 115 -10.05 -5.70 8.72
CA GLY C 115 -10.53 -5.17 7.43
C GLY C 115 -11.74 -4.28 7.57
N ALA C 116 -12.75 -4.55 8.43
CA ALA C 116 -14.03 -3.74 8.37
C ALA C 116 -13.76 -2.22 8.55
N SER C 117 -12.86 -1.81 9.44
CA SER C 117 -12.43 -0.41 9.63
C SER C 117 -12.18 0.24 8.24
N LEU C 118 -11.69 -0.48 7.24
CA LEU C 118 -11.25 0.11 5.96
C LEU C 118 -12.50 0.35 5.11
N HIS C 119 -13.66 -0.20 5.55
CA HIS C 119 -14.94 0.00 4.80
C HIS C 119 -15.60 1.30 5.26
N PHE C 120 -15.00 2.03 6.23
CA PHE C 120 -15.47 3.36 6.70
C PHE C 120 -14.43 4.48 6.52
N ALA C 121 -13.11 4.20 6.61
CA ALA C 121 -12.04 5.21 6.49
C ALA C 121 -10.76 4.56 5.99
N PRO C 122 -9.88 5.31 5.30
CA PRO C 122 -8.63 4.76 4.84
C PRO C 122 -7.86 4.54 6.14
N MET C 123 -6.84 3.72 6.04
CA MET C 123 -6.05 3.38 7.23
C MET C 123 -5.41 4.57 7.94
N GLU C 124 -5.05 5.66 7.23
CA GLU C 124 -4.56 6.88 7.92
C GLU C 124 -5.52 7.42 9.01
N PHE C 125 -6.81 7.06 9.01
CA PHE C 125 -7.77 7.61 9.99
C PHE C 125 -7.60 6.88 11.31
N PRO C 126 -7.52 7.57 12.47
CA PRO C 126 -7.27 6.86 13.74
C PRO C 126 -8.58 6.17 14.22
N ALA C 127 -8.37 5.02 14.80
CA ALA C 127 -9.38 4.08 15.31
C ALA C 127 -9.55 4.44 16.78
N VAL C 128 -10.14 5.61 16.97
CA VAL C 128 -10.10 6.36 18.24
C VAL C 128 -11.46 6.28 18.95
N ALA C 129 -11.48 6.08 20.27
CA ALA C 129 -12.74 6.04 21.06
C ALA C 129 -13.28 7.49 21.27
N ASN C 130 -14.58 7.62 21.51
CA ASN C 130 -15.19 8.89 21.97
C ASN C 130 -14.57 9.33 23.31
N PHE C 131 -14.10 10.59 23.37
CA PHE C 131 -13.40 11.16 24.54
C PHE C 131 -14.35 11.16 25.74
N GLU C 132 -15.58 11.66 25.53
CA GLU C 132 -16.57 11.73 26.64
C GLU C 132 -16.91 10.34 27.16
N CYS C 133 -17.13 9.34 26.30
CA CYS C 133 -17.55 8.02 26.77
C CYS C 133 -16.27 7.45 27.41
N THR C 134 -15.11 7.70 26.82
CA THR C 134 -13.86 7.12 27.42
C THR C 134 -13.69 7.67 28.84
N THR C 135 -14.00 8.96 29.03
CA THR C 135 -13.84 9.70 30.30
C THR C 135 -14.81 9.05 31.31
N ALA C 136 -16.02 8.70 30.83
CA ALA C 136 -17.10 8.04 31.60
C ALA C 136 -16.68 6.62 32.07
N MET C 137 -15.97 5.86 31.24
CA MET C 137 -15.44 4.50 31.56
C MET C 137 -14.40 4.66 32.66
N VAL C 138 -13.51 5.62 32.46
CA VAL C 138 -12.33 5.83 33.36
C VAL C 138 -12.87 6.18 34.74
N ALA C 139 -13.86 7.08 34.82
CA ALA C 139 -14.49 7.49 36.09
C ALA C 139 -15.20 6.32 36.78
N ALA C 140 -15.94 5.51 36.03
CA ALA C 140 -16.67 4.35 36.54
C ALA C 140 -15.66 3.37 37.15
N CYS C 141 -14.53 3.09 36.49
CA CYS C 141 -13.42 2.30 37.10
C CYS C 141 -13.09 2.92 38.46
N ARG C 142 -12.81 4.22 38.51
CA ARG C 142 -12.23 4.83 39.74
C ARG C 142 -13.30 4.83 40.85
N ASP C 143 -14.60 4.84 40.50
CA ASP C 143 -15.69 4.82 41.51
C ASP C 143 -15.68 3.43 42.17
N ALA C 144 -15.25 2.40 41.42
CA ALA C 144 -15.29 0.99 41.86
C ALA C 144 -13.97 0.62 42.55
N GLY C 145 -13.09 1.56 42.77
CA GLY C 145 -11.77 1.32 43.40
C GLY C 145 -10.78 0.72 42.41
N VAL C 146 -10.97 0.88 41.09
CA VAL C 146 -10.09 0.28 40.03
C VAL C 146 -9.41 1.41 39.23
N GLU C 147 -8.06 1.44 39.22
CA GLU C 147 -7.24 2.29 38.30
C GLU C 147 -6.97 1.52 37.02
N PRO C 148 -7.64 1.87 35.91
CA PRO C 148 -7.45 1.10 34.70
C PRO C 148 -6.14 1.47 34.02
N HIS C 149 -5.67 0.55 33.19
CA HIS C 149 -4.72 0.83 32.11
C HIS C 149 -5.51 1.55 31.02
N ILE C 150 -5.00 2.67 30.53
CA ILE C 150 -5.65 3.51 29.49
C ILE C 150 -4.62 3.58 28.36
N GLY C 151 -4.90 3.06 27.19
CA GLY C 151 -4.03 3.31 26.05
C GLY C 151 -4.53 2.57 24.87
N VAL C 152 -3.56 2.05 24.14
CA VAL C 152 -3.73 1.46 22.79
C VAL C 152 -3.93 -0.06 22.84
N THR C 153 -4.93 -0.51 22.10
CA THR C 153 -5.25 -1.97 21.96
C THR C 153 -4.98 -2.44 20.55
N ALA C 154 -4.39 -3.63 20.36
CA ALA C 154 -4.32 -4.23 19.01
C ALA C 154 -5.59 -5.03 18.68
N SER C 155 -6.40 -4.52 17.72
CA SER C 155 -7.70 -5.08 17.30
C SER C 155 -7.49 -5.89 16.01
N SER C 156 -7.58 -7.24 16.13
CA SER C 156 -7.18 -8.27 15.15
C SER C 156 -8.40 -8.97 14.58
N ASP C 157 -8.45 -9.08 13.27
CA ASP C 157 -9.41 -9.89 12.46
C ASP C 157 -9.21 -11.39 12.79
N THR C 158 -8.14 -11.84 13.54
CA THR C 158 -8.08 -13.31 13.86
C THR C 158 -7.66 -13.47 15.33
N PHE C 159 -7.93 -14.62 15.89
CA PHE C 159 -7.65 -14.87 17.33
C PHE C 159 -6.21 -15.47 17.35
N TYR C 160 -5.87 -16.12 16.27
CA TYR C 160 -4.67 -17.03 16.16
C TYR C 160 -3.52 -16.25 15.51
N PRO C 161 -3.35 -16.22 14.17
CA PRO C 161 -2.12 -15.70 13.62
C PRO C 161 -1.88 -14.19 13.83
N GLY C 162 -2.89 -13.35 13.57
CA GLY C 162 -2.97 -11.90 13.83
C GLY C 162 -2.62 -11.44 15.22
N GLN C 163 -2.71 -12.31 16.24
CA GLN C 163 -2.38 -12.06 17.67
C GLN C 163 -1.10 -12.86 17.93
N GLU C 164 -0.49 -13.37 16.87
CA GLU C 164 0.85 -14.03 16.93
C GLU C 164 0.83 -15.25 17.84
N ARG C 165 -0.23 -16.05 17.66
CA ARG C 165 -0.44 -17.38 18.31
C ARG C 165 0.19 -18.44 17.42
N TYR C 166 1.07 -19.26 18.03
CA TYR C 166 1.78 -20.35 17.34
C TYR C 166 1.18 -21.71 17.66
N ASP C 167 0.34 -21.80 18.71
CA ASP C 167 -0.18 -23.12 19.15
C ASP C 167 -1.36 -23.58 18.29
N THR C 168 -1.10 -23.79 17.00
CA THR C 168 -2.09 -23.95 15.94
C THR C 168 -1.76 -25.22 15.16
N VAL C 169 -2.58 -25.56 14.20
CA VAL C 169 -2.38 -26.82 13.43
C VAL C 169 -1.03 -26.75 12.72
N THR C 170 -0.78 -25.67 12.03
CA THR C 170 0.39 -25.54 11.12
C THR C 170 1.55 -24.93 11.87
N GLY C 171 1.21 -24.20 12.92
CA GLY C 171 2.14 -23.51 13.85
C GLY C 171 2.93 -22.44 13.15
N ARG C 172 2.41 -21.93 12.02
CA ARG C 172 3.05 -20.85 11.21
C ARG C 172 2.25 -19.54 11.37
N VAL C 173 2.98 -18.44 11.38
CA VAL C 173 2.37 -17.07 11.25
C VAL C 173 2.93 -16.45 9.97
N THR C 174 2.03 -15.95 9.10
CA THR C 174 2.44 -15.32 7.88
C THR C 174 3.35 -14.12 8.25
N ARG C 175 4.38 -13.91 7.42
CA ARG C 175 5.42 -12.82 7.52
C ARG C 175 4.85 -11.57 8.16
N ARG C 176 3.79 -11.02 7.58
CA ARG C 176 3.34 -9.75 8.07
C ARG C 176 3.12 -9.69 9.60
N PHE C 177 2.71 -10.81 10.24
CA PHE C 177 2.42 -10.92 11.69
C PHE C 177 3.63 -11.64 12.37
N ALA C 178 4.60 -12.12 11.67
CA ALA C 178 5.78 -12.71 12.40
C ALA C 178 6.58 -11.56 13.07
N GLY C 179 6.66 -11.60 14.41
CA GLY C 179 7.27 -10.67 15.37
C GLY C 179 6.35 -9.50 15.72
N SER C 180 5.11 -9.57 15.24
CA SER C 180 4.12 -8.46 15.41
C SER C 180 3.85 -8.18 16.88
N MET C 181 3.41 -9.15 17.72
CA MET C 181 3.32 -8.97 19.20
C MET C 181 4.40 -8.06 19.79
N LYS C 182 5.69 -8.34 19.57
CA LYS C 182 6.83 -7.62 20.20
C LYS C 182 6.80 -6.18 19.75
N GLU C 183 6.66 -6.02 18.45
CA GLU C 183 6.47 -4.70 17.80
C GLU C 183 5.45 -3.90 18.58
N TRP C 184 4.26 -4.47 18.85
CA TRP C 184 3.16 -3.81 19.61
C TRP C 184 3.60 -3.60 21.04
N GLN C 185 4.36 -4.56 21.59
CA GLN C 185 4.83 -4.49 22.99
C GLN C 185 5.73 -3.28 23.16
N ASP C 186 6.65 -3.21 22.22
CA ASP C 186 7.69 -2.18 22.17
C ASP C 186 6.97 -0.86 21.96
N MET C 187 5.88 -0.87 21.21
CA MET C 187 5.05 0.35 21.05
C MET C 187 4.17 0.69 22.28
N GLY C 188 4.12 -0.09 23.37
CA GLY C 188 3.29 0.23 24.54
C GLY C 188 1.79 -0.10 24.40
N VAL C 189 1.43 -0.82 23.33
CA VAL C 189 0.11 -1.49 23.13
C VAL C 189 -0.11 -2.46 24.26
N LEU C 190 -1.29 -2.34 24.87
CA LEU C 190 -1.68 -3.05 26.11
C LEU C 190 -2.20 -4.50 25.91
N ASN C 191 -2.83 -4.83 24.78
CA ASN C 191 -3.75 -5.99 24.72
C ASN C 191 -4.21 -6.22 23.30
N TYR C 192 -4.73 -7.41 23.08
CA TYR C 192 -5.44 -7.80 21.86
C TYR C 192 -6.92 -8.11 22.16
N GLU C 193 -7.79 -7.66 21.24
CA GLU C 193 -9.20 -8.08 21.08
C GLU C 193 -9.52 -7.96 19.60
N MET C 194 -10.77 -8.19 19.17
CA MET C 194 -11.11 -8.53 17.80
C MET C 194 -12.18 -7.55 17.22
N GLU C 195 -12.56 -6.54 17.90
CA GLU C 195 -13.72 -5.65 17.44
C GLU C 195 -13.44 -4.11 17.56
N SER C 196 -12.57 -3.61 18.40
CA SER C 196 -12.58 -2.17 18.81
C SER C 196 -12.16 -1.31 17.62
N ALA C 197 -11.30 -1.85 16.74
CA ALA C 197 -10.76 -1.16 15.57
C ALA C 197 -12.00 -0.87 14.70
N THR C 198 -12.81 -1.90 14.46
CA THR C 198 -14.02 -1.67 13.60
C THR C 198 -14.97 -0.70 14.27
N LEU C 199 -15.37 -1.02 15.53
CA LEU C 199 -16.36 -0.29 16.30
C LEU C 199 -15.95 1.19 16.27
N PHE C 200 -14.71 1.48 16.64
CA PHE C 200 -14.22 2.86 16.85
C PHE C 200 -14.18 3.67 15.55
N THR C 201 -13.66 3.07 14.46
CA THR C 201 -13.60 3.68 13.13
C THR C 201 -15.04 3.93 12.69
N MET C 202 -15.90 2.89 12.69
CA MET C 202 -17.23 3.17 12.09
C MET C 202 -17.99 4.22 12.91
N CYS C 203 -17.84 4.27 14.22
CA CYS C 203 -18.64 5.24 15.02
C CYS C 203 -18.05 6.63 14.77
N ALA C 204 -16.74 6.79 14.93
CA ALA C 204 -15.99 8.06 14.68
C ALA C 204 -16.40 8.70 13.34
N THR C 205 -16.41 7.90 12.24
CA THR C 205 -16.70 8.38 10.88
C THR C 205 -18.20 8.68 10.77
N GLN C 206 -19.08 7.99 11.48
CA GLN C 206 -20.55 8.06 11.23
C GLN C 206 -21.21 8.94 12.29
N GLY C 207 -20.47 9.71 13.08
CA GLY C 207 -21.02 10.65 14.09
C GLY C 207 -21.67 9.94 15.29
N TRP C 208 -21.19 8.75 15.69
CA TRP C 208 -21.69 8.03 16.88
C TRP C 208 -20.56 7.96 17.90
N ARG C 209 -20.87 7.85 19.16
CA ARG C 209 -19.83 7.76 20.21
C ARG C 209 -19.58 6.33 20.58
N ALA C 210 -18.34 6.02 20.93
CA ALA C 210 -17.98 4.63 21.23
C ALA C 210 -17.01 4.64 22.37
N ALA C 211 -16.90 3.50 23.05
CA ALA C 211 -15.82 3.27 24.04
C ALA C 211 -15.66 1.79 24.34
N CYS C 212 -14.65 1.44 25.12
CA CYS C 212 -14.30 -0.02 25.24
C CYS C 212 -13.71 -0.18 26.60
N VAL C 213 -14.27 -1.11 27.39
CA VAL C 213 -13.65 -1.49 28.70
C VAL C 213 -13.53 -2.98 28.68
N ALA C 214 -12.53 -3.53 29.34
CA ALA C 214 -12.34 -4.97 29.10
C ALA C 214 -11.56 -5.43 30.33
N GLY C 215 -11.85 -6.64 30.75
CA GLY C 215 -11.10 -7.36 31.81
C GLY C 215 -10.09 -8.31 31.25
N VAL C 216 -8.96 -8.49 31.94
CA VAL C 216 -7.76 -9.20 31.41
C VAL C 216 -7.87 -10.66 31.87
N ILE C 217 -7.86 -11.62 30.93
CA ILE C 217 -8.16 -13.06 31.20
C ILE C 217 -6.95 -13.92 30.85
N VAL C 218 -5.94 -13.38 30.16
CA VAL C 218 -4.65 -14.09 29.93
C VAL C 218 -3.60 -12.99 29.88
N ASN C 219 -2.37 -13.31 30.23
CA ASN C 219 -1.23 -12.43 29.91
C ASN C 219 -0.40 -13.19 28.89
N ARG C 220 -0.14 -12.56 27.72
CA ARG C 220 0.44 -13.20 26.52
C ARG C 220 1.96 -13.40 26.66
N THR C 221 2.57 -12.72 27.64
CA THR C 221 4.00 -12.89 28.05
C THR C 221 4.14 -14.23 28.79
N GLN C 222 3.02 -14.84 29.22
CA GLN C 222 3.01 -16.12 29.98
C GLN C 222 2.58 -17.31 29.12
N GLN C 223 1.45 -17.18 28.41
CA GLN C 223 0.71 -18.30 27.78
C GLN C 223 -0.27 -17.75 26.74
N GLU C 224 -0.68 -18.58 25.79
CA GLU C 224 -1.53 -18.18 24.63
C GLU C 224 -2.99 -18.19 25.06
N ILE C 225 -3.49 -19.32 25.59
CA ILE C 225 -4.94 -19.46 25.95
C ILE C 225 -5.12 -19.31 27.46
N PRO C 226 -6.21 -18.61 27.88
CA PRO C 226 -6.62 -18.52 29.29
C PRO C 226 -6.88 -19.86 30.00
N ASP C 227 -6.42 -20.00 31.25
CA ASP C 227 -6.88 -21.03 32.23
C ASP C 227 -8.39 -20.87 32.43
N GLU C 228 -9.12 -21.96 32.72
CA GLU C 228 -10.62 -22.05 32.69
C GLU C 228 -11.24 -21.61 34.03
N ALA C 229 -10.90 -20.40 34.51
CA ALA C 229 -11.28 -19.87 35.84
C ALA C 229 -12.07 -18.58 35.70
N VAL C 236 -17.30 -9.58 35.34
CA VAL C 236 -18.02 -9.07 36.54
C VAL C 236 -17.63 -7.60 36.76
N SER C 237 -16.33 -7.31 36.89
CA SER C 237 -15.81 -5.94 37.11
C SER C 237 -16.05 -5.10 35.86
N ALA C 238 -15.62 -5.55 34.65
CA ALA C 238 -15.75 -4.76 33.40
C ALA C 238 -17.24 -4.53 33.13
N VAL C 239 -18.04 -5.59 33.27
CA VAL C 239 -19.52 -5.53 33.02
C VAL C 239 -20.17 -4.63 34.07
N SER C 240 -19.67 -4.62 35.31
CA SER C 240 -20.10 -3.70 36.38
C SER C 240 -19.73 -2.26 35.99
N ILE C 241 -18.56 -2.08 35.39
CA ILE C 241 -18.03 -0.70 35.10
C ILE C 241 -18.85 -0.19 33.92
N VAL C 242 -19.16 -1.06 32.97
CA VAL C 242 -19.78 -0.53 31.72
C VAL C 242 -21.18 -0.11 32.08
N VAL C 243 -21.83 -0.81 33.00
CA VAL C 243 -23.19 -0.39 33.43
C VAL C 243 -23.06 0.92 34.23
N ALA C 244 -22.12 1.04 35.17
CA ALA C 244 -21.72 2.32 35.84
C ALA C 244 -21.60 3.46 34.82
N ALA C 245 -20.80 3.28 33.76
CA ALA C 245 -20.51 4.31 32.72
C ALA C 245 -21.82 4.68 32.03
N ALA C 246 -22.58 3.67 31.60
CA ALA C 246 -23.85 3.93 30.89
C ALA C 246 -24.72 4.85 31.75
N LYS C 247 -24.79 4.66 33.08
CA LYS C 247 -25.54 5.52 34.00
C LYS C 247 -24.95 6.96 33.91
N LYS C 248 -23.66 7.12 34.03
CA LYS C 248 -23.02 8.48 33.93
C LYS C 248 -23.53 9.19 32.66
N LEU C 249 -23.55 8.52 31.50
CA LEU C 249 -23.68 9.18 30.17
C LEU C 249 -25.15 9.48 29.91
N LEU C 250 -26.02 8.66 30.45
CA LEU C 250 -27.47 8.88 30.29
C LEU C 250 -27.99 9.86 31.35
N ALA C 251 -27.27 10.12 32.44
CA ALA C 251 -27.73 11.11 33.45
C ALA C 251 -28.26 12.37 32.72
N ALA D 1 2.34 41.63 2.68
CA ALA D 1 2.82 40.46 1.86
C ALA D 1 1.68 39.91 0.98
N ASP D 2 2.01 39.26 -0.14
CA ASP D 2 1.00 38.55 -0.96
C ASP D 2 1.13 37.04 -0.88
N VAL D 3 2.03 36.51 -0.05
CA VAL D 3 2.00 35.07 0.27
C VAL D 3 1.84 34.95 1.77
N PHE D 4 1.33 33.81 2.19
CA PHE D 4 0.75 33.66 3.53
C PHE D 4 1.84 33.39 4.55
N HIS D 5 2.90 32.71 4.17
CA HIS D 5 4.00 32.39 5.16
C HIS D 5 5.22 33.31 4.98
N LEU D 6 5.73 33.44 3.77
CA LEU D 6 7.11 33.97 3.55
C LEU D 6 7.18 35.47 3.84
N GLY D 7 6.07 36.20 3.66
CA GLY D 7 6.02 37.63 4.02
C GLY D 7 6.50 38.51 2.89
N LEU D 8 6.48 37.95 1.67
CA LEU D 8 7.10 38.49 0.44
C LEU D 8 5.98 39.06 -0.42
N THR D 9 6.36 39.95 -1.32
CA THR D 9 5.53 40.40 -2.45
C THR D 9 6.38 40.08 -3.67
N LYS D 10 5.82 40.07 -4.87
CA LYS D 10 6.59 39.82 -6.10
C LYS D 10 7.66 40.89 -6.33
N ALA D 11 7.32 42.19 -6.23
CA ALA D 11 8.23 43.33 -6.45
C ALA D 11 9.50 43.13 -5.62
N MET D 12 9.35 42.64 -4.39
CA MET D 12 10.51 42.41 -3.49
C MET D 12 11.56 41.54 -4.21
N LEU D 13 11.13 40.55 -4.98
CA LEU D 13 12.07 39.67 -5.72
C LEU D 13 12.78 40.36 -6.93
N ASP D 14 12.38 41.58 -7.33
CA ASP D 14 13.02 42.28 -8.48
C ASP D 14 13.10 41.41 -9.76
N GLY D 15 12.11 40.54 -10.05
CA GLY D 15 12.10 39.71 -11.27
C GLY D 15 12.89 38.39 -11.14
N ALA D 16 13.46 38.16 -9.98
CA ALA D 16 14.12 36.86 -9.72
C ALA D 16 13.17 35.70 -10.08
N THR D 17 13.68 34.69 -10.77
CA THR D 17 12.89 33.49 -11.14
C THR D 17 13.61 32.25 -10.59
N LEU D 18 14.63 32.46 -9.79
CA LEU D 18 15.54 31.36 -9.32
C LEU D 18 15.87 31.60 -7.86
N ALA D 19 15.68 30.56 -7.07
CA ALA D 19 16.02 30.53 -5.65
C ALA D 19 17.11 29.47 -5.47
N ILE D 20 17.95 29.79 -4.52
CA ILE D 20 18.86 28.88 -3.71
C ILE D 20 18.12 28.72 -2.39
N VAL D 21 17.92 27.48 -1.97
CA VAL D 21 16.95 27.11 -0.92
C VAL D 21 17.71 26.21 0.04
N PRO D 22 18.49 26.83 0.91
CA PRO D 22 19.18 26.04 1.96
C PRO D 22 18.13 25.69 3.03
N GLY D 23 18.49 24.92 4.05
CA GLY D 23 17.56 24.59 5.14
C GLY D 23 17.60 25.62 6.23
N ASP D 24 18.76 26.30 6.37
CA ASP D 24 19.04 26.99 7.65
C ASP D 24 18.84 28.50 7.52
N PRO D 25 17.90 29.11 8.30
CA PRO D 25 17.64 30.54 8.20
C PRO D 25 18.85 31.35 8.66
N GLU D 26 19.69 30.77 9.53
CA GLU D 26 20.93 31.38 10.11
C GLU D 26 21.95 31.68 9.01
N ARG D 27 21.92 30.91 7.91
CA ARG D 27 22.92 30.80 6.82
C ARG D 27 22.45 31.54 5.55
N VAL D 28 21.20 31.98 5.50
CA VAL D 28 20.65 32.63 4.26
C VAL D 28 21.53 33.85 3.97
N LYS D 29 21.74 34.74 4.94
CA LYS D 29 22.50 36.00 4.71
C LYS D 29 23.91 35.71 4.15
N ARG D 30 24.67 34.75 4.70
CA ARG D 30 26.06 34.41 4.26
C ARG D 30 26.08 33.94 2.79
N ILE D 31 25.12 33.07 2.44
CA ILE D 31 24.93 32.56 1.08
C ILE D 31 24.64 33.75 0.17
N ALA D 32 23.67 34.58 0.58
CA ALA D 32 23.35 35.86 -0.12
C ALA D 32 24.66 36.64 -0.36
N GLU D 33 25.51 36.76 0.68
CA GLU D 33 26.70 37.65 0.68
C GLU D 33 27.82 37.10 -0.21
N LEU D 34 27.66 35.90 -0.81
CA LEU D 34 28.52 35.33 -1.87
C LEU D 34 28.08 35.89 -3.21
N MET D 35 26.96 36.62 -3.19
CA MET D 35 26.46 37.33 -4.38
C MET D 35 26.65 38.84 -4.13
N ASP D 36 25.96 39.68 -4.90
CA ASP D 36 26.19 41.14 -4.96
C ASP D 36 24.93 41.83 -4.46
N ASN D 37 25.06 42.91 -3.70
CA ASN D 37 23.90 43.72 -3.26
C ASN D 37 22.93 42.83 -2.46
N ALA D 38 23.43 41.88 -1.65
CA ALA D 38 22.63 41.17 -0.62
C ALA D 38 21.64 42.14 0.05
N THR D 39 20.36 41.76 0.08
CA THR D 39 19.20 42.58 0.47
C THR D 39 18.25 41.69 1.28
N PHE D 40 17.97 42.07 2.54
CA PHE D 40 17.08 41.38 3.50
C PHE D 40 15.70 41.56 2.93
N LEU D 41 14.94 40.48 2.80
CA LEU D 41 13.57 40.63 2.28
C LEU D 41 12.63 40.42 3.46
N ALA D 42 12.60 39.20 4.00
CA ALA D 42 11.70 38.88 5.14
C ALA D 42 12.36 37.86 6.10
N SER D 43 11.89 37.81 7.36
CA SER D 43 12.05 36.65 8.27
C SER D 43 10.74 36.42 9.01
N HIS D 44 10.16 35.24 8.79
CA HIS D 44 8.98 34.71 9.49
C HIS D 44 9.20 33.22 9.71
N ARG D 45 8.96 32.76 10.92
CA ARG D 45 9.09 31.34 11.28
C ARG D 45 10.50 30.95 10.81
N GLU D 46 10.70 29.76 10.23
CA GLU D 46 11.98 29.17 9.74
C GLU D 46 12.40 29.78 8.39
N TYR D 47 11.58 30.67 7.83
CA TYR D 47 11.70 31.22 6.48
C TYR D 47 12.42 32.57 6.48
N THR D 48 13.75 32.58 6.37
CA THR D 48 14.52 33.81 6.10
C THR D 48 14.80 33.95 4.59
N SER D 49 14.37 35.06 3.97
CA SER D 49 14.56 35.34 2.52
C SER D 49 15.48 36.56 2.30
N TYR D 50 16.41 36.43 1.37
CA TYR D 50 17.29 37.50 0.87
C TYR D 50 17.15 37.56 -0.65
N LEU D 51 17.31 38.78 -1.17
CA LEU D 51 17.68 38.90 -2.59
C LEU D 51 19.17 39.19 -2.67
N ALA D 52 19.78 38.69 -3.74
CA ALA D 52 21.10 39.13 -4.22
C ALA D 52 21.24 38.99 -5.73
N TYR D 53 22.38 39.40 -6.28
CA TYR D 53 22.61 39.40 -7.74
C TYR D 53 23.78 38.51 -8.12
N ALA D 54 23.48 37.65 -9.07
CA ALA D 54 24.37 36.61 -9.58
C ALA D 54 24.85 37.09 -10.95
N ASP D 55 25.95 37.84 -10.94
CA ASP D 55 26.56 38.41 -12.16
C ASP D 55 25.41 39.21 -12.81
N GLY D 56 24.83 40.09 -12.02
CA GLY D 56 23.75 41.02 -12.44
C GLY D 56 22.38 40.40 -12.47
N LYS D 57 22.24 39.07 -12.27
CA LYS D 57 20.93 38.39 -12.30
C LYS D 57 20.30 38.29 -10.91
N PRO D 58 19.08 38.79 -10.73
CA PRO D 58 18.42 38.63 -9.42
C PRO D 58 18.20 37.16 -9.02
N VAL D 59 18.59 36.86 -7.78
CA VAL D 59 18.40 35.54 -7.14
C VAL D 59 17.74 35.77 -5.79
N VAL D 60 16.72 34.99 -5.48
CA VAL D 60 16.20 34.86 -4.11
C VAL D 60 16.90 33.72 -3.38
N ILE D 61 17.25 33.98 -2.13
CA ILE D 61 17.80 32.97 -1.16
C ILE D 61 16.79 32.85 -0.01
N CYS D 62 16.22 31.67 0.17
CA CYS D 62 15.15 31.40 1.13
C CYS D 62 15.43 30.09 1.89
N SER D 63 15.41 30.15 3.20
CA SER D 63 15.54 28.95 4.04
C SER D 63 14.22 28.13 3.96
N THR D 64 14.36 26.80 3.93
CA THR D 64 13.24 25.82 3.89
C THR D 64 12.86 25.33 5.29
N GLY D 65 13.69 25.47 6.34
CA GLY D 65 13.48 24.73 7.59
C GLY D 65 13.79 23.26 7.29
N ILE D 66 13.76 22.38 8.30
CA ILE D 66 14.04 20.94 8.02
C ILE D 66 12.77 20.23 7.53
N GLY D 67 12.90 19.46 6.43
CA GLY D 67 12.00 18.43 5.95
C GLY D 67 11.04 18.97 4.91
N GLY D 68 10.36 18.03 4.22
CA GLY D 68 9.53 18.32 3.03
C GLY D 68 8.34 19.21 3.31
N PRO D 69 7.67 19.19 4.50
CA PRO D 69 6.48 20.01 4.67
C PRO D 69 6.84 21.50 4.63
N SER D 70 7.76 21.91 5.45
CA SER D 70 8.28 23.33 5.44
C SER D 70 8.85 23.74 4.07
N THR D 71 9.50 22.85 3.36
CA THR D 71 10.12 23.07 2.00
C THR D 71 8.94 23.40 1.07
N SER D 72 7.91 22.57 1.15
CA SER D 72 6.71 22.61 0.23
C SER D 72 6.06 23.93 0.30
N ILE D 73 5.96 24.48 1.50
CA ILE D 73 5.35 25.83 1.66
C ILE D 73 6.25 26.83 0.92
N ALA D 74 7.53 26.84 1.21
CA ALA D 74 8.49 27.84 0.65
C ALA D 74 8.46 27.82 -0.87
N VAL D 75 8.40 26.63 -1.47
CA VAL D 75 8.60 26.44 -2.93
C VAL D 75 7.26 26.91 -3.54
N GLU D 76 6.10 26.52 -2.98
CA GLU D 76 4.77 26.94 -3.54
C GLU D 76 4.77 28.48 -3.57
N GLU D 77 5.24 29.10 -2.51
CA GLU D 77 5.04 30.55 -2.19
C GLU D 77 6.03 31.36 -3.02
N LEU D 78 7.29 30.94 -3.06
CA LEU D 78 8.23 31.49 -4.06
C LEU D 78 7.63 31.34 -5.44
N ALA D 79 6.95 30.24 -5.78
CA ALA D 79 6.61 29.97 -7.20
C ALA D 79 5.39 30.87 -7.48
N GLN D 80 4.65 31.26 -6.47
CA GLN D 80 3.48 32.24 -6.75
C GLN D 80 4.10 33.59 -7.17
N LEU D 81 5.33 33.80 -6.75
CA LEU D 81 6.05 35.09 -6.90
C LEU D 81 6.95 35.05 -8.15
N GLY D 82 6.99 33.96 -8.98
CA GLY D 82 7.57 33.76 -10.29
C GLY D 82 8.87 32.94 -10.24
N VAL D 83 9.18 32.42 -9.08
CA VAL D 83 10.33 31.50 -9.13
C VAL D 83 9.91 30.22 -9.90
N ASN D 84 10.76 29.81 -10.83
CA ASN D 84 10.55 28.58 -11.57
C ASN D 84 11.73 27.64 -11.41
N THR D 85 12.57 27.86 -10.40
CA THR D 85 13.82 27.03 -10.38
C THR D 85 14.39 27.04 -8.99
N PHE D 86 14.67 25.83 -8.48
CA PHE D 86 14.98 25.77 -7.05
C PHE D 86 16.25 24.96 -6.92
N LEU D 87 17.35 25.58 -6.53
CA LEU D 87 18.65 24.90 -6.19
C LEU D 87 18.74 24.71 -4.68
N ARG D 88 18.76 23.44 -4.25
CA ARG D 88 18.93 23.03 -2.84
C ARG D 88 20.45 22.89 -2.69
N VAL D 89 21.00 23.56 -1.68
CA VAL D 89 22.37 23.29 -1.16
C VAL D 89 22.27 22.82 0.28
N GLY D 90 23.19 22.00 0.78
CA GLY D 90 23.07 21.75 2.22
C GLY D 90 24.13 20.74 2.63
N SER D 91 23.91 20.09 3.79
CA SER D 91 24.82 19.04 4.34
C SER D 91 24.18 17.67 4.14
N THR D 92 24.98 16.61 4.25
CA THR D 92 24.45 15.24 4.05
C THR D 92 25.29 14.21 4.85
N GLY D 93 24.67 13.10 5.22
CA GLY D 93 25.51 11.98 5.72
C GLY D 93 25.71 10.93 4.61
N ALA D 94 26.96 10.48 4.40
CA ALA D 94 27.32 9.50 3.36
C ALA D 94 27.06 8.11 3.91
N ILE D 95 26.52 7.23 3.07
CA ILE D 95 26.19 5.86 3.50
C ILE D 95 27.05 4.83 2.75
N GLN D 96 27.84 5.27 1.77
CA GLN D 96 28.86 4.48 1.04
C GLN D 96 30.25 4.70 1.64
N PRO D 97 31.03 3.62 1.84
CA PRO D 97 32.30 3.73 2.54
C PRO D 97 33.32 4.57 1.76
N HIS D 98 33.20 4.68 0.43
CA HIS D 98 34.13 5.44 -0.47
C HIS D 98 33.76 6.93 -0.57
N VAL D 99 32.63 7.34 -0.01
CA VAL D 99 32.15 8.76 -0.08
C VAL D 99 32.71 9.47 1.15
N ASN D 100 33.76 10.28 0.98
CA ASN D 100 34.56 10.84 2.09
C ASN D 100 33.93 12.12 2.66
N VAL D 101 34.07 12.36 3.96
CA VAL D 101 33.67 13.63 4.63
C VAL D 101 34.31 14.81 3.86
N GLY D 102 33.51 15.80 3.45
CA GLY D 102 34.02 16.88 2.59
C GLY D 102 33.85 16.65 1.09
N ASP D 103 33.44 15.48 0.64
CA ASP D 103 33.21 15.28 -0.81
C ASP D 103 31.95 16.13 -1.03
N VAL D 104 31.58 16.34 -2.28
CA VAL D 104 30.26 16.94 -2.66
C VAL D 104 29.45 15.83 -3.35
N ILE D 105 28.11 15.86 -3.16
CA ILE D 105 27.14 15.01 -3.86
C ILE D 105 26.17 15.92 -4.65
N VAL D 106 25.97 15.58 -5.88
CA VAL D 106 24.84 16.15 -6.69
C VAL D 106 23.81 15.02 -6.90
N THR D 107 22.66 15.22 -6.27
CA THR D 107 21.58 14.24 -6.20
C THR D 107 20.83 14.27 -7.51
N GLN D 108 20.91 13.21 -8.28
CA GLN D 108 20.16 13.21 -9.57
C GLN D 108 18.71 12.75 -9.34
N ALA D 109 18.43 11.95 -8.31
CA ALA D 109 17.04 11.59 -7.92
C ALA D 109 17.05 11.07 -6.47
N SER D 110 15.89 10.92 -5.83
CA SER D 110 15.81 10.50 -4.38
C SER D 110 14.84 9.35 -4.08
N VAL D 111 15.30 8.38 -3.29
CA VAL D 111 14.38 7.48 -2.55
C VAL D 111 13.36 8.39 -1.78
N ARG D 112 12.04 8.16 -2.01
CA ARG D 112 10.96 8.97 -1.38
C ARG D 112 10.64 8.38 -0.01
N LEU D 113 11.57 8.46 0.95
CA LEU D 113 11.21 8.24 2.38
C LEU D 113 10.58 9.43 3.07
N ASP D 114 9.65 10.08 2.36
CA ASP D 114 8.94 11.28 2.85
C ASP D 114 7.43 11.09 2.58
N GLY D 115 6.60 11.84 3.31
CA GLY D 115 5.16 11.89 3.00
C GLY D 115 4.75 13.06 2.09
N ALA D 116 5.40 14.23 2.12
CA ALA D 116 4.93 15.41 1.33
C ALA D 116 5.06 15.10 -0.18
N SER D 117 5.99 14.32 -0.63
CA SER D 117 6.09 13.99 -2.07
C SER D 117 4.77 13.30 -2.53
N LEU D 118 4.06 12.64 -1.61
CA LEU D 118 2.85 11.88 -2.03
C LEU D 118 1.69 12.89 -2.17
N HIS D 119 1.94 14.14 -1.77
CA HIS D 119 0.89 15.20 -1.87
C HIS D 119 0.93 15.80 -3.27
N PHE D 120 1.93 15.41 -4.06
CA PHE D 120 2.19 15.94 -5.42
C PHE D 120 2.01 14.81 -6.42
N ALA D 121 2.48 13.61 -6.14
CA ALA D 121 2.30 12.48 -7.08
C ALA D 121 2.35 11.16 -6.33
N PRO D 122 1.70 10.08 -6.86
CA PRO D 122 1.76 8.75 -6.25
C PRO D 122 3.21 8.27 -6.21
N MET D 123 3.43 7.27 -5.37
CA MET D 123 4.81 6.83 -5.13
C MET D 123 5.51 6.39 -6.45
N GLU D 124 4.81 5.89 -7.48
CA GLU D 124 5.45 5.40 -8.74
C GLU D 124 6.20 6.53 -9.46
N PHE D 125 5.80 7.78 -9.23
CA PHE D 125 6.43 8.95 -9.86
C PHE D 125 7.85 9.09 -9.34
N PRO D 126 8.85 9.25 -10.22
CA PRO D 126 10.22 9.41 -9.69
C PRO D 126 10.51 10.80 -9.12
N ALA D 127 11.27 10.88 -8.04
CA ALA D 127 11.69 12.14 -7.41
C ALA D 127 12.98 12.54 -8.09
N VAL D 128 12.87 12.92 -9.36
CA VAL D 128 14.06 13.19 -10.24
C VAL D 128 14.35 14.70 -10.23
N ALA D 129 15.64 15.08 -10.24
CA ALA D 129 16.06 16.48 -10.34
C ALA D 129 15.88 16.89 -11.82
N ASN D 130 15.97 18.17 -12.11
CA ASN D 130 15.95 18.69 -13.50
C ASN D 130 17.32 18.45 -14.12
N PHE D 131 17.31 17.97 -15.36
CA PHE D 131 18.52 17.54 -16.08
C PHE D 131 19.46 18.72 -16.31
N GLU D 132 18.95 19.81 -16.86
CA GLU D 132 19.71 21.07 -17.02
C GLU D 132 20.36 21.47 -15.70
N CYS D 133 19.64 21.65 -14.57
CA CYS D 133 20.15 22.26 -13.36
C CYS D 133 21.10 21.20 -12.75
N THR D 134 20.81 19.90 -12.92
CA THR D 134 21.80 18.88 -12.42
C THR D 134 23.13 19.04 -13.19
N THR D 135 23.06 19.16 -14.52
CA THR D 135 24.22 19.35 -15.40
C THR D 135 25.00 20.60 -14.97
N ALA D 136 24.30 21.71 -14.69
CA ALA D 136 24.92 22.96 -14.21
C ALA D 136 25.64 22.72 -12.87
N MET D 137 25.04 21.89 -12.02
CA MET D 137 25.57 21.56 -10.68
C MET D 137 26.91 20.83 -10.98
N VAL D 138 26.91 19.86 -11.88
CA VAL D 138 28.10 19.03 -12.16
C VAL D 138 29.21 19.92 -12.77
N ALA D 139 28.84 20.79 -13.69
CA ALA D 139 29.79 21.71 -14.38
C ALA D 139 30.39 22.67 -13.37
N ALA D 140 29.64 23.12 -12.37
CA ALA D 140 30.14 24.10 -11.38
C ALA D 140 31.03 23.33 -10.38
N CYS D 141 30.76 22.05 -10.09
CA CYS D 141 31.76 21.24 -9.30
C CYS D 141 33.11 21.23 -10.04
N ARG D 142 33.09 20.83 -11.31
CA ARG D 142 34.32 20.53 -12.10
C ARG D 142 35.08 21.82 -12.40
N ASP D 143 34.33 22.92 -12.50
CA ASP D 143 34.93 24.28 -12.57
C ASP D 143 35.82 24.50 -11.36
N ALA D 144 35.40 24.03 -10.16
CA ALA D 144 36.06 24.25 -8.85
C ALA D 144 37.12 23.17 -8.55
N GLY D 145 37.53 22.34 -9.52
CA GLY D 145 38.45 21.21 -9.28
C GLY D 145 37.85 20.15 -8.37
N VAL D 146 36.55 19.85 -8.51
CA VAL D 146 35.86 18.80 -7.70
C VAL D 146 35.12 17.83 -8.63
N GLU D 147 35.39 16.53 -8.52
CA GLU D 147 34.54 15.48 -9.18
C GLU D 147 33.50 15.10 -8.13
N PRO D 148 32.24 15.53 -8.30
CA PRO D 148 31.20 15.24 -7.32
C PRO D 148 30.78 13.80 -7.54
N HIS D 149 30.26 13.20 -6.50
CA HIS D 149 29.50 11.95 -6.64
C HIS D 149 28.16 12.36 -7.22
N ILE D 150 27.62 11.52 -8.08
CA ILE D 150 26.34 11.82 -8.80
C ILE D 150 25.54 10.55 -8.63
N GLY D 151 24.45 10.58 -7.88
CA GLY D 151 23.54 9.44 -7.90
C GLY D 151 22.31 9.69 -7.08
N VAL D 152 21.85 8.63 -6.46
CA VAL D 152 20.56 8.54 -5.76
C VAL D 152 20.73 8.83 -4.29
N THR D 153 19.84 9.67 -3.82
CA THR D 153 19.87 10.10 -2.40
C THR D 153 18.66 9.53 -1.64
N ALA D 154 18.85 8.96 -0.46
CA ALA D 154 17.71 8.57 0.43
C ALA D 154 17.18 9.83 1.12
N SER D 155 15.96 10.31 0.77
CA SER D 155 15.37 11.57 1.28
C SER D 155 14.27 11.24 2.35
N SER D 156 14.58 11.44 3.62
CA SER D 156 13.87 10.90 4.83
C SER D 156 13.17 12.00 5.62
N ASP D 157 11.87 11.79 5.92
CA ASP D 157 11.08 12.63 6.87
C ASP D 157 11.71 12.66 8.30
N THR D 158 12.71 11.84 8.66
CA THR D 158 13.18 11.83 10.08
C THR D 158 14.68 11.81 10.06
N PHE D 159 15.27 12.39 11.08
CA PHE D 159 16.74 12.41 11.18
C PHE D 159 17.22 11.07 11.77
N TYR D 160 16.40 10.48 12.62
CA TYR D 160 16.77 9.39 13.56
C TYR D 160 16.34 8.02 13.00
N PRO D 161 15.11 7.52 13.27
CA PRO D 161 14.73 6.19 12.83
C PRO D 161 14.87 6.03 11.33
N GLY D 162 14.28 6.94 10.53
CA GLY D 162 14.28 6.88 9.05
C GLY D 162 15.66 6.80 8.40
N GLN D 163 16.72 7.28 9.08
CA GLN D 163 18.14 7.16 8.67
C GLN D 163 18.77 6.02 9.47
N GLU D 164 17.93 5.25 10.18
CA GLU D 164 18.46 4.07 10.94
C GLU D 164 19.54 4.54 11.91
N ARG D 165 19.29 5.64 12.62
CA ARG D 165 20.12 6.01 13.80
C ARG D 165 19.52 5.25 15.00
N TYR D 166 20.37 4.58 15.82
CA TYR D 166 20.02 3.90 17.07
C TYR D 166 20.51 4.62 18.34
N ASP D 167 21.35 5.65 18.25
CA ASP D 167 21.79 6.40 19.46
C ASP D 167 20.72 7.38 19.98
N THR D 168 19.56 6.81 20.32
CA THR D 168 18.36 7.55 20.68
C THR D 168 17.82 7.07 22.01
N VAL D 169 16.86 7.79 22.53
CA VAL D 169 16.33 7.47 23.89
C VAL D 169 15.94 5.98 23.94
N THR D 170 15.23 5.47 22.90
CA THR D 170 14.64 4.09 22.90
C THR D 170 15.57 3.09 22.23
N GLY D 171 16.46 3.53 21.34
CA GLY D 171 17.45 2.70 20.62
C GLY D 171 16.77 1.73 19.67
N ARG D 172 15.52 2.05 19.33
CA ARG D 172 14.61 1.18 18.57
C ARG D 172 14.37 1.88 17.23
N VAL D 173 14.42 1.13 16.14
CA VAL D 173 13.88 1.54 14.81
C VAL D 173 12.74 0.59 14.46
N THR D 174 11.62 1.15 14.00
CA THR D 174 10.43 0.41 13.54
C THR D 174 10.77 -0.56 12.41
N ARG D 175 10.02 -1.65 12.25
CA ARG D 175 10.37 -2.76 11.35
C ARG D 175 10.67 -2.25 9.92
N ARG D 176 9.82 -1.41 9.33
CA ARG D 176 10.05 -0.83 7.99
C ARG D 176 11.45 -0.22 7.87
N PHE D 177 11.91 0.50 8.90
CA PHE D 177 13.22 1.19 8.75
C PHE D 177 14.34 0.30 9.23
N ALA D 178 14.03 -0.82 9.88
CA ALA D 178 15.14 -1.71 10.39
C ALA D 178 15.78 -2.44 9.21
N GLY D 179 17.10 -2.31 9.09
CA GLY D 179 17.95 -2.84 8.01
C GLY D 179 17.97 -1.98 6.76
N SER D 180 17.27 -0.87 6.86
CA SER D 180 16.97 -0.07 5.66
C SER D 180 18.24 0.62 5.14
N MET D 181 19.16 1.11 6.00
CA MET D 181 20.47 1.63 5.52
C MET D 181 21.17 0.60 4.64
N LYS D 182 21.26 -0.68 5.08
CA LYS D 182 21.94 -1.74 4.28
C LYS D 182 21.23 -1.82 2.94
N GLU D 183 19.93 -1.77 2.98
CA GLU D 183 19.19 -1.87 1.71
C GLU D 183 19.65 -0.75 0.74
N TRP D 184 19.59 0.52 1.15
CA TRP D 184 20.02 1.67 0.29
C TRP D 184 21.49 1.53 -0.06
N GLN D 185 22.30 1.04 0.89
CA GLN D 185 23.70 0.75 0.60
C GLN D 185 23.88 -0.10 -0.65
N ASP D 186 23.30 -1.31 -0.57
CA ASP D 186 23.42 -2.33 -1.61
C ASP D 186 22.91 -1.75 -2.92
N MET D 187 21.88 -0.90 -2.85
CA MET D 187 21.33 -0.27 -4.07
C MET D 187 22.23 0.84 -4.70
N GLY D 188 23.39 1.10 -4.13
CA GLY D 188 24.31 2.19 -4.47
C GLY D 188 23.75 3.57 -4.13
N VAL D 189 22.71 3.63 -3.28
CA VAL D 189 22.24 4.92 -2.67
C VAL D 189 23.41 5.63 -1.96
N LEU D 190 23.64 6.92 -2.20
CA LEU D 190 24.91 7.56 -1.76
C LEU D 190 24.85 8.15 -0.36
N ASN D 191 23.71 8.64 0.07
CA ASN D 191 23.68 9.62 1.18
C ASN D 191 22.23 9.79 1.63
N TYR D 192 22.07 10.29 2.85
CA TYR D 192 20.79 10.73 3.49
C TYR D 192 20.69 12.24 3.51
N GLU D 193 19.54 12.81 3.08
CA GLU D 193 19.13 14.15 3.60
C GLU D 193 17.61 14.13 3.82
N MET D 194 16.89 15.27 3.84
CA MET D 194 15.51 15.25 4.42
C MET D 194 14.52 16.09 3.58
N GLU D 195 15.00 16.54 2.44
CA GLU D 195 14.14 17.53 1.62
C GLU D 195 14.07 17.22 0.11
N SER D 196 15.03 16.53 -0.48
CA SER D 196 15.20 16.50 -1.96
C SER D 196 14.03 15.73 -2.60
N ALA D 197 13.40 14.81 -1.86
CA ALA D 197 12.34 13.92 -2.40
C ALA D 197 11.10 14.79 -2.57
N THR D 198 10.86 15.61 -1.57
CA THR D 198 9.68 16.52 -1.61
C THR D 198 9.92 17.51 -2.74
N LEU D 199 11.03 18.24 -2.65
CA LEU D 199 11.39 19.26 -3.65
C LEU D 199 11.34 18.68 -5.08
N PHE D 200 12.00 17.57 -5.32
CA PHE D 200 12.07 17.07 -6.73
C PHE D 200 10.66 16.75 -7.22
N THR D 201 9.88 16.07 -6.38
CA THR D 201 8.52 15.58 -6.76
C THR D 201 7.60 16.78 -6.94
N MET D 202 7.63 17.72 -6.04
CA MET D 202 6.72 18.89 -6.22
C MET D 202 7.19 19.69 -7.44
N CYS D 203 8.50 19.85 -7.65
CA CYS D 203 8.99 20.59 -8.85
C CYS D 203 8.66 19.85 -10.16
N ALA D 204 8.96 18.55 -10.26
CA ALA D 204 8.85 17.84 -11.57
C ALA D 204 7.38 17.87 -11.96
N THR D 205 6.49 17.78 -10.94
CA THR D 205 5.04 17.68 -11.19
C THR D 205 4.43 19.03 -11.52
N GLN D 206 4.98 20.10 -10.96
CA GLN D 206 4.36 21.44 -11.06
C GLN D 206 4.97 22.21 -12.23
N GLY D 207 6.08 21.75 -12.81
CA GLY D 207 6.72 22.29 -14.04
C GLY D 207 7.84 23.29 -13.75
N TRP D 208 8.63 23.00 -12.72
CA TRP D 208 9.58 23.94 -12.09
C TRP D 208 10.84 23.09 -12.03
N ARG D 209 11.96 23.77 -12.03
CA ARG D 209 13.19 23.01 -12.18
C ARG D 209 13.76 22.87 -10.79
N ALA D 210 14.44 21.78 -10.53
CA ALA D 210 15.11 21.70 -9.23
C ALA D 210 16.37 20.85 -9.35
N ALA D 211 17.24 21.19 -8.41
CA ALA D 211 18.46 20.37 -8.30
C ALA D 211 18.95 20.42 -6.89
N CYS D 212 19.96 19.57 -6.56
CA CYS D 212 20.43 19.61 -5.17
C CYS D 212 21.86 19.11 -5.08
N VAL D 213 22.71 20.00 -4.57
CA VAL D 213 24.15 19.78 -4.21
C VAL D 213 24.35 19.73 -2.73
N ALA D 214 25.30 18.94 -2.15
CA ALA D 214 25.34 18.90 -0.70
C ALA D 214 26.72 18.41 -0.37
N GLY D 215 27.25 18.91 0.72
CA GLY D 215 28.62 18.58 1.19
C GLY D 215 28.56 17.50 2.23
N VAL D 216 29.46 16.51 2.20
CA VAL D 216 29.29 15.36 3.12
C VAL D 216 29.87 15.80 4.46
N ILE D 217 29.12 15.76 5.53
CA ILE D 217 29.57 16.11 6.93
C ILE D 217 29.93 14.88 7.77
N VAL D 218 29.39 13.72 7.44
CA VAL D 218 29.62 12.46 8.19
C VAL D 218 29.51 11.26 7.26
N ASN D 219 30.31 10.23 7.54
CA ASN D 219 30.08 8.93 6.89
C ASN D 219 29.42 8.05 7.91
N ARG D 220 28.25 7.52 7.57
CA ARG D 220 27.40 6.68 8.41
C ARG D 220 28.01 5.28 8.59
N THR D 221 28.92 4.87 7.70
CA THR D 221 29.71 3.62 7.85
C THR D 221 30.64 3.77 9.03
N GLN D 222 30.88 4.99 9.50
CA GLN D 222 31.77 5.22 10.69
C GLN D 222 31.13 5.91 11.90
N GLN D 223 30.17 6.86 11.82
CA GLN D 223 29.67 7.63 12.98
C GLN D 223 28.22 7.94 12.63
N GLU D 224 27.34 7.84 13.65
CA GLU D 224 25.92 8.25 13.48
C GLU D 224 25.88 9.75 13.24
N ILE D 225 26.78 10.48 13.92
CA ILE D 225 26.79 11.94 14.13
C ILE D 225 28.22 12.36 13.93
N PRO D 226 28.51 13.45 13.19
CA PRO D 226 29.86 14.04 13.22
C PRO D 226 30.19 14.59 14.62
N ASP D 227 31.47 14.52 15.05
CA ASP D 227 31.92 15.15 16.31
C ASP D 227 33.27 15.84 16.05
N GLU D 228 34.02 16.20 17.09
CA GLU D 228 35.27 16.97 16.90
C GLU D 228 36.28 16.05 16.20
N ALA D 229 36.12 14.71 16.28
CA ALA D 229 37.13 13.82 15.67
C ALA D 229 36.90 13.78 14.17
N THR D 230 35.72 14.22 13.72
CA THR D 230 35.34 14.18 12.30
C THR D 230 36.11 15.25 11.54
N MET D 231 36.51 14.94 10.29
CA MET D 231 37.44 15.76 9.46
C MET D 231 36.98 17.22 9.39
N LYS D 232 37.84 18.17 9.75
CA LYS D 232 37.58 19.63 9.51
C LYS D 232 37.76 19.91 8.01
N THR D 234 37.81 22.33 5.04
CA THR D 234 39.07 22.67 4.35
C THR D 234 39.00 22.17 2.90
N GLU D 235 38.07 22.69 2.09
CA GLU D 235 37.80 22.16 0.73
C GLU D 235 36.76 23.08 0.06
N VAL D 236 36.35 22.76 -1.18
CA VAL D 236 35.38 23.54 -2.00
C VAL D 236 34.00 23.41 -1.32
N SER D 237 33.35 24.50 -0.91
CA SER D 237 32.03 24.50 -0.24
C SER D 237 30.91 24.16 -1.26
N ALA D 238 29.84 23.47 -0.83
CA ALA D 238 28.69 23.23 -1.73
C ALA D 238 27.94 24.55 -1.91
N VAL D 239 28.01 25.48 -0.96
CA VAL D 239 27.48 26.86 -1.18
C VAL D 239 28.22 27.52 -2.36
N SER D 240 29.55 27.40 -2.43
CA SER D 240 30.31 27.99 -3.56
C SER D 240 29.82 27.43 -4.91
N ILE D 241 29.60 26.13 -4.95
CA ILE D 241 29.12 25.36 -6.12
C ILE D 241 27.73 25.90 -6.50
N VAL D 242 26.80 26.00 -5.54
CA VAL D 242 25.38 26.33 -5.90
C VAL D 242 25.27 27.73 -6.45
N VAL D 243 26.05 28.67 -5.92
CA VAL D 243 26.10 30.08 -6.44
C VAL D 243 26.68 30.03 -7.88
N ALA D 244 27.77 29.29 -8.10
CA ALA D 244 28.39 29.05 -9.42
C ALA D 244 27.35 28.49 -10.39
N ALA D 245 26.54 27.53 -9.99
CA ALA D 245 25.54 26.90 -10.86
C ALA D 245 24.50 27.98 -11.20
N ALA D 246 24.12 28.81 -10.22
CA ALA D 246 23.04 29.84 -10.36
C ALA D 246 23.43 30.83 -11.45
N LYS D 247 24.68 31.28 -11.46
CA LYS D 247 25.24 32.18 -12.52
C LYS D 247 25.09 31.45 -13.86
N LYS D 248 25.64 30.26 -13.97
CA LYS D 248 25.56 29.52 -15.24
C LYS D 248 24.10 29.52 -15.70
N LEU D 249 23.15 29.18 -14.81
CA LEU D 249 21.77 28.92 -15.29
C LEU D 249 21.12 30.25 -15.72
N LEU D 250 21.52 31.36 -15.10
CA LEU D 250 20.94 32.71 -15.37
C LEU D 250 21.75 33.45 -16.44
N ALA D 251 22.98 33.02 -16.71
CA ALA D 251 23.91 33.62 -17.70
C ALA D 251 23.11 34.21 -18.88
N ALA E 1 -3.19 -5.83 -41.41
CA ALA E 1 -3.42 -6.13 -39.98
C ALA E 1 -4.57 -5.28 -39.40
N ASP E 2 -5.52 -5.91 -38.71
CA ASP E 2 -6.63 -5.25 -37.96
C ASP E 2 -6.05 -4.80 -36.62
N VAL E 3 -4.99 -5.49 -36.15
CA VAL E 3 -4.35 -5.29 -34.81
C VAL E 3 -2.88 -4.91 -34.95
N PHE E 4 -2.44 -3.95 -34.14
CA PHE E 4 -1.18 -3.22 -34.35
C PHE E 4 0.08 -4.08 -34.07
N HIS E 5 0.05 -5.06 -33.16
CA HIS E 5 1.30 -5.82 -32.85
C HIS E 5 1.32 -7.12 -33.66
N LEU E 6 0.24 -7.90 -33.58
CA LEU E 6 0.27 -9.31 -34.05
C LEU E 6 0.29 -9.37 -35.57
N GLY E 7 -0.14 -8.29 -36.24
CA GLY E 7 -0.23 -8.21 -37.71
C GLY E 7 -1.39 -9.03 -38.31
N LEU E 8 -2.44 -9.35 -37.56
CA LEU E 8 -3.47 -10.34 -38.01
C LEU E 8 -4.75 -9.62 -38.41
N THR E 9 -5.66 -10.36 -39.06
CA THR E 9 -7.02 -9.88 -39.40
C THR E 9 -7.99 -10.96 -38.96
N LYS E 10 -9.20 -10.57 -38.60
CA LYS E 10 -10.22 -11.54 -38.20
C LYS E 10 -10.32 -12.63 -39.26
N ALA E 11 -10.24 -12.25 -40.55
CA ALA E 11 -10.47 -13.15 -41.69
C ALA E 11 -9.46 -14.32 -41.63
N MET E 12 -8.20 -14.01 -41.32
CA MET E 12 -7.07 -14.97 -41.20
C MET E 12 -7.32 -16.12 -40.19
N LEU E 13 -8.23 -15.95 -39.24
CA LEU E 13 -8.44 -16.89 -38.09
C LEU E 13 -9.50 -17.93 -38.45
N ASP E 14 -10.25 -17.71 -39.55
CA ASP E 14 -11.34 -18.61 -40.02
C ASP E 14 -12.32 -18.92 -38.86
N GLY E 15 -12.66 -17.95 -38.02
CA GLY E 15 -13.69 -18.15 -36.97
C GLY E 15 -13.15 -18.79 -35.69
N ALA E 16 -11.84 -19.11 -35.63
CA ALA E 16 -11.13 -19.53 -34.39
C ALA E 16 -11.64 -18.70 -33.21
N THR E 17 -12.10 -19.32 -32.12
CA THR E 17 -12.45 -18.60 -30.87
C THR E 17 -11.44 -18.99 -29.76
N LEU E 18 -10.55 -19.92 -30.04
CA LEU E 18 -9.61 -20.45 -29.00
C LEU E 18 -8.15 -20.35 -29.47
N ALA E 19 -7.24 -19.87 -28.59
CA ALA E 19 -5.78 -19.74 -28.82
C ALA E 19 -5.01 -20.64 -27.84
N ILE E 20 -4.06 -21.45 -28.34
CA ILE E 20 -2.95 -22.08 -27.53
C ILE E 20 -1.88 -20.98 -27.55
N VAL E 21 -1.44 -20.53 -26.42
CA VAL E 21 -0.56 -19.31 -26.32
C VAL E 21 0.68 -19.68 -25.52
N PRO E 22 1.64 -20.34 -26.17
CA PRO E 22 2.88 -20.79 -25.48
C PRO E 22 3.81 -19.55 -25.45
N GLY E 23 4.96 -19.59 -24.78
CA GLY E 23 5.77 -18.38 -24.59
C GLY E 23 6.73 -18.20 -25.75
N ASP E 24 7.14 -19.30 -26.36
CA ASP E 24 8.32 -19.24 -27.25
C ASP E 24 7.84 -19.26 -28.66
N PRO E 25 8.22 -18.26 -29.48
CA PRO E 25 7.86 -18.25 -30.89
C PRO E 25 8.23 -19.56 -31.59
N GLU E 26 9.39 -20.13 -31.24
CA GLU E 26 10.04 -21.21 -32.02
C GLU E 26 9.22 -22.49 -31.83
N ARG E 27 8.48 -22.56 -30.72
CA ARG E 27 7.60 -23.71 -30.37
C ARG E 27 6.28 -23.69 -31.15
N VAL E 28 5.73 -22.51 -31.43
CA VAL E 28 4.40 -22.36 -32.09
C VAL E 28 4.28 -23.39 -33.22
N LYS E 29 5.15 -23.36 -34.23
CA LYS E 29 4.94 -24.14 -35.48
C LYS E 29 4.76 -25.61 -35.08
N ARG E 30 5.56 -26.09 -34.14
CA ARG E 30 5.50 -27.53 -33.76
C ARG E 30 4.18 -27.84 -33.04
N ILE E 31 3.81 -27.05 -32.02
CA ILE E 31 2.51 -27.21 -31.32
C ILE E 31 1.46 -27.40 -32.42
N ALA E 32 1.46 -26.45 -33.37
CA ALA E 32 0.53 -26.38 -34.52
C ALA E 32 0.48 -27.71 -35.29
N GLU E 33 1.60 -28.45 -35.40
CA GLU E 33 1.74 -29.62 -36.33
C GLU E 33 1.26 -30.90 -35.61
N LEU E 34 0.84 -30.79 -34.34
CA LEU E 34 0.02 -31.83 -33.68
C LEU E 34 -1.39 -31.79 -34.25
N MET E 35 -1.74 -30.63 -34.79
CA MET E 35 -3.05 -30.36 -35.37
C MET E 35 -3.06 -30.49 -36.90
N ASP E 36 -4.21 -30.24 -37.50
CA ASP E 36 -4.40 -30.42 -38.96
C ASP E 36 -4.18 -29.08 -39.67
N ASN E 37 -3.54 -29.15 -40.83
CA ASN E 37 -3.61 -28.14 -41.92
C ASN E 37 -2.94 -26.88 -41.39
N ALA E 38 -1.86 -27.08 -40.66
CA ALA E 38 -1.15 -26.01 -39.94
C ALA E 38 -0.73 -24.98 -40.97
N THR E 39 -0.95 -23.70 -40.66
CA THR E 39 -0.96 -22.59 -41.63
C THR E 39 -0.34 -21.35 -40.96
N PHE E 40 0.78 -20.88 -41.48
CA PHE E 40 1.47 -19.66 -40.96
C PHE E 40 0.51 -18.47 -41.12
N LEU E 41 0.47 -17.61 -40.12
CA LEU E 41 -0.41 -16.42 -40.14
C LEU E 41 0.53 -15.20 -40.19
N ALA E 42 1.40 -15.03 -39.20
CA ALA E 42 2.20 -13.78 -39.06
C ALA E 42 3.36 -14.01 -38.07
N SER E 43 4.47 -13.30 -38.25
CA SER E 43 5.54 -13.25 -37.24
C SER E 43 6.02 -11.80 -37.17
N HIS E 44 5.80 -11.25 -35.99
CA HIS E 44 6.24 -9.91 -35.57
C HIS E 44 6.73 -10.02 -34.13
N ARG E 45 7.78 -9.27 -33.86
CA ARG E 45 8.48 -9.29 -32.57
C ARG E 45 8.45 -10.76 -32.12
N GLU E 46 8.15 -10.99 -30.85
CA GLU E 46 8.00 -12.31 -30.18
C GLU E 46 6.68 -13.01 -30.54
N TYR E 47 5.81 -12.42 -31.38
CA TYR E 47 4.50 -13.02 -31.76
C TYR E 47 4.53 -13.76 -33.11
N THR E 48 4.72 -15.10 -33.08
CA THR E 48 4.55 -16.00 -34.22
C THR E 48 3.15 -16.59 -34.04
N SER E 49 2.32 -16.50 -35.09
CA SER E 49 0.93 -17.01 -35.08
C SER E 49 0.75 -18.05 -36.19
N TYR E 50 0.06 -19.11 -35.84
CA TYR E 50 -0.36 -20.20 -36.73
C TYR E 50 -1.84 -20.47 -36.45
N LEU E 51 -2.51 -20.99 -37.46
CA LEU E 51 -3.84 -21.55 -37.44
C LEU E 51 -3.68 -23.03 -37.78
N ALA E 52 -4.19 -23.88 -36.93
CA ALA E 52 -4.36 -25.31 -37.25
C ALA E 52 -5.80 -25.71 -36.87
N TYR E 53 -6.17 -26.96 -37.19
CA TYR E 53 -7.52 -27.49 -36.90
C TYR E 53 -7.42 -28.67 -35.96
N ALA E 54 -8.18 -28.57 -34.88
CA ALA E 54 -8.27 -29.56 -33.81
C ALA E 54 -9.62 -30.22 -34.02
N ASP E 55 -9.63 -31.41 -34.60
CA ASP E 55 -10.85 -32.20 -34.84
C ASP E 55 -11.76 -31.31 -35.71
N GLY E 56 -11.15 -30.61 -36.67
CA GLY E 56 -11.85 -29.87 -37.74
C GLY E 56 -12.27 -28.48 -37.29
N LYS E 57 -11.87 -28.06 -36.10
CA LYS E 57 -12.27 -26.72 -35.55
C LYS E 57 -11.03 -25.84 -35.61
N PRO E 58 -11.18 -24.57 -36.07
CA PRO E 58 -10.05 -23.63 -36.06
C PRO E 58 -9.49 -23.31 -34.68
N VAL E 59 -8.15 -23.42 -34.62
CA VAL E 59 -7.34 -23.07 -33.44
C VAL E 59 -6.17 -22.20 -33.88
N VAL E 60 -6.07 -21.10 -33.20
CA VAL E 60 -4.88 -20.22 -33.22
C VAL E 60 -3.79 -20.75 -32.27
N ILE E 61 -2.56 -20.79 -32.79
CA ILE E 61 -1.38 -20.96 -31.87
C ILE E 61 -0.52 -19.70 -31.90
N CYS E 62 -0.47 -18.93 -30.84
CA CYS E 62 0.21 -17.61 -30.83
C CYS E 62 1.16 -17.53 -29.64
N SER E 63 2.45 -17.29 -29.86
CA SER E 63 3.46 -17.07 -28.78
C SER E 63 3.24 -15.73 -28.07
N THR E 64 3.57 -15.66 -26.82
CA THR E 64 3.29 -14.43 -26.03
C THR E 64 4.55 -13.64 -25.77
N GLY E 65 5.68 -14.35 -25.69
CA GLY E 65 6.89 -13.76 -25.14
C GLY E 65 6.99 -14.19 -23.70
N ILE E 66 8.10 -13.85 -23.07
CA ILE E 66 8.15 -14.00 -21.61
C ILE E 66 7.46 -12.80 -20.98
N GLY E 67 6.48 -13.09 -20.12
CA GLY E 67 6.03 -12.25 -19.03
C GLY E 67 4.71 -11.56 -19.34
N GLY E 68 4.10 -11.02 -18.29
CA GLY E 68 2.78 -10.38 -18.31
C GLY E 68 2.55 -9.36 -19.40
N PRO E 69 3.44 -8.36 -19.58
CA PRO E 69 3.20 -7.30 -20.55
C PRO E 69 3.08 -7.78 -22.02
N SER E 70 4.01 -8.60 -22.50
CA SER E 70 3.95 -9.11 -23.89
C SER E 70 2.72 -10.01 -24.04
N THR E 71 2.37 -10.77 -23.02
CA THR E 71 1.18 -11.69 -22.92
C THR E 71 -0.09 -10.82 -23.12
N SER E 72 -0.10 -9.63 -22.51
CA SER E 72 -1.32 -8.76 -22.39
C SER E 72 -1.67 -8.21 -23.75
N ILE E 73 -0.65 -7.94 -24.58
CA ILE E 73 -0.82 -7.51 -25.99
C ILE E 73 -1.40 -8.67 -26.77
N ALA E 74 -0.82 -9.86 -26.75
CA ALA E 74 -1.27 -10.99 -27.60
C ALA E 74 -2.75 -11.30 -27.20
N VAL E 75 -3.08 -11.23 -25.92
CA VAL E 75 -4.39 -11.70 -25.41
C VAL E 75 -5.42 -10.64 -25.88
N GLU E 76 -5.11 -9.37 -25.75
CA GLU E 76 -6.06 -8.28 -26.12
C GLU E 76 -6.31 -8.35 -27.62
N GLU E 77 -5.30 -8.62 -28.46
CA GLU E 77 -5.37 -8.37 -29.92
C GLU E 77 -6.03 -9.61 -30.51
N LEU E 78 -5.63 -10.80 -30.02
CA LEU E 78 -6.39 -12.03 -30.32
C LEU E 78 -7.87 -11.82 -30.01
N ALA E 79 -8.25 -11.37 -28.82
CA ALA E 79 -9.65 -11.18 -28.39
C ALA E 79 -10.31 -10.21 -29.38
N GLN E 80 -9.63 -9.11 -29.75
CA GLN E 80 -10.18 -8.20 -30.82
C GLN E 80 -10.52 -8.96 -32.12
N LEU E 81 -9.92 -10.11 -32.39
CA LEU E 81 -10.27 -10.89 -33.59
C LEU E 81 -11.14 -12.12 -33.23
N GLY E 82 -11.81 -12.10 -32.06
CA GLY E 82 -12.93 -12.97 -31.64
C GLY E 82 -12.47 -14.18 -30.87
N VAL E 83 -11.25 -14.18 -30.38
CA VAL E 83 -10.72 -15.29 -29.54
C VAL E 83 -11.27 -15.11 -28.11
N ASN E 84 -11.77 -16.17 -27.53
CA ASN E 84 -12.40 -15.97 -26.21
C ASN E 84 -11.88 -16.94 -25.17
N THR E 85 -10.89 -17.71 -25.55
CA THR E 85 -10.39 -18.85 -24.76
C THR E 85 -8.92 -18.96 -25.03
N PHE E 86 -8.15 -19.14 -23.97
CA PHE E 86 -6.69 -19.02 -24.08
C PHE E 86 -6.07 -20.12 -23.22
N LEU E 87 -5.40 -21.07 -23.84
CA LEU E 87 -4.83 -22.24 -23.13
C LEU E 87 -3.32 -22.11 -23.15
N ARG E 88 -2.73 -21.91 -21.97
CA ARG E 88 -1.28 -21.67 -21.95
C ARG E 88 -0.63 -23.01 -21.65
N VAL E 89 0.45 -23.28 -22.37
CA VAL E 89 1.24 -24.53 -22.22
C VAL E 89 2.67 -24.09 -22.04
N GLY E 90 3.45 -24.87 -21.31
CA GLY E 90 4.78 -24.41 -20.95
C GLY E 90 5.48 -25.57 -20.29
N SER E 91 6.74 -25.37 -19.94
CA SER E 91 7.48 -26.14 -18.91
C SER E 91 7.63 -25.26 -17.67
N THR E 92 8.06 -25.83 -16.54
CA THR E 92 8.22 -25.09 -15.29
C THR E 92 9.20 -25.91 -14.45
N GLY E 93 9.82 -25.24 -13.49
CA GLY E 93 10.46 -25.89 -12.34
C GLY E 93 9.42 -25.95 -11.28
N ALA E 94 9.77 -26.46 -10.13
CA ALA E 94 8.80 -26.70 -9.05
C ALA E 94 9.47 -26.59 -7.72
N ILE E 95 8.74 -26.03 -6.77
CA ILE E 95 9.28 -25.67 -5.45
C ILE E 95 8.75 -26.60 -4.37
N GLN E 96 8.11 -27.73 -4.71
CA GLN E 96 7.63 -28.69 -3.68
C GLN E 96 8.39 -29.98 -3.86
N PRO E 97 9.00 -30.55 -2.79
CA PRO E 97 9.76 -31.79 -2.93
C PRO E 97 8.93 -32.94 -3.53
N HIS E 98 7.60 -32.98 -3.29
CA HIS E 98 6.72 -34.06 -3.82
C HIS E 98 6.39 -33.87 -5.30
N VAL E 99 6.90 -32.81 -5.94
CA VAL E 99 6.68 -32.61 -7.41
C VAL E 99 7.93 -32.99 -8.19
N ASN E 100 7.90 -34.17 -8.83
CA ASN E 100 9.03 -34.76 -9.56
C ASN E 100 9.11 -34.21 -10.98
N VAL E 101 10.35 -34.14 -11.46
CA VAL E 101 10.63 -33.90 -12.89
C VAL E 101 9.81 -34.92 -13.68
N GLY E 102 8.94 -34.44 -14.58
CA GLY E 102 8.15 -35.29 -15.48
C GLY E 102 6.69 -35.27 -15.06
N ASP E 103 6.40 -34.72 -13.89
CA ASP E 103 5.01 -34.48 -13.41
C ASP E 103 4.42 -33.37 -14.30
N VAL E 104 3.13 -33.18 -14.23
CA VAL E 104 2.41 -32.09 -14.94
C VAL E 104 1.74 -31.23 -13.87
N ILE E 105 1.84 -29.89 -13.99
CA ILE E 105 1.06 -28.91 -13.19
C ILE E 105 -0.08 -28.27 -13.98
N VAL E 106 -1.26 -28.29 -13.39
CA VAL E 106 -2.49 -27.54 -13.86
C VAL E 106 -2.71 -26.42 -12.84
N THR E 107 -2.45 -25.20 -13.25
CA THR E 107 -2.55 -24.02 -12.38
C THR E 107 -4.02 -23.58 -12.25
N GLN E 108 -4.59 -23.75 -11.08
CA GLN E 108 -5.99 -23.35 -10.82
C GLN E 108 -6.08 -21.85 -10.48
N ALA E 109 -5.03 -21.25 -9.92
CA ALA E 109 -4.99 -19.79 -9.61
C ALA E 109 -3.55 -19.36 -9.32
N SER E 110 -3.24 -18.08 -9.24
CA SER E 110 -1.78 -17.73 -9.21
C SER E 110 -1.48 -16.60 -8.22
N VAL E 111 -0.44 -16.74 -7.41
CA VAL E 111 0.02 -15.56 -6.64
C VAL E 111 0.44 -14.45 -7.60
N ARG E 112 -0.08 -13.21 -7.46
CA ARG E 112 0.15 -12.02 -8.32
C ARG E 112 1.46 -11.30 -7.99
N LEU E 113 2.60 -11.90 -8.42
CA LEU E 113 3.93 -11.23 -8.31
C LEU E 113 4.26 -10.56 -9.63
N ASP E 114 3.22 -10.00 -10.26
CA ASP E 114 3.33 -9.35 -11.57
C ASP E 114 2.78 -7.90 -11.38
N GLY E 115 3.11 -7.04 -12.33
CA GLY E 115 2.45 -5.74 -12.36
C GLY E 115 1.28 -5.72 -13.32
N ALA E 116 1.21 -6.58 -14.36
CA ALA E 116 0.22 -6.38 -15.47
C ALA E 116 -1.18 -6.72 -14.95
N SER E 117 -1.23 -7.64 -13.99
CA SER E 117 -2.51 -8.08 -13.40
C SER E 117 -3.23 -6.85 -12.85
N LEU E 118 -2.45 -5.82 -12.47
CA LEU E 118 -2.99 -4.71 -11.70
C LEU E 118 -3.55 -3.68 -12.67
N HIS E 119 -3.26 -3.88 -13.95
CA HIS E 119 -3.69 -3.02 -15.08
C HIS E 119 -5.11 -3.43 -15.49
N PHE E 120 -5.67 -4.50 -14.87
CA PHE E 120 -7.04 -5.08 -15.09
C PHE E 120 -7.94 -5.11 -13.83
N ALA E 121 -7.35 -5.21 -12.63
CA ALA E 121 -8.09 -5.24 -11.39
C ALA E 121 -7.11 -5.08 -10.26
N PRO E 122 -7.64 -4.53 -9.13
CA PRO E 122 -6.85 -4.29 -7.94
C PRO E 122 -6.31 -5.65 -7.49
N MET E 123 -5.39 -5.66 -6.56
CA MET E 123 -4.76 -6.93 -6.16
C MET E 123 -5.74 -7.90 -5.48
N GLU E 124 -6.83 -7.44 -4.78
CA GLU E 124 -7.82 -8.26 -4.06
C GLU E 124 -8.47 -9.28 -5.01
N PHE E 125 -8.41 -9.06 -6.32
CA PHE E 125 -9.14 -9.85 -7.31
C PHE E 125 -8.30 -11.07 -7.50
N PRO E 126 -8.91 -12.26 -7.45
CA PRO E 126 -8.14 -13.50 -7.66
C PRO E 126 -7.77 -13.78 -9.11
N ALA E 127 -6.54 -14.25 -9.28
CA ALA E 127 -5.88 -14.66 -10.53
C ALA E 127 -6.24 -16.12 -10.72
N VAL E 128 -7.49 -16.32 -11.08
CA VAL E 128 -8.12 -17.66 -11.14
C VAL E 128 -8.34 -18.03 -12.58
N ALA E 129 -8.06 -19.27 -12.93
CA ALA E 129 -8.27 -19.89 -14.25
C ALA E 129 -9.77 -20.08 -14.41
N ASN E 130 -10.23 -20.18 -15.64
CA ASN E 130 -11.62 -20.62 -15.87
C ASN E 130 -11.77 -22.13 -15.48
N PHE E 131 -12.88 -22.37 -14.75
CA PHE E 131 -13.19 -23.66 -14.09
C PHE E 131 -13.40 -24.73 -15.17
N GLU E 132 -14.18 -24.40 -16.19
CA GLU E 132 -14.40 -25.32 -17.28
C GLU E 132 -13.08 -25.63 -18.00
N CYS E 133 -12.18 -24.64 -18.34
CA CYS E 133 -10.98 -24.95 -19.16
C CYS E 133 -10.07 -25.78 -18.26
N THR E 134 -10.13 -25.53 -16.96
CA THR E 134 -9.16 -26.18 -16.00
C THR E 134 -9.50 -27.67 -15.96
N THR E 135 -10.79 -27.91 -15.81
CA THR E 135 -11.47 -29.24 -15.91
C THR E 135 -11.06 -29.95 -17.20
N ALA E 136 -11.27 -29.36 -18.38
CA ALA E 136 -10.74 -29.86 -19.67
C ALA E 136 -9.28 -30.32 -19.49
N MET E 137 -8.49 -29.45 -18.93
CA MET E 137 -7.03 -29.71 -18.80
C MET E 137 -6.85 -30.94 -17.92
N VAL E 138 -7.41 -30.94 -16.71
CA VAL E 138 -7.37 -32.06 -15.74
C VAL E 138 -7.80 -33.34 -16.47
N ALA E 139 -8.85 -33.26 -17.27
CA ALA E 139 -9.37 -34.50 -17.91
C ALA E 139 -8.44 -35.02 -19.03
N ALA E 140 -7.69 -34.16 -19.74
CA ALA E 140 -6.79 -34.54 -20.85
C ALA E 140 -5.52 -35.15 -20.23
N CYS E 141 -5.08 -34.59 -19.13
CA CYS E 141 -3.99 -35.24 -18.35
C CYS E 141 -4.38 -36.70 -18.11
N ARG E 142 -5.55 -36.88 -17.51
CA ARG E 142 -6.06 -38.17 -16.97
C ARG E 142 -6.23 -39.12 -18.15
N ASP E 143 -6.79 -38.63 -19.28
CA ASP E 143 -6.90 -39.40 -20.52
C ASP E 143 -5.52 -39.89 -20.97
N ALA E 144 -4.41 -39.16 -20.72
CA ALA E 144 -3.02 -39.59 -21.05
C ALA E 144 -2.42 -40.39 -19.87
N GLY E 145 -3.20 -40.71 -18.82
CA GLY E 145 -2.70 -41.54 -17.71
C GLY E 145 -1.78 -40.75 -16.80
N VAL E 146 -1.92 -39.42 -16.80
CA VAL E 146 -1.17 -38.46 -15.93
C VAL E 146 -2.13 -37.87 -14.89
N GLU E 147 -1.80 -38.00 -13.63
CA GLU E 147 -2.55 -37.35 -12.52
C GLU E 147 -1.84 -36.03 -12.22
N PRO E 148 -2.42 -34.88 -12.58
CA PRO E 148 -1.67 -33.64 -12.45
C PRO E 148 -1.77 -33.16 -11.02
N HIS E 149 -0.79 -32.35 -10.65
CA HIS E 149 -0.80 -31.50 -9.46
C HIS E 149 -1.69 -30.33 -9.81
N ILE E 150 -2.66 -30.09 -8.96
CA ILE E 150 -3.65 -29.04 -9.27
C ILE E 150 -3.55 -28.08 -8.10
N GLY E 151 -3.00 -26.91 -8.37
CA GLY E 151 -2.78 -25.98 -7.29
C GLY E 151 -2.53 -24.57 -7.73
N VAL E 152 -1.89 -23.86 -6.82
CA VAL E 152 -1.53 -22.42 -6.88
C VAL E 152 -0.09 -22.26 -7.37
N THR E 153 0.09 -21.37 -8.34
CA THR E 153 1.40 -21.09 -8.99
C THR E 153 1.84 -19.67 -8.63
N ALA E 154 3.12 -19.47 -8.29
CA ALA E 154 3.70 -18.12 -8.09
C ALA E 154 4.14 -17.54 -9.46
N SER E 155 3.35 -16.59 -10.01
CA SER E 155 3.54 -15.89 -11.29
C SER E 155 4.38 -14.61 -11.11
N SER E 156 5.65 -14.63 -11.52
CA SER E 156 6.67 -13.59 -11.21
C SER E 156 6.94 -12.74 -12.43
N ASP E 157 7.05 -11.43 -12.24
CA ASP E 157 7.60 -10.48 -13.26
C ASP E 157 9.08 -10.76 -13.58
N THR E 158 9.84 -11.52 -12.74
CA THR E 158 11.27 -11.79 -13.01
C THR E 158 11.57 -13.29 -12.88
N PHE E 159 12.44 -13.76 -13.73
CA PHE E 159 13.08 -15.09 -13.61
C PHE E 159 13.99 -15.14 -12.37
N TYR E 160 14.66 -14.06 -11.99
CA TYR E 160 15.77 -14.18 -10.98
C TYR E 160 15.24 -13.77 -9.59
N PRO E 161 15.23 -12.47 -9.22
CA PRO E 161 14.90 -12.13 -7.85
C PRO E 161 13.51 -12.45 -7.35
N GLY E 162 12.42 -12.25 -8.13
CA GLY E 162 11.05 -12.63 -7.77
C GLY E 162 10.87 -14.12 -7.52
N GLN E 163 11.84 -14.95 -7.88
CA GLN E 163 11.86 -16.42 -7.75
C GLN E 163 12.99 -16.66 -6.76
N GLU E 164 13.35 -15.62 -6.04
CA GLU E 164 14.38 -15.68 -4.98
C GLU E 164 15.56 -16.50 -5.47
N ARG E 165 16.09 -16.11 -6.64
CA ARG E 165 17.38 -16.64 -7.14
C ARG E 165 18.54 -15.77 -6.68
N TYR E 166 19.59 -16.43 -6.17
CA TYR E 166 20.84 -15.82 -5.68
C TYR E 166 22.01 -16.02 -6.68
N ASP E 167 21.86 -16.88 -7.69
CA ASP E 167 22.87 -17.19 -8.75
C ASP E 167 22.87 -16.07 -9.79
N THR E 168 23.06 -14.85 -9.35
CA THR E 168 23.05 -13.66 -10.23
C THR E 168 24.29 -12.82 -9.98
N VAL E 169 24.51 -11.82 -10.82
CA VAL E 169 25.75 -11.00 -10.78
C VAL E 169 26.01 -10.53 -9.36
N THR E 170 25.03 -9.83 -8.76
CA THR E 170 25.10 -9.18 -7.45
C THR E 170 24.82 -10.17 -6.35
N GLY E 171 24.03 -11.21 -6.61
CA GLY E 171 23.75 -12.25 -5.61
C GLY E 171 22.77 -11.77 -4.56
N ARG E 172 22.10 -10.65 -4.87
CA ARG E 172 21.25 -9.85 -3.96
C ARG E 172 19.78 -9.99 -4.33
N VAL E 173 18.99 -10.10 -3.30
CA VAL E 173 17.52 -10.22 -3.47
C VAL E 173 16.89 -9.13 -2.61
N THR E 174 16.04 -8.29 -3.22
CA THR E 174 15.51 -7.12 -2.51
C THR E 174 14.58 -7.62 -1.38
N ARG E 175 14.48 -6.92 -0.27
CA ARG E 175 13.74 -7.34 0.95
C ARG E 175 12.37 -7.97 0.66
N ARG E 176 11.49 -7.32 -0.11
CA ARG E 176 10.22 -7.98 -0.50
C ARG E 176 10.41 -9.47 -0.87
N PHE E 177 11.48 -9.88 -1.57
CA PHE E 177 11.58 -11.24 -2.14
C PHE E 177 12.53 -12.14 -1.32
N ALA E 178 13.24 -11.53 -0.39
CA ALA E 178 13.98 -12.23 0.71
C ALA E 178 13.04 -13.10 1.55
N GLY E 179 13.21 -14.43 1.45
CA GLY E 179 12.49 -15.46 2.22
C GLY E 179 11.18 -15.90 1.58
N SER E 180 10.91 -15.33 0.40
CA SER E 180 9.61 -15.33 -0.29
C SER E 180 9.36 -16.75 -0.73
N MET E 181 10.35 -17.43 -1.33
CA MET E 181 10.17 -18.87 -1.72
C MET E 181 9.63 -19.71 -0.55
N LYS E 182 10.29 -19.68 0.62
CA LYS E 182 9.84 -20.44 1.80
C LYS E 182 8.38 -20.10 2.11
N GLU E 183 8.04 -18.82 2.11
CA GLU E 183 6.64 -18.37 2.30
C GLU E 183 5.65 -19.12 1.39
N TRP E 184 5.87 -19.15 0.05
CA TRP E 184 4.97 -19.78 -0.95
C TRP E 184 4.99 -21.30 -0.74
N GLN E 185 6.17 -21.87 -0.45
CA GLN E 185 6.36 -23.32 -0.24
C GLN E 185 5.49 -23.74 0.94
N ASP E 186 5.52 -22.93 1.97
CA ASP E 186 4.73 -23.15 3.20
C ASP E 186 3.23 -23.13 2.88
N MET E 187 2.78 -22.20 2.02
CA MET E 187 1.37 -22.06 1.59
C MET E 187 0.97 -23.10 0.54
N GLY E 188 1.83 -24.05 0.19
CA GLY E 188 1.49 -25.10 -0.80
C GLY E 188 1.66 -24.69 -2.26
N VAL E 189 2.23 -23.53 -2.55
CA VAL E 189 2.45 -23.03 -3.93
C VAL E 189 3.34 -24.04 -4.66
N LEU E 190 2.96 -24.46 -5.85
CA LEU E 190 3.61 -25.63 -6.52
C LEU E 190 4.91 -25.27 -7.30
N ASN E 191 5.00 -24.05 -7.81
CA ASN E 191 5.93 -23.68 -8.90
C ASN E 191 5.96 -22.14 -9.00
N TYR E 192 6.98 -21.64 -9.65
CA TYR E 192 7.06 -20.29 -10.26
C TYR E 192 6.97 -20.39 -11.80
N GLU E 193 6.19 -19.51 -12.43
CA GLU E 193 6.45 -19.12 -13.83
C GLU E 193 6.18 -17.61 -13.88
N MET E 194 5.94 -17.06 -15.08
CA MET E 194 6.13 -15.63 -15.30
C MET E 194 4.88 -15.08 -16.00
N GLU E 195 3.84 -15.84 -16.27
CA GLU E 195 2.68 -15.21 -17.05
C GLU E 195 1.24 -15.46 -16.56
N SER E 196 0.95 -16.58 -15.91
CA SER E 196 -0.41 -17.06 -15.53
C SER E 196 -1.15 -15.96 -14.76
N ALA E 197 -0.48 -15.10 -13.98
CA ALA E 197 -1.16 -14.08 -13.15
C ALA E 197 -1.81 -13.10 -14.11
N THR E 198 -1.05 -12.71 -15.13
CA THR E 198 -1.49 -11.63 -16.06
C THR E 198 -2.62 -12.22 -16.87
N LEU E 199 -2.33 -13.40 -17.45
CA LEU E 199 -3.26 -14.14 -18.31
C LEU E 199 -4.57 -14.38 -17.50
N PHE E 200 -4.48 -14.84 -16.25
CA PHE E 200 -5.69 -15.17 -15.45
C PHE E 200 -6.56 -13.94 -15.18
N THR E 201 -5.94 -12.85 -14.81
CA THR E 201 -6.67 -11.69 -14.25
C THR E 201 -7.34 -10.96 -15.42
N MET E 202 -6.57 -10.81 -16.48
CA MET E 202 -7.07 -10.07 -17.67
C MET E 202 -8.23 -10.88 -18.27
N CYS E 203 -8.15 -12.17 -18.20
CA CYS E 203 -9.22 -13.03 -18.82
C CYS E 203 -10.46 -13.04 -17.92
N ALA E 204 -10.25 -13.18 -16.61
CA ALA E 204 -11.34 -13.19 -15.57
C ALA E 204 -12.14 -11.87 -15.64
N THR E 205 -11.42 -10.73 -15.69
CA THR E 205 -11.96 -9.33 -15.63
C THR E 205 -12.64 -8.97 -16.95
N GLN E 206 -12.11 -9.45 -18.07
CA GLN E 206 -12.52 -9.12 -19.47
C GLN E 206 -13.57 -10.12 -20.02
N GLY E 207 -13.75 -11.29 -19.39
CA GLY E 207 -14.84 -12.24 -19.70
C GLY E 207 -14.45 -13.28 -20.72
N TRP E 208 -13.28 -13.86 -20.55
CA TRP E 208 -12.60 -14.70 -21.54
C TRP E 208 -12.16 -15.82 -20.64
N ARG E 209 -11.96 -16.97 -21.20
CA ARG E 209 -11.65 -18.13 -20.35
C ARG E 209 -10.17 -18.36 -20.45
N ALA E 210 -9.53 -18.77 -19.39
CA ALA E 210 -8.12 -19.11 -19.58
C ALA E 210 -7.83 -20.36 -18.79
N ALA E 211 -6.74 -20.98 -19.20
CA ALA E 211 -6.16 -22.06 -18.34
C ALA E 211 -4.70 -22.31 -18.63
N CYS E 212 -4.04 -23.11 -17.76
CA CYS E 212 -2.57 -23.25 -17.80
C CYS E 212 -2.11 -24.65 -17.38
N VAL E 213 -1.50 -25.35 -18.32
CA VAL E 213 -0.79 -26.61 -17.99
C VAL E 213 0.71 -26.45 -18.21
N ALA E 214 1.54 -27.19 -17.47
CA ALA E 214 2.98 -27.10 -17.73
C ALA E 214 3.62 -28.38 -17.20
N GLY E 215 4.47 -28.97 -18.02
CA GLY E 215 5.40 -30.04 -17.58
C GLY E 215 6.45 -29.50 -16.64
N VAL E 216 6.86 -30.33 -15.68
CA VAL E 216 7.86 -29.99 -14.65
C VAL E 216 9.18 -30.52 -15.18
N ILE E 217 10.06 -29.63 -15.56
CA ILE E 217 11.38 -30.03 -16.14
C ILE E 217 12.49 -29.92 -15.09
N VAL E 218 12.26 -29.19 -13.99
CA VAL E 218 13.25 -29.09 -12.90
C VAL E 218 12.56 -28.91 -11.56
N ASN E 219 13.27 -29.24 -10.49
CA ASN E 219 12.89 -28.93 -9.11
C ASN E 219 14.07 -28.41 -8.30
N ARG E 220 14.05 -27.10 -7.99
CA ARG E 220 15.00 -26.34 -7.13
C ARG E 220 15.34 -27.13 -5.87
N THR E 221 14.34 -27.78 -5.25
CA THR E 221 14.47 -28.39 -3.90
C THR E 221 15.29 -29.67 -3.94
N GLN E 222 15.54 -30.21 -5.15
CA GLN E 222 16.05 -31.59 -5.39
C GLN E 222 17.50 -31.52 -5.90
N LYS E 232 12.20 -32.86 -22.11
CA LYS E 232 11.73 -33.18 -23.49
C LYS E 232 10.43 -33.99 -23.39
N LYS E 233 10.54 -35.28 -23.05
CA LYS E 233 9.42 -36.23 -22.79
C LYS E 233 8.25 -35.51 -22.11
N THR E 234 8.54 -34.69 -21.09
CA THR E 234 7.52 -33.98 -20.28
C THR E 234 6.98 -32.81 -21.09
N GLU E 235 7.81 -32.28 -21.99
CA GLU E 235 7.40 -31.12 -22.82
C GLU E 235 6.50 -31.63 -23.92
N VAL E 236 6.87 -32.76 -24.52
CA VAL E 236 5.99 -33.40 -25.54
C VAL E 236 4.64 -33.73 -24.88
N SER E 237 4.65 -34.20 -23.63
CA SER E 237 3.47 -34.58 -22.81
C SER E 237 2.54 -33.37 -22.63
N ALA E 238 3.12 -32.24 -22.21
CA ALA E 238 2.35 -31.03 -21.81
C ALA E 238 1.64 -30.45 -23.04
N VAL E 239 2.30 -30.45 -24.20
CA VAL E 239 1.76 -29.83 -25.46
C VAL E 239 0.71 -30.77 -26.06
N SER E 240 0.93 -32.08 -25.89
CA SER E 240 -0.04 -33.16 -26.25
C SER E 240 -1.29 -32.95 -25.41
N ILE E 241 -1.11 -32.63 -24.12
CA ILE E 241 -2.22 -32.55 -23.13
C ILE E 241 -3.00 -31.32 -23.57
N VAL E 242 -2.30 -30.19 -23.80
CA VAL E 242 -3.05 -28.94 -24.05
C VAL E 242 -3.86 -29.08 -25.32
N VAL E 243 -3.34 -29.73 -26.36
CA VAL E 243 -4.06 -29.96 -27.66
C VAL E 243 -5.29 -30.83 -27.38
N ALA E 244 -5.14 -31.81 -26.53
CA ALA E 244 -6.27 -32.73 -26.17
C ALA E 244 -7.41 -31.92 -25.51
N ALA E 245 -7.06 -30.92 -24.72
CA ALA E 245 -7.91 -30.08 -23.85
C ALA E 245 -8.71 -29.18 -24.79
N ALA E 246 -8.03 -28.63 -25.81
CA ALA E 246 -8.61 -27.71 -26.84
C ALA E 246 -9.77 -28.42 -27.53
N LYS E 247 -9.56 -29.68 -27.86
CA LYS E 247 -10.56 -30.51 -28.58
C LYS E 247 -11.77 -30.74 -27.64
N LYS E 248 -11.51 -31.12 -26.40
CA LYS E 248 -12.53 -31.17 -25.31
C LYS E 248 -13.36 -29.87 -25.30
N LEU E 249 -12.72 -28.70 -25.32
CA LEU E 249 -13.48 -27.43 -25.25
C LEU E 249 -14.18 -27.07 -26.57
N LEU E 250 -13.64 -27.44 -27.72
CA LEU E 250 -14.25 -27.10 -29.02
C LEU E 250 -15.27 -28.15 -29.49
N ALA E 251 -15.29 -29.34 -28.90
CA ALA E 251 -16.22 -30.45 -29.21
C ALA E 251 -17.52 -29.92 -29.82
N ALA F 1 -13.04 -28.52 27.23
CA ALA F 1 -12.92 -28.87 25.79
C ALA F 1 -11.45 -28.91 25.38
N ASP F 2 -11.19 -29.49 24.21
CA ASP F 2 -9.84 -29.53 23.58
C ASP F 2 -9.51 -28.18 22.93
N VAL F 3 -10.52 -27.35 22.66
CA VAL F 3 -10.37 -26.11 21.84
C VAL F 3 -11.04 -24.94 22.54
N PHE F 4 -10.44 -23.76 22.42
CA PHE F 4 -10.77 -22.58 23.24
C PHE F 4 -12.21 -22.07 23.02
N HIS F 5 -12.71 -21.99 21.80
CA HIS F 5 -14.06 -21.41 21.56
C HIS F 5 -15.13 -22.50 21.42
N LEU F 6 -14.96 -23.51 20.56
CA LEU F 6 -16.09 -24.34 20.05
C LEU F 6 -16.65 -25.29 21.13
N GLY F 7 -15.96 -25.46 22.27
CA GLY F 7 -16.37 -26.29 23.42
C GLY F 7 -16.41 -27.78 23.06
N LEU F 8 -15.65 -28.21 22.03
CA LEU F 8 -15.57 -29.62 21.55
C LEU F 8 -14.26 -30.33 21.98
N THR F 9 -14.37 -31.65 22.09
CA THR F 9 -13.22 -32.56 22.17
C THR F 9 -13.10 -33.25 20.82
N LYS F 10 -11.98 -33.94 20.64
CA LYS F 10 -11.59 -34.64 19.41
C LYS F 10 -12.51 -35.84 19.41
N ALA F 11 -12.78 -36.39 20.61
CA ALA F 11 -13.69 -37.56 20.79
C ALA F 11 -15.08 -37.30 20.20
N MET F 12 -15.65 -36.12 20.40
CA MET F 12 -17.07 -35.80 20.12
C MET F 12 -17.31 -36.00 18.61
N LEU F 13 -16.27 -35.92 17.78
CA LEU F 13 -16.40 -35.90 16.31
C LEU F 13 -16.26 -37.32 15.72
N ASP F 14 -15.95 -38.36 16.52
CA ASP F 14 -15.96 -39.81 16.09
C ASP F 14 -15.11 -39.95 14.81
N GLY F 15 -14.03 -39.16 14.72
CA GLY F 15 -13.09 -39.17 13.58
C GLY F 15 -13.60 -38.40 12.35
N ALA F 16 -14.58 -37.54 12.49
CA ALA F 16 -15.05 -36.74 11.33
C ALA F 16 -13.89 -35.86 10.76
N THR F 17 -13.69 -35.81 9.44
CA THR F 17 -12.62 -35.00 8.77
C THR F 17 -13.20 -33.90 7.85
N LEU F 18 -14.51 -33.87 7.71
CA LEU F 18 -15.26 -32.90 6.86
C LEU F 18 -16.28 -32.15 7.73
N ALA F 19 -16.32 -30.80 7.56
CA ALA F 19 -17.30 -29.90 8.21
C ALA F 19 -18.20 -29.30 7.13
N ILE F 20 -19.42 -29.08 7.51
CA ILE F 20 -20.40 -28.25 6.74
C ILE F 20 -20.51 -27.03 7.61
N VAL F 21 -20.01 -25.92 7.11
CA VAL F 21 -19.86 -24.65 7.85
C VAL F 21 -20.78 -23.59 7.24
N PRO F 22 -22.05 -23.53 7.72
CA PRO F 22 -22.98 -22.44 7.41
C PRO F 22 -22.70 -21.28 8.37
N GLY F 23 -23.32 -20.13 8.14
CA GLY F 23 -23.04 -18.93 8.94
C GLY F 23 -23.92 -18.94 10.16
N ASP F 24 -25.17 -19.37 9.99
CA ASP F 24 -26.22 -19.12 10.99
C ASP F 24 -26.29 -20.31 11.94
N PRO F 25 -26.04 -20.13 13.26
CA PRO F 25 -26.31 -21.17 14.27
C PRO F 25 -27.65 -21.92 14.18
N GLU F 26 -28.73 -21.26 13.71
CA GLU F 26 -30.13 -21.76 13.89
C GLU F 26 -30.46 -22.66 12.71
N ARG F 27 -29.49 -22.81 11.81
CA ARG F 27 -29.57 -23.64 10.61
C ARG F 27 -28.82 -24.95 10.90
N VAL F 28 -27.92 -24.98 11.89
CA VAL F 28 -27.05 -26.18 12.00
C VAL F 28 -27.90 -27.43 12.07
N LYS F 29 -28.71 -27.53 13.13
CA LYS F 29 -29.45 -28.75 13.54
C LYS F 29 -30.14 -29.29 12.31
N ARG F 30 -30.89 -28.45 11.60
CA ARG F 30 -31.76 -28.94 10.52
C ARG F 30 -30.93 -29.33 9.29
N ILE F 31 -29.68 -28.86 9.16
CA ILE F 31 -28.73 -29.36 8.12
C ILE F 31 -28.29 -30.77 8.54
N ALA F 32 -28.03 -30.97 9.84
CA ALA F 32 -27.52 -32.24 10.41
C ALA F 32 -28.54 -33.38 10.30
N GLU F 33 -29.85 -33.04 10.25
CA GLU F 33 -31.03 -33.99 10.23
C GLU F 33 -31.35 -34.43 8.81
N LEU F 34 -30.62 -33.88 7.83
CA LEU F 34 -30.60 -34.39 6.46
C LEU F 34 -29.75 -35.66 6.40
N MET F 35 -28.86 -35.86 7.38
CA MET F 35 -28.01 -37.06 7.47
C MET F 35 -28.53 -37.99 8.58
N ASP F 36 -27.81 -39.08 8.84
CA ASP F 36 -28.21 -40.11 9.84
C ASP F 36 -27.78 -39.66 11.23
N ASN F 37 -28.55 -39.95 12.27
CA ASN F 37 -28.00 -40.05 13.64
C ASN F 37 -27.50 -38.67 14.09
N ALA F 38 -28.22 -37.62 13.68
CA ALA F 38 -27.86 -36.21 13.99
C ALA F 38 -27.84 -36.01 15.50
N THR F 39 -26.71 -35.52 16.04
CA THR F 39 -26.48 -35.32 17.50
C THR F 39 -25.96 -33.91 17.78
N PHE F 40 -26.61 -33.21 18.71
CA PHE F 40 -26.11 -31.97 19.34
C PHE F 40 -24.74 -32.26 19.96
N LEU F 41 -23.74 -31.41 19.67
CA LEU F 41 -22.38 -31.48 20.25
C LEU F 41 -22.23 -30.36 21.27
N ALA F 42 -22.14 -29.11 20.82
CA ALA F 42 -21.95 -27.98 21.75
C ALA F 42 -22.72 -26.77 21.22
N SER F 43 -22.92 -25.76 22.07
CA SER F 43 -23.44 -24.44 21.63
C SER F 43 -22.70 -23.38 22.44
N HIS F 44 -21.80 -22.64 21.80
CA HIS F 44 -21.10 -21.47 22.40
C HIS F 44 -21.04 -20.29 21.47
N ARG F 45 -21.23 -19.08 22.01
CA ARG F 45 -21.26 -17.84 21.19
C ARG F 45 -22.01 -18.24 19.90
N GLU F 46 -21.51 -17.86 18.71
CA GLU F 46 -22.15 -18.16 17.37
C GLU F 46 -21.85 -19.58 16.87
N TYR F 47 -21.12 -20.41 17.65
CA TYR F 47 -20.68 -21.76 17.27
C TYR F 47 -21.60 -22.89 17.81
N THR F 48 -22.57 -23.35 17.03
CA THR F 48 -23.46 -24.49 17.31
C THR F 48 -22.97 -25.67 16.48
N SER F 49 -22.48 -26.72 17.17
CA SER F 49 -21.91 -27.89 16.46
C SER F 49 -22.87 -29.06 16.57
N TYR F 50 -22.99 -29.82 15.49
CA TYR F 50 -23.73 -31.07 15.36
C TYR F 50 -22.83 -32.13 14.72
N LEU F 51 -23.07 -33.39 15.05
CA LEU F 51 -22.51 -34.49 14.27
C LEU F 51 -23.65 -35.18 13.57
N ALA F 52 -23.46 -35.60 12.34
CA ALA F 52 -24.36 -36.64 11.78
C ALA F 52 -23.58 -37.57 10.84
N TYR F 53 -24.25 -38.50 10.15
CA TYR F 53 -23.51 -39.52 9.38
C TYR F 53 -24.03 -39.59 7.95
N ALA F 54 -23.11 -39.37 6.99
CA ALA F 54 -23.24 -39.54 5.53
C ALA F 54 -22.80 -40.94 5.12
N ASP F 55 -23.76 -41.82 4.89
CA ASP F 55 -23.54 -43.15 4.29
C ASP F 55 -22.51 -43.82 5.21
N GLY F 56 -22.65 -43.59 6.53
CA GLY F 56 -21.96 -44.33 7.60
C GLY F 56 -20.74 -43.63 8.17
N LYS F 57 -20.34 -42.47 7.62
CA LYS F 57 -19.14 -41.71 8.07
C LYS F 57 -19.59 -40.41 8.71
N PRO F 58 -18.87 -39.97 9.74
CA PRO F 58 -19.30 -38.78 10.48
C PRO F 58 -18.88 -37.52 9.74
N VAL F 59 -19.82 -36.58 9.73
CA VAL F 59 -19.65 -35.22 9.18
C VAL F 59 -19.97 -34.23 10.32
N VAL F 60 -19.14 -33.22 10.57
CA VAL F 60 -19.45 -32.23 11.65
C VAL F 60 -20.21 -31.08 10.96
N ILE F 61 -21.18 -30.51 11.61
CA ILE F 61 -21.98 -29.38 11.05
C ILE F 61 -21.81 -28.30 12.09
N CYS F 62 -21.11 -27.25 11.70
CA CYS F 62 -20.69 -26.21 12.67
C CYS F 62 -20.91 -24.84 12.06
N SER F 63 -21.60 -23.95 12.77
CA SER F 63 -21.83 -22.58 12.26
C SER F 63 -20.58 -21.73 12.54
N THR F 64 -20.46 -20.62 11.84
CA THR F 64 -19.22 -19.81 11.81
C THR F 64 -19.50 -18.44 12.40
N GLY F 65 -20.77 -18.04 12.40
CA GLY F 65 -21.07 -16.61 12.50
C GLY F 65 -20.88 -15.94 11.17
N ILE F 66 -21.26 -14.69 11.09
CA ILE F 66 -20.97 -13.81 9.94
C ILE F 66 -19.53 -13.32 10.07
N GLY F 67 -18.77 -13.48 8.99
CA GLY F 67 -17.60 -12.72 8.66
C GLY F 67 -16.32 -13.48 9.01
N GLY F 68 -15.22 -13.18 8.29
CA GLY F 68 -13.98 -14.01 8.32
C GLY F 68 -13.32 -14.14 9.67
N PRO F 69 -13.36 -13.14 10.61
CA PRO F 69 -12.86 -13.39 11.97
C PRO F 69 -13.48 -14.62 12.70
N SER F 70 -14.79 -14.74 12.71
CA SER F 70 -15.46 -15.80 13.52
C SER F 70 -15.30 -17.11 12.74
N THR F 71 -15.39 -17.04 11.42
CA THR F 71 -15.04 -18.15 10.47
C THR F 71 -13.65 -18.71 10.81
N SER F 72 -12.64 -17.83 10.94
CA SER F 72 -11.20 -18.15 11.10
C SER F 72 -10.98 -18.97 12.35
N ILE F 73 -11.72 -18.63 13.42
CA ILE F 73 -11.71 -19.35 14.73
C ILE F 73 -12.29 -20.76 14.54
N ALA F 74 -13.47 -20.88 13.96
CA ALA F 74 -14.18 -22.15 13.72
C ALA F 74 -13.32 -23.13 12.91
N VAL F 75 -12.77 -22.63 11.80
CA VAL F 75 -11.97 -23.44 10.86
C VAL F 75 -10.74 -23.89 11.65
N GLU F 76 -9.97 -22.97 12.25
CA GLU F 76 -8.76 -23.39 13.02
C GLU F 76 -9.15 -24.46 14.06
N GLU F 77 -10.23 -24.28 14.84
CA GLU F 77 -10.53 -25.11 16.04
C GLU F 77 -11.04 -26.49 15.61
N LEU F 78 -11.86 -26.53 14.56
CA LEU F 78 -12.25 -27.79 13.88
C LEU F 78 -11.00 -28.51 13.37
N ALA F 79 -10.08 -27.82 12.66
CA ALA F 79 -8.84 -28.44 12.16
C ALA F 79 -8.06 -28.99 13.36
N GLN F 80 -8.06 -28.32 14.54
CA GLN F 80 -7.25 -28.83 15.70
C GLN F 80 -7.83 -30.21 16.06
N LEU F 81 -9.00 -30.46 15.56
CA LEU F 81 -9.79 -31.69 15.92
C LEU F 81 -9.81 -32.67 14.74
N GLY F 82 -8.96 -32.48 13.71
CA GLY F 82 -8.73 -33.37 12.58
C GLY F 82 -9.60 -33.03 11.41
N VAL F 83 -10.38 -31.95 11.42
CA VAL F 83 -11.15 -31.56 10.19
C VAL F 83 -10.15 -31.01 9.14
N ASN F 84 -10.19 -31.55 7.91
CA ASN F 84 -9.34 -31.14 6.78
C ASN F 84 -10.13 -30.61 5.56
N THR F 85 -11.43 -30.43 5.72
CA THR F 85 -12.37 -30.19 4.58
C THR F 85 -13.50 -29.36 5.11
N PHE F 86 -13.75 -28.20 4.49
CA PHE F 86 -14.72 -27.19 4.96
C PHE F 86 -15.65 -26.83 3.78
N LEU F 87 -16.89 -27.34 3.82
CA LEU F 87 -17.96 -27.07 2.82
C LEU F 87 -18.88 -25.98 3.37
N ARG F 88 -18.81 -24.80 2.78
CA ARG F 88 -19.70 -23.69 3.15
C ARG F 88 -20.94 -23.72 2.30
N VAL F 89 -22.08 -23.55 2.96
CA VAL F 89 -23.36 -23.33 2.22
C VAL F 89 -24.06 -22.13 2.79
N GLY F 90 -24.98 -21.53 2.02
CA GLY F 90 -25.51 -20.30 2.54
C GLY F 90 -26.49 -19.83 1.52
N SER F 91 -26.98 -18.63 1.67
CA SER F 91 -27.81 -17.89 0.67
C SER F 91 -27.11 -16.57 0.35
N THR F 92 -27.41 -16.01 -0.80
CA THR F 92 -26.71 -14.82 -1.27
C THR F 92 -27.68 -14.02 -2.12
N GLY F 93 -27.39 -12.76 -2.34
CA GLY F 93 -27.95 -12.05 -3.50
C GLY F 93 -27.02 -12.20 -4.67
N ALA F 94 -27.34 -11.55 -5.77
CA ALA F 94 -26.42 -11.44 -6.94
C ALA F 94 -26.36 -10.01 -7.47
N ILE F 95 -25.25 -9.68 -8.15
CA ILE F 95 -25.03 -8.35 -8.78
C ILE F 95 -24.95 -8.47 -10.31
N GLN F 96 -25.38 -9.59 -10.91
CA GLN F 96 -25.42 -9.76 -12.39
C GLN F 96 -26.86 -10.00 -12.80
N PRO F 97 -27.31 -9.41 -13.93
CA PRO F 97 -28.73 -9.39 -14.25
C PRO F 97 -29.18 -10.78 -14.73
N HIS F 98 -28.24 -11.61 -15.21
CA HIS F 98 -28.52 -12.99 -15.67
C HIS F 98 -28.56 -13.97 -14.50
N VAL F 99 -28.28 -13.55 -13.26
CA VAL F 99 -28.32 -14.47 -12.08
C VAL F 99 -29.64 -14.25 -11.34
N ASN F 100 -30.67 -15.07 -11.65
CA ASN F 100 -32.06 -14.97 -11.10
C ASN F 100 -32.18 -15.63 -9.74
N VAL F 101 -33.14 -15.12 -8.95
CA VAL F 101 -33.51 -15.72 -7.64
C VAL F 101 -33.83 -17.19 -7.92
N GLY F 102 -33.33 -18.14 -7.12
CA GLY F 102 -33.54 -19.57 -7.40
C GLY F 102 -32.31 -20.19 -8.02
N ASP F 103 -31.33 -19.38 -8.39
CA ASP F 103 -30.12 -19.86 -9.13
C ASP F 103 -29.22 -20.33 -7.98
N VAL F 104 -28.23 -21.11 -8.32
CA VAL F 104 -27.16 -21.46 -7.34
C VAL F 104 -25.85 -20.90 -7.90
N ILE F 105 -25.01 -20.32 -7.01
CA ILE F 105 -23.60 -20.02 -7.27
C ILE F 105 -22.69 -20.99 -6.52
N VAL F 106 -21.80 -21.61 -7.25
CA VAL F 106 -20.53 -22.22 -6.67
C VAL F 106 -19.43 -21.18 -6.87
N THR F 107 -18.90 -20.67 -5.78
CA THR F 107 -17.79 -19.69 -5.80
C THR F 107 -16.44 -20.41 -6.01
N GLN F 108 -15.81 -20.28 -7.17
CA GLN F 108 -14.46 -20.87 -7.41
C GLN F 108 -13.33 -20.06 -6.71
N ALA F 109 -13.45 -18.77 -6.56
CA ALA F 109 -12.39 -17.92 -5.94
C ALA F 109 -13.02 -16.60 -5.53
N SER F 110 -12.36 -15.78 -4.70
CA SER F 110 -13.08 -14.57 -4.17
C SER F 110 -12.26 -13.27 -4.23
N VAL F 111 -12.87 -12.14 -4.57
CA VAL F 111 -12.24 -10.83 -4.30
C VAL F 111 -12.02 -10.67 -2.77
N ARG F 112 -10.81 -10.29 -2.35
CA ARG F 112 -10.45 -10.26 -0.93
C ARG F 112 -10.79 -8.88 -0.39
N LEU F 113 -12.08 -8.64 -0.14
CA LEU F 113 -12.53 -7.43 0.58
C LEU F 113 -12.60 -7.66 2.08
N ASP F 114 -11.71 -8.58 2.57
CA ASP F 114 -11.70 -8.83 4.02
C ASP F 114 -10.31 -8.44 4.61
N GLY F 115 -10.24 -8.39 5.92
CA GLY F 115 -9.01 -8.31 6.70
C GLY F 115 -8.45 -9.68 7.03
N ALA F 116 -9.25 -10.70 7.39
CA ALA F 116 -8.59 -11.91 8.02
C ALA F 116 -7.78 -12.76 7.02
N SER F 117 -8.19 -12.80 5.76
CA SER F 117 -7.40 -13.43 4.69
C SER F 117 -5.94 -12.92 4.77
N LEU F 118 -5.68 -11.65 5.11
CA LEU F 118 -4.33 -11.02 5.15
C LEU F 118 -3.55 -11.55 6.35
N HIS F 119 -4.24 -12.29 7.23
CA HIS F 119 -3.61 -12.92 8.44
C HIS F 119 -3.07 -14.30 8.07
N PHE F 120 -3.30 -14.76 6.84
CA PHE F 120 -2.79 -16.05 6.33
C PHE F 120 -1.88 -15.88 5.12
N ALA F 121 -2.13 -14.89 4.24
CA ALA F 121 -1.20 -14.59 3.13
C ALA F 121 -1.28 -13.12 2.75
N PRO F 122 -0.21 -12.56 2.11
CA PRO F 122 -0.29 -11.24 1.49
C PRO F 122 -1.39 -11.23 0.44
N MET F 123 -1.86 -10.03 0.15
CA MET F 123 -2.97 -9.86 -0.84
C MET F 123 -2.71 -10.52 -2.21
N GLU F 124 -1.45 -10.71 -2.68
CA GLU F 124 -1.15 -11.36 -3.99
C GLU F 124 -1.69 -12.79 -4.05
N PHE F 125 -1.86 -13.43 -2.89
CA PHE F 125 -2.27 -14.85 -2.87
C PHE F 125 -3.73 -14.94 -3.30
N PRO F 126 -4.08 -15.86 -4.20
CA PRO F 126 -5.51 -15.98 -4.55
C PRO F 126 -6.34 -16.76 -3.51
N ALA F 127 -7.52 -16.24 -3.30
CA ALA F 127 -8.55 -16.71 -2.35
C ALA F 127 -9.32 -17.73 -3.14
N VAL F 128 -8.68 -18.86 -3.38
CA VAL F 128 -9.12 -19.89 -4.36
C VAL F 128 -9.62 -21.13 -3.62
N ALA F 129 -10.74 -21.69 -4.09
CA ALA F 129 -11.46 -22.83 -3.46
C ALA F 129 -10.72 -24.11 -3.88
N ASN F 130 -10.93 -25.24 -3.23
CA ASN F 130 -10.25 -26.48 -3.63
C ASN F 130 -10.94 -26.95 -4.89
N PHE F 131 -10.13 -27.29 -5.91
CA PHE F 131 -10.58 -27.78 -7.23
C PHE F 131 -11.45 -29.01 -7.05
N GLU F 132 -10.98 -30.02 -6.29
CA GLU F 132 -11.79 -31.22 -5.99
C GLU F 132 -13.15 -30.93 -5.33
N CYS F 133 -13.25 -30.06 -4.31
CA CYS F 133 -14.49 -29.85 -3.53
C CYS F 133 -15.40 -29.01 -4.44
N THR F 134 -14.79 -28.17 -5.28
CA THR F 134 -15.55 -27.26 -6.19
C THR F 134 -16.25 -28.14 -7.24
N THR F 135 -15.56 -29.15 -7.70
CA THR F 135 -15.99 -30.09 -8.76
C THR F 135 -17.13 -30.89 -8.20
N ALA F 136 -17.00 -31.34 -6.95
CA ALA F 136 -18.03 -32.10 -6.22
C ALA F 136 -19.32 -31.26 -6.07
N MET F 137 -19.15 -30.01 -5.75
CA MET F 137 -20.25 -29.03 -5.57
C MET F 137 -20.98 -28.89 -6.90
N VAL F 138 -20.25 -28.85 -8.01
CA VAL F 138 -20.82 -28.66 -9.37
C VAL F 138 -21.60 -29.93 -9.71
N ALA F 139 -21.01 -31.11 -9.52
CA ALA F 139 -21.61 -32.38 -9.92
C ALA F 139 -22.90 -32.62 -9.13
N ALA F 140 -22.93 -32.23 -7.86
CA ALA F 140 -24.13 -32.27 -6.98
C ALA F 140 -25.18 -31.29 -7.52
N CYS F 141 -24.77 -30.10 -7.95
CA CYS F 141 -25.75 -29.15 -8.56
C CYS F 141 -26.44 -29.91 -9.69
N ARG F 142 -25.64 -30.44 -10.59
CA ARG F 142 -26.08 -30.99 -11.89
C ARG F 142 -26.91 -32.24 -11.58
N ASP F 143 -26.48 -33.09 -10.65
CA ASP F 143 -27.26 -34.24 -10.12
C ASP F 143 -28.67 -33.77 -9.76
N ALA F 144 -28.78 -32.58 -9.16
CA ALA F 144 -30.08 -32.01 -8.70
C ALA F 144 -30.78 -31.30 -9.86
N GLY F 145 -30.28 -31.36 -11.10
CA GLY F 145 -30.89 -30.63 -12.24
C GLY F 145 -30.71 -29.12 -12.14
N VAL F 146 -29.61 -28.68 -11.52
CA VAL F 146 -29.18 -27.25 -11.49
C VAL F 146 -27.83 -27.08 -12.21
N GLU F 147 -27.78 -26.21 -13.22
CA GLU F 147 -26.52 -25.66 -13.79
C GLU F 147 -26.13 -24.39 -13.04
N PRO F 148 -25.12 -24.49 -12.17
CA PRO F 148 -24.77 -23.43 -11.24
C PRO F 148 -23.92 -22.41 -12.02
N HIS F 149 -23.99 -21.15 -11.63
CA HIS F 149 -23.04 -20.08 -11.98
C HIS F 149 -21.75 -20.42 -11.24
N ILE F 150 -20.65 -20.60 -11.97
CA ILE F 150 -19.32 -20.98 -11.37
C ILE F 150 -18.47 -19.74 -11.59
N GLY F 151 -18.07 -19.01 -10.57
CA GLY F 151 -17.25 -17.83 -10.87
C GLY F 151 -16.72 -17.18 -9.63
N VAL F 152 -16.45 -15.88 -9.75
CA VAL F 152 -15.84 -15.02 -8.72
C VAL F 152 -16.93 -14.32 -7.92
N THR F 153 -16.73 -14.39 -6.62
CA THR F 153 -17.56 -13.79 -5.56
C THR F 153 -16.81 -12.65 -4.86
N ALA F 154 -17.44 -11.51 -4.63
CA ALA F 154 -16.85 -10.46 -3.77
C ALA F 154 -17.15 -10.76 -2.28
N SER F 155 -16.12 -11.17 -1.51
CA SER F 155 -16.17 -11.48 -0.05
C SER F 155 -15.81 -10.25 0.80
N SER F 156 -16.83 -9.61 1.34
CA SER F 156 -16.75 -8.31 2.05
C SER F 156 -16.72 -8.45 3.59
N ASP F 157 -15.75 -7.83 4.28
CA ASP F 157 -15.82 -7.54 5.74
C ASP F 157 -17.12 -6.79 6.15
N THR F 158 -17.96 -6.20 5.29
CA THR F 158 -19.16 -5.47 5.80
C THR F 158 -20.37 -5.82 4.89
N PHE F 159 -21.54 -5.78 5.46
CA PHE F 159 -22.82 -5.98 4.74
C PHE F 159 -23.16 -4.73 3.92
N TYR F 160 -22.80 -3.55 4.45
CA TYR F 160 -23.33 -2.21 4.03
C TYR F 160 -22.32 -1.53 3.12
N PRO F 161 -21.34 -0.76 3.64
CA PRO F 161 -20.58 0.03 2.69
C PRO F 161 -19.71 -0.79 1.74
N GLY F 162 -19.12 -1.92 2.18
CA GLY F 162 -18.30 -2.83 1.36
C GLY F 162 -19.03 -3.45 0.16
N GLN F 163 -20.38 -3.42 0.17
CA GLN F 163 -21.39 -3.98 -0.77
C GLN F 163 -22.12 -2.77 -1.35
N GLU F 164 -21.51 -1.56 -1.12
CA GLU F 164 -21.87 -0.26 -1.69
C GLU F 164 -23.38 -0.13 -1.61
N ARG F 165 -23.84 -0.22 -0.36
CA ARG F 165 -25.20 0.10 0.07
C ARG F 165 -25.28 1.53 0.60
N TYR F 166 -26.21 2.32 0.02
CA TYR F 166 -26.46 3.67 0.49
C TYR F 166 -27.69 3.65 1.40
N ASP F 167 -28.38 2.50 1.60
CA ASP F 167 -29.59 2.41 2.48
C ASP F 167 -29.16 2.38 3.97
N THR F 168 -28.37 3.36 4.40
CA THR F 168 -27.81 3.39 5.77
C THR F 168 -28.08 4.70 6.47
N VAL F 169 -27.81 4.74 7.76
CA VAL F 169 -28.09 5.94 8.59
C VAL F 169 -27.46 7.15 7.88
N THR F 170 -26.16 7.06 7.58
CA THR F 170 -25.45 8.25 7.03
C THR F 170 -25.59 8.36 5.53
N GLY F 171 -25.95 7.26 4.84
CA GLY F 171 -26.04 7.20 3.36
C GLY F 171 -24.72 7.46 2.65
N ARG F 172 -23.62 7.19 3.35
CA ARG F 172 -22.24 7.45 2.88
C ARG F 172 -21.51 6.14 2.66
N VAL F 173 -20.80 6.07 1.55
CA VAL F 173 -19.86 4.97 1.21
C VAL F 173 -18.49 5.60 1.02
N THR F 174 -17.48 5.09 1.75
CA THR F 174 -16.11 5.60 1.67
C THR F 174 -15.58 5.44 0.25
N ARG F 175 -14.84 6.42 -0.18
CA ARG F 175 -14.15 6.45 -1.50
C ARG F 175 -13.72 5.07 -2.00
N ARG F 176 -12.87 4.30 -1.30
CA ARG F 176 -12.50 3.01 -1.87
C ARG F 176 -13.67 2.06 -2.24
N PHE F 177 -14.92 2.22 -1.73
CA PHE F 177 -16.05 1.33 -2.07
C PHE F 177 -17.03 2.18 -2.91
N ALA F 178 -16.79 3.47 -3.08
CA ALA F 178 -17.63 4.29 -4.04
C ALA F 178 -17.35 3.80 -5.46
N GLY F 179 -18.36 3.34 -6.19
CA GLY F 179 -18.19 2.85 -7.57
C GLY F 179 -17.88 1.38 -7.62
N SER F 180 -17.71 0.72 -6.46
CA SER F 180 -16.97 -0.55 -6.40
C SER F 180 -17.91 -1.64 -6.88
N MET F 181 -19.22 -1.49 -6.61
CA MET F 181 -20.18 -2.46 -7.19
C MET F 181 -20.06 -2.49 -8.72
N LYS F 182 -19.96 -1.36 -9.43
CA LYS F 182 -19.94 -1.40 -10.91
C LYS F 182 -18.63 -2.05 -11.39
N GLU F 183 -17.51 -1.71 -10.76
CA GLU F 183 -16.24 -2.41 -11.01
C GLU F 183 -16.42 -3.93 -10.96
N TRP F 184 -16.90 -4.49 -9.86
CA TRP F 184 -17.01 -5.99 -9.74
C TRP F 184 -17.99 -6.59 -10.74
N GLN F 185 -19.17 -5.98 -10.85
CA GLN F 185 -20.13 -6.30 -11.92
C GLN F 185 -19.41 -6.40 -13.28
N ASP F 186 -18.71 -5.36 -13.72
CA ASP F 186 -17.92 -5.30 -14.98
C ASP F 186 -16.86 -6.38 -15.11
N MET F 187 -16.18 -6.73 -14.03
CA MET F 187 -15.26 -7.88 -14.03
C MET F 187 -15.97 -9.24 -13.92
N GLY F 188 -17.25 -9.33 -14.18
CA GLY F 188 -17.97 -10.62 -14.07
C GLY F 188 -18.10 -11.21 -12.65
N VAL F 189 -17.89 -10.44 -11.57
CA VAL F 189 -18.22 -10.88 -10.18
C VAL F 189 -19.73 -11.16 -10.01
N LEU F 190 -20.04 -12.37 -9.57
CA LEU F 190 -21.43 -12.90 -9.51
C LEU F 190 -22.25 -12.36 -8.32
N ASN F 191 -21.67 -12.14 -7.16
CA ASN F 191 -22.43 -11.86 -5.92
C ASN F 191 -21.47 -11.28 -4.88
N TYR F 192 -22.05 -10.76 -3.79
CA TYR F 192 -21.36 -10.51 -2.50
C TYR F 192 -21.80 -11.52 -1.43
N GLU F 193 -20.83 -11.95 -0.61
CA GLU F 193 -21.05 -12.55 0.72
C GLU F 193 -19.91 -12.08 1.62
N MET F 194 -19.79 -12.64 2.83
CA MET F 194 -18.88 -11.99 3.78
C MET F 194 -17.90 -13.02 4.32
N GLU F 195 -17.84 -14.25 3.84
CA GLU F 195 -16.86 -15.23 4.48
C GLU F 195 -15.89 -15.94 3.54
N SER F 196 -16.15 -16.06 2.27
CA SER F 196 -15.50 -17.06 1.40
C SER F 196 -14.02 -16.69 1.23
N ALA F 197 -13.66 -15.39 1.29
CA ALA F 197 -12.27 -14.92 1.10
C ALA F 197 -11.48 -15.49 2.28
N THR F 198 -11.90 -15.21 3.52
CA THR F 198 -11.10 -15.74 4.71
C THR F 198 -11.01 -17.25 4.65
N LEU F 199 -12.17 -17.92 4.54
CA LEU F 199 -12.20 -19.40 4.51
C LEU F 199 -11.23 -19.88 3.41
N PHE F 200 -11.36 -19.36 2.20
CA PHE F 200 -10.52 -19.80 1.06
C PHE F 200 -9.03 -19.61 1.34
N THR F 201 -8.67 -18.41 1.78
CA THR F 201 -7.25 -18.06 1.89
C THR F 201 -6.70 -18.93 3.00
N MET F 202 -7.48 -19.11 4.05
CA MET F 202 -6.97 -19.80 5.26
C MET F 202 -6.80 -21.30 4.97
N CYS F 203 -7.68 -21.87 4.17
CA CYS F 203 -7.61 -23.34 3.88
C CYS F 203 -6.47 -23.60 2.86
N ALA F 204 -6.38 -22.81 1.79
CA ALA F 204 -5.28 -22.85 0.78
C ALA F 204 -3.90 -22.86 1.50
N THR F 205 -3.67 -21.88 2.35
CA THR F 205 -2.36 -21.56 2.99
C THR F 205 -2.03 -22.59 4.07
N GLN F 206 -3.05 -23.14 4.74
CA GLN F 206 -2.89 -24.14 5.83
C GLN F 206 -3.10 -25.59 5.34
N GLY F 207 -3.60 -25.80 4.13
CA GLY F 207 -3.49 -27.08 3.42
C GLY F 207 -4.76 -27.87 3.61
N TRP F 208 -5.86 -27.16 3.63
CA TRP F 208 -7.19 -27.76 3.90
C TRP F 208 -7.96 -27.49 2.65
N ARG F 209 -9.03 -28.26 2.47
CA ARG F 209 -9.88 -28.03 1.31
C ARG F 209 -11.12 -27.30 1.71
N ALA F 210 -11.58 -26.50 0.79
CA ALA F 210 -12.77 -25.70 1.05
C ALA F 210 -13.46 -25.53 -0.25
N ALA F 211 -14.74 -25.22 -0.10
CA ALA F 211 -15.62 -24.85 -1.23
C ALA F 211 -16.84 -24.12 -0.74
N CYS F 212 -17.69 -23.56 -1.65
CA CYS F 212 -18.76 -22.66 -1.19
C CYS F 212 -19.84 -22.67 -2.24
N VAL F 213 -20.99 -23.24 -1.85
CA VAL F 213 -22.24 -23.25 -2.66
C VAL F 213 -23.23 -22.27 -2.08
N ALA F 214 -24.11 -21.62 -2.91
CA ALA F 214 -24.97 -20.62 -2.30
C ALA F 214 -26.14 -20.44 -3.27
N GLY F 215 -27.33 -20.59 -2.71
CA GLY F 215 -28.58 -20.23 -3.43
C GLY F 215 -28.81 -18.73 -3.41
N VAL F 216 -29.32 -18.24 -4.54
CA VAL F 216 -29.64 -16.81 -4.78
C VAL F 216 -31.06 -16.57 -4.27
N ILE F 217 -31.24 -15.65 -3.34
CA ILE F 217 -32.60 -15.38 -2.78
C ILE F 217 -32.99 -13.93 -3.07
N VAL F 218 -32.04 -13.15 -3.61
CA VAL F 218 -32.30 -11.75 -4.01
C VAL F 218 -31.31 -11.31 -5.10
N ASN F 219 -31.73 -10.39 -5.96
CA ASN F 219 -30.78 -9.72 -6.88
C ASN F 219 -31.00 -8.22 -6.81
N ARG F 220 -30.08 -7.53 -6.13
CA ARG F 220 -29.92 -6.05 -6.04
C ARG F 220 -30.36 -5.37 -7.34
N THR F 221 -29.96 -5.91 -8.51
CA THR F 221 -30.02 -5.26 -9.87
C THR F 221 -31.47 -5.26 -10.38
N GLN F 222 -32.35 -6.09 -9.80
CA GLN F 222 -33.72 -6.41 -10.27
C GLN F 222 -34.73 -5.74 -9.32
N THR F 234 -35.33 -22.01 -2.30
CA THR F 234 -33.98 -22.14 -2.91
C THR F 234 -33.00 -22.42 -1.77
N GLU F 235 -33.38 -22.02 -0.53
CA GLU F 235 -32.57 -22.17 0.71
C GLU F 235 -32.26 -23.66 0.90
N VAL F 236 -33.28 -24.53 0.78
CA VAL F 236 -33.15 -26.00 0.99
C VAL F 236 -32.32 -26.64 -0.13
N SER F 237 -32.52 -26.19 -1.38
CA SER F 237 -31.79 -26.68 -2.58
C SER F 237 -30.29 -26.69 -2.26
N ALA F 238 -29.79 -25.53 -1.82
CA ALA F 238 -28.37 -25.25 -1.59
C ALA F 238 -27.90 -26.12 -0.42
N VAL F 239 -28.68 -26.26 0.64
CA VAL F 239 -28.40 -27.24 1.73
C VAL F 239 -28.45 -28.67 1.16
N SER F 240 -29.46 -28.99 0.36
CA SER F 240 -29.63 -30.32 -0.28
C SER F 240 -28.37 -30.64 -1.09
N ILE F 241 -27.85 -29.62 -1.80
CA ILE F 241 -26.70 -29.76 -2.73
C ILE F 241 -25.43 -30.01 -1.87
N VAL F 242 -25.20 -29.20 -0.83
CA VAL F 242 -23.94 -29.34 -0.03
C VAL F 242 -23.87 -30.76 0.54
N VAL F 243 -24.98 -31.32 1.01
CA VAL F 243 -25.01 -32.67 1.67
C VAL F 243 -24.62 -33.77 0.66
N ALA F 244 -25.14 -33.71 -0.57
CA ALA F 244 -24.72 -34.60 -1.67
C ALA F 244 -23.24 -34.37 -1.99
N ALA F 245 -22.74 -33.13 -1.95
CA ALA F 245 -21.32 -32.82 -2.22
C ALA F 245 -20.55 -33.61 -1.15
N ALA F 246 -20.92 -33.50 0.10
CA ALA F 246 -20.17 -34.13 1.22
C ALA F 246 -20.07 -35.64 0.96
N LYS F 247 -21.20 -36.29 0.64
CA LYS F 247 -21.21 -37.76 0.39
C LYS F 247 -20.31 -38.05 -0.82
N LYS F 248 -20.49 -37.29 -1.91
CA LYS F 248 -19.59 -37.40 -3.09
C LYS F 248 -18.16 -37.50 -2.52
N LEU F 249 -17.71 -36.50 -1.77
CA LEU F 249 -16.31 -36.40 -1.29
C LEU F 249 -15.95 -37.52 -0.32
N LEU F 250 -16.91 -38.09 0.42
CA LEU F 250 -16.58 -39.09 1.47
C LEU F 250 -16.80 -40.54 0.98
N ALA F 251 -17.63 -40.75 -0.02
CA ALA F 251 -17.77 -42.03 -0.77
C ALA F 251 -16.41 -42.75 -0.92
S SO4 G . 1.81 26.27 14.73
O1 SO4 G . 1.17 27.57 14.73
O2 SO4 G . 2.57 26.18 15.98
O3 SO4 G . 0.78 25.24 14.62
O4 SO4 G . 2.77 26.10 13.64
C1 GOL H . -2.47 24.11 8.95
O1 GOL H . -1.50 23.49 8.16
C2 GOL H . -3.11 25.18 8.11
O2 GOL H . -3.17 24.71 6.77
C3 GOL H . -4.47 25.54 8.62
O3 GOL H . -5.16 26.28 7.66
H11 GOL H . -2.06 24.51 9.75
H12 GOL H . -3.15 23.44 9.23
HO1 GOL H . -1.35 22.98 8.75
H2 GOL H . -2.54 25.98 8.15
HO2 GOL H . -4.08 24.67 6.72
H31 GOL H . -4.38 26.07 9.44
H32 GOL H . -4.97 24.72 8.81
HO3 GOL H . -5.12 27.10 7.88
N1 URA I . 5.20 1.70 -26.89
C2 URA I . 4.22 2.00 -25.97
O2 URA I . 4.14 1.54 -24.85
N3 URA I . 3.23 2.80 -26.44
C4 URA I . 3.14 3.35 -27.69
O4 URA I . 2.18 4.05 -27.87
C5 URA I . 4.23 3.05 -28.58
C6 URA I . 5.21 2.20 -28.18
HN1 URA I . 5.85 1.17 -26.63
HN3 URA I . 2.58 2.98 -25.88
H5 URA I . 4.22 3.38 -29.46
H6 URA I . 5.93 2.00 -28.75
S SO4 J . 10.35 -0.80 -28.50
O1 SO4 J . 10.45 -0.36 -27.16
O2 SO4 J . 11.65 -1.10 -29.04
O3 SO4 J . 9.72 0.26 -29.27
O4 SO4 J . 9.54 -2.02 -28.54
S SO4 K . 7.92 -0.14 -25.37
O1 SO4 K . 8.50 -0.06 -26.67
O2 SO4 K . 8.74 0.41 -24.38
O3 SO4 K . 7.56 -1.50 -25.04
O4 SO4 K . 6.72 0.63 -25.41
S SO4 L . -15.80 -11.22 24.71
O1 SO4 L . -14.98 -10.03 24.78
O2 SO4 L . -15.16 -12.27 25.48
O3 SO4 L . -17.13 -10.94 25.22
O4 SO4 L . -15.95 -11.63 23.34
C1 GOL M . -9.54 -11.72 21.94
O1 GOL M . -8.84 -11.87 20.71
C2 GOL M . -8.59 -11.32 23.03
O2 GOL M . -9.11 -10.11 23.59
C3 GOL M . -8.36 -12.38 24.09
O3 GOL M . -7.02 -12.91 24.06
H11 GOL M . -9.99 -12.57 22.16
H12 GOL M . -10.24 -11.03 21.83
HO1 GOL M . -9.33 -12.12 20.12
H2 GOL M . -7.73 -11.12 22.62
HO2 GOL M . -9.31 -10.27 24.41
H31 GOL M . -9.00 -13.13 23.94
H32 GOL M . -8.54 -12.00 24.97
HO3 GOL M . -6.55 -12.46 23.53
S SO4 N . 10.08 -7.53 6.68
O1 SO4 N . 9.84 -6.44 7.36
O2 SO4 N . 10.72 -7.44 5.44
O3 SO4 N . 8.98 -8.46 6.69
O4 SO4 N . 11.24 -8.30 7.52
S SO4 O . -9.67 7.23 -6.48
S SO4 O . -11.21 8.17 -7.35
O1 SO4 O . -10.57 7.60 -7.58
O1 SO4 O . -10.72 6.92 -7.88
O2 SO4 O . -8.76 8.32 -6.30
O2 SO4 O . -11.76 8.02 -6.05
O3 SO4 O . -10.46 7.10 -5.34
O3 SO4 O . -10.18 9.15 -7.25
O4 SO4 O . -9.04 6.01 -6.76
O4 SO4 O . -12.23 8.70 -8.35
S SO4 P . -26.52 -17.29 4.72
O1 SO4 P . -25.12 -17.59 4.98
O2 SO4 P . -26.63 -16.35 3.65
O3 SO4 P . -27.18 -18.52 4.34
O4 SO4 P . -27.13 -16.78 5.91
#